data_7L8B
#
_entry.id   7L8B
#
loop_
_entity.id
_entity.type
_entity.pdbx_description
1 polymer 'BG505 SOSIP MD39 - gp120'
2 polymer 'BG505 SOSIP MD39 - gp41'
3 polymer 'Rh.33104 pAbC-2 - Heavy Chain'
4 polymer 'Rh.33104 pAbC-2 - Light Chain'
5 branched 2-acetamido-2-deoxy-beta-D-glucopyranose-(1-4)-2-acetamido-2-deoxy-beta-D-glucopyranose
6 branched alpha-D-mannopyranose-(1-3)-[alpha-D-mannopyranose-(1-6)]beta-D-mannopyranose-(1-4)-2-acetamido-2-deoxy-beta-D-glucopyranose-(1-4)-2-acetamido-2-deoxy-beta-D-glucopyranose
7 non-polymer 2-acetamido-2-deoxy-beta-D-glucopyranose
#
loop_
_entity_poly.entity_id
_entity_poly.type
_entity_poly.pdbx_seq_one_letter_code
_entity_poly.pdbx_strand_id
1 'polypeptide(L)'
;NLWVTVYYGVPVWKDAETTLFCASDAKAYETEKHNVWATHACVPTDPNPQEIHLENVTEEFNMWKNNMVEQMHEDIISLW
DQSLKPCVKLTPLCVTLQCTNVTNNITDDMRGELKNCSFNMTTELRDKKQKVYSLFYRLDVVQINENQGNRSNNSNKEYR
LINCNTSAITQACPKVSFEPIPIHYCAPAGFAILKCKDKKFNGTGPCPSVSTVQCTHGIKPVVSTQLLLNGSLAEEEVII
RSENITNNAKNILVQLNTPVQINCTRPNNNTVKSIRIGPGQAFYYTGDIIGDIRQAHCNVSKATWNETLGKVVKQLRKHF
GNNTIIRFAQSSGGDLEVTTHSFNCGGEFFYCNTSGLFNSTWISNTSVQGSNSTGSNDSITLPCRIKQIINMWQRIGQAM
YAPPIQGVIRCVSNITGLILTRDGGSTNSTTETFRPGGGDMRDNWRSELYKYKVVKIEPLGVAPTRCKR
;
C,A,E
2 'polypeptide(L)'
;VSLGFLGAAGSTMGAASMTLTVQARNLLSGIVQQQSNLLRAPEPQQHLLKDTHWGIKQLQARVLAVEHYLRDQQLLGIWG
CSGKLICCTNVPWNSSWSNRNLSEIWDNMTWLQWDKEISNYTQIIYGLLEESQNQQEKNEQDLLALD
;
D,B,F
3 'polypeptide(L)'
;(UNK)(UNK)(UNK)(UNK)(UNK)(UNK)(UNK)(UNK)(UNK)(UNK)(UNK)(UNK)(UNK)(UNK)(UNK)(UNK)
(UNK)(UNK)(UNK)(UNK)(UNK)(UNK)(UNK)(UNK)(UNK)(UNK)(UNK)(UNK)(UNK)(UNK)(UNK)(UNK)
(UNK)(UNK)(UNK)(UNK)(UNK)(UNK)(UNK)(UNK)(UNK)(UNK)(UNK)(UNK)(UNK)(UNK)(UNK)(UNK)
(UNK)(UNK)(UNK)(UNK)(UNK)(UNK)(UNK)(UNK)(UNK)(UNK)(UNK)(UNK)(UNK)(UNK)(UNK)(UNK)
(UNK)(UNK)(UNK)(UNK)(UNK)(UNK)(UNK)(UNK)(UNK)(UNK)(UNK)(UNK)(UNK)(UNK)(UNK)(UNK)
(UNK)(UNK)(UNK)(UNK)(UNK)(UNK)(UNK)(UNK)(UNK)(UNK)(UNK)(UNK)(UNK)(UNK)(UNK)(UNK)
(UNK)(UNK)(UNK)(UNK)(UNK)(UNK)(UNK)(UNK)(UNK)(UNK)(UNK)(UNK)(UNK)(UNK)(UNK)(UNK)
(UNK)(UNK)(UNK)(UNK)(UNK)(UNK)
;
H
4 'polypeptide(L)'
;(UNK)(UNK)(UNK)(UNK)(UNK)(UNK)(UNK)(UNK)(UNK)(UNK)(UNK)(UNK)(UNK)(UNK)(UNK)(UNK)
(UNK)(UNK)(UNK)(UNK)(UNK)(UNK)(UNK)(UNK)(UNK)(UNK)(UNK)(UNK)(UNK)(UNK)(UNK)(UNK)
(UNK)(UNK)(UNK)(UNK)(UNK)(UNK)(UNK)(UNK)(UNK)(UNK)(UNK)(UNK)(UNK)(UNK)(UNK)(UNK)
(UNK)(UNK)(UNK)(UNK)(UNK)(UNK)(UNK)(UNK)(UNK)(UNK)(UNK)(UNK)(UNK)(UNK)(UNK)(UNK)
(UNK)(UNK)(UNK)(UNK)(UNK)(UNK)(UNK)(UNK)(UNK)(UNK)(UNK)(UNK)(UNK)(UNK)(UNK)(UNK)
(UNK)(UNK)(UNK)(UNK)(UNK)(UNK)(UNK)(UNK)(UNK)(UNK)(UNK)(UNK)(UNK)(UNK)(UNK)(UNK)
(UNK)(UNK)(UNK)(UNK)(UNK)(UNK)(UNK)(UNK)(UNK)(UNK)(UNK)(UNK)
;
L
#
loop_
_chem_comp.id
_chem_comp.type
_chem_comp.name
_chem_comp.formula
BMA D-saccharide, beta linking beta-D-mannopyranose 'C6 H12 O6'
MAN D-saccharide, alpha linking alpha-D-mannopyranose 'C6 H12 O6'
NAG D-saccharide, beta linking 2-acetamido-2-deoxy-beta-D-glucopyranose 'C8 H15 N O6'
#
# COMPACT_ATOMS: atom_id res chain seq x y z
N ASN A 1 -8.26 -34.36 43.61
CA ASN A 1 -7.50 -33.40 44.41
C ASN A 1 -6.51 -32.50 43.59
N LEU A 2 -6.60 -32.51 42.26
CA LEU A 2 -5.77 -31.75 41.33
C LEU A 2 -6.59 -30.67 40.68
N TRP A 3 -5.93 -29.63 40.25
CA TRP A 3 -6.54 -28.47 39.63
C TRP A 3 -5.99 -28.26 38.25
N VAL A 4 -6.78 -27.63 37.39
CA VAL A 4 -6.34 -27.33 36.05
C VAL A 4 -5.31 -26.22 36.10
N THR A 5 -4.17 -26.42 35.45
CA THR A 5 -3.17 -25.38 35.33
C THR A 5 -2.88 -25.10 33.87
N VAL A 6 -2.89 -23.83 33.55
CA VAL A 6 -2.70 -23.33 32.21
C VAL A 6 -1.25 -23.02 31.93
N TYR A 7 -0.78 -23.51 30.80
CA TYR A 7 0.57 -23.23 30.38
C TYR A 7 0.59 -22.58 29.01
N TYR A 8 1.50 -21.64 28.82
CA TYR A 8 1.69 -20.99 27.53
C TYR A 8 3.14 -21.08 27.12
N GLY A 9 3.36 -21.50 25.88
CA GLY A 9 4.70 -21.71 25.36
C GLY A 9 4.99 -23.21 25.31
N VAL A 10 3.96 -24.01 25.44
CA VAL A 10 4.11 -25.44 25.43
C VAL A 10 4.59 -25.93 24.06
N PRO A 11 5.64 -26.77 23.97
CA PRO A 11 6.24 -27.23 22.72
C PRO A 11 5.43 -28.30 22.00
N VAL A 12 4.28 -27.90 21.52
CA VAL A 12 3.31 -28.71 20.81
C VAL A 12 2.99 -28.18 19.45
N TRP A 13 2.82 -29.08 18.49
CA TRP A 13 2.47 -28.66 17.16
C TRP A 13 1.44 -29.56 16.53
N LYS A 14 0.76 -29.02 15.53
CA LYS A 14 -0.24 -29.74 14.77
C LYS A 14 0.00 -29.58 13.29
N ASP A 15 -0.36 -30.58 12.51
CA ASP A 15 -0.17 -30.48 11.08
C ASP A 15 -0.97 -29.32 10.56
N ALA A 16 -0.40 -28.55 9.63
CA ALA A 16 -1.17 -27.42 9.13
C ALA A 16 -0.79 -27.03 7.73
N GLU A 17 -1.70 -26.39 7.06
CA GLU A 17 -1.44 -25.87 5.74
C GLU A 17 -1.46 -24.36 5.78
N THR A 18 -0.33 -23.75 5.52
CA THR A 18 -0.24 -22.30 5.55
C THR A 18 0.51 -21.84 4.34
N THR A 19 0.67 -20.54 4.21
CA THR A 19 1.41 -19.97 3.10
C THR A 19 2.82 -19.68 3.50
N LEU A 20 3.75 -20.19 2.72
CA LEU A 20 5.16 -19.98 2.98
C LEU A 20 5.63 -18.82 2.12
N PHE A 21 6.72 -18.20 2.50
CA PHE A 21 7.25 -17.13 1.68
C PHE A 21 8.68 -17.48 1.30
N CYS A 22 9.22 -16.89 0.21
CA CYS A 22 10.59 -17.17 -0.24
C CYS A 22 11.59 -16.19 0.36
N ALA A 23 12.77 -16.69 0.55
CA ALA A 23 13.87 -15.90 1.04
C ALA A 23 14.99 -15.79 0.04
N SER A 24 15.46 -16.94 -0.45
CA SER A 24 16.63 -17.03 -1.36
C SER A 24 17.92 -16.51 -0.68
N ASP A 25 18.71 -15.67 -1.38
CA ASP A 25 19.97 -15.15 -0.82
C ASP A 25 20.26 -13.80 -1.48
N HIS A 34 20.11 -10.08 -15.80
CA HIS A 34 19.20 -10.50 -14.76
C HIS A 34 18.90 -12.01 -15.05
N ASN A 35 18.05 -12.66 -14.21
CA ASN A 35 17.70 -14.08 -14.31
C ASN A 35 16.25 -14.25 -13.91
N VAL A 36 15.57 -15.23 -14.46
CA VAL A 36 14.17 -15.40 -14.09
C VAL A 36 14.03 -15.63 -12.61
N TRP A 37 14.83 -16.52 -12.06
CA TRP A 37 14.69 -16.75 -10.65
C TRP A 37 15.37 -15.66 -9.88
N ALA A 38 16.29 -14.97 -10.55
CA ALA A 38 16.96 -13.89 -9.87
C ALA A 38 16.01 -12.71 -9.91
N THR A 39 15.32 -12.51 -8.79
CA THR A 39 14.35 -11.42 -8.65
C THR A 39 14.54 -10.80 -7.28
N HIS A 40 14.16 -9.53 -7.16
CA HIS A 40 14.31 -8.85 -5.89
C HIS A 40 13.00 -8.84 -5.08
N ALA A 41 12.21 -9.90 -5.18
CA ALA A 41 10.97 -9.88 -4.40
C ALA A 41 10.99 -10.83 -3.17
N CYS A 42 12.06 -11.64 -2.97
CA CYS A 42 12.28 -12.58 -1.86
C CYS A 42 13.07 -11.85 -0.77
N VAL A 43 12.99 -12.34 0.46
CA VAL A 43 13.74 -11.72 1.54
C VAL A 43 14.97 -12.55 1.91
N PRO A 44 16.19 -12.08 1.64
CA PRO A 44 17.41 -12.87 1.73
C PRO A 44 17.60 -13.41 3.10
N THR A 45 18.01 -14.67 3.19
CA THR A 45 18.19 -15.30 4.48
C THR A 45 19.59 -15.20 5.01
N ASP A 46 19.75 -15.72 6.22
CA ASP A 46 20.99 -15.74 6.94
C ASP A 46 22.03 -16.66 6.32
N PRO A 47 23.32 -16.33 6.40
CA PRO A 47 24.44 -17.15 6.01
C PRO A 47 24.64 -18.30 7.00
N ASN A 48 23.98 -18.17 8.15
CA ASN A 48 24.08 -19.10 9.25
C ASN A 48 22.69 -19.41 9.82
N PRO A 49 21.82 -20.13 9.08
CA PRO A 49 20.50 -20.54 9.50
C PRO A 49 20.69 -21.61 10.56
N GLN A 50 19.76 -21.75 11.48
CA GLN A 50 19.92 -22.77 12.50
C GLN A 50 19.04 -23.96 12.32
N GLU A 51 19.46 -25.06 12.91
CA GLU A 51 18.71 -26.30 12.93
C GLU A 51 18.78 -26.92 14.30
N ILE A 52 17.62 -27.30 14.83
CA ILE A 52 17.60 -27.90 16.15
C ILE A 52 17.18 -29.35 16.13
N HIS A 53 18.05 -30.22 16.57
CA HIS A 53 17.70 -31.63 16.56
C HIS A 53 16.71 -31.93 17.65
N LEU A 54 15.67 -32.73 17.35
CA LEU A 54 14.72 -33.09 18.36
C LEU A 54 14.99 -34.50 18.88
N GLU A 55 15.40 -34.61 20.12
CA GLU A 55 15.71 -35.91 20.68
C GLU A 55 14.42 -36.58 21.10
N ASN A 56 14.39 -37.93 21.08
CA ASN A 56 13.29 -38.78 21.58
C ASN A 56 11.91 -38.45 20.97
N VAL A 57 11.83 -38.15 19.66
CA VAL A 57 10.55 -37.91 18.95
C VAL A 57 10.57 -38.73 17.71
N THR A 58 9.39 -38.99 17.20
CA THR A 58 9.18 -39.62 15.91
C THR A 58 8.05 -38.85 15.32
N GLU A 59 8.05 -38.62 14.02
CA GLU A 59 6.92 -37.94 13.42
C GLU A 59 6.60 -38.56 12.09
N GLU A 60 5.36 -38.47 11.66
CA GLU A 60 5.00 -39.04 10.36
C GLU A 60 5.03 -38.02 9.24
N PHE A 61 5.68 -38.42 8.17
CA PHE A 61 5.80 -37.58 7.00
C PHE A 61 5.06 -38.23 5.86
N ASN A 62 4.50 -37.42 4.99
CA ASN A 62 3.86 -37.94 3.83
C ASN A 62 4.11 -36.99 2.70
N MET A 63 5.05 -37.34 1.87
CA MET A 63 5.49 -36.50 0.78
C MET A 63 4.47 -36.35 -0.32
N TRP A 64 3.49 -37.23 -0.34
CA TRP A 64 2.52 -37.17 -1.40
C TRP A 64 1.47 -36.16 -0.96
N LYS A 65 1.06 -36.26 0.28
CA LYS A 65 0.06 -35.34 0.82
C LYS A 65 0.78 -34.16 1.43
N ASN A 66 1.39 -33.33 0.60
CA ASN A 66 2.22 -32.24 1.11
C ASN A 66 2.06 -30.98 0.28
N ASN A 67 1.42 -29.97 0.84
CA ASN A 67 1.11 -28.79 0.06
C ASN A 67 2.28 -27.88 -0.22
N MET A 68 3.47 -28.23 0.26
CA MET A 68 4.63 -27.39 -0.05
C MET A 68 4.92 -27.55 -1.51
N VAL A 69 4.53 -28.71 -2.05
CA VAL A 69 4.76 -29.03 -3.44
C VAL A 69 3.90 -28.16 -4.28
N GLU A 70 2.66 -28.02 -3.87
CA GLU A 70 1.74 -27.25 -4.64
C GLU A 70 2.14 -25.79 -4.63
N GLN A 71 2.65 -25.30 -3.49
CA GLN A 71 3.06 -23.91 -3.54
C GLN A 71 4.25 -23.72 -4.44
N MET A 72 5.22 -24.62 -4.45
CA MET A 72 6.30 -24.31 -5.37
C MET A 72 5.79 -24.32 -6.78
N HIS A 73 4.90 -25.22 -7.10
CA HIS A 73 4.42 -25.30 -8.46
C HIS A 73 3.76 -23.98 -8.84
N GLU A 74 2.89 -23.47 -7.98
CA GLU A 74 2.20 -22.22 -8.27
C GLU A 74 3.13 -21.01 -8.31
N ASP A 75 4.11 -20.96 -7.42
CA ASP A 75 4.98 -19.82 -7.35
C ASP A 75 5.87 -19.76 -8.56
N ILE A 76 6.34 -20.91 -9.01
CA ILE A 76 7.21 -20.93 -10.14
C ILE A 76 6.49 -20.50 -11.37
N ILE A 77 5.26 -20.97 -11.57
CA ILE A 77 4.55 -20.55 -12.74
C ILE A 77 4.29 -19.06 -12.68
N SER A 78 3.90 -18.56 -11.51
CA SER A 78 3.63 -17.14 -11.40
C SER A 78 4.86 -16.30 -11.70
N LEU A 79 6.02 -16.70 -11.19
CA LEU A 79 7.24 -15.97 -11.43
C LEU A 79 7.59 -15.99 -12.90
N TRP A 80 7.32 -17.12 -13.52
CA TRP A 80 7.62 -17.29 -14.89
C TRP A 80 6.88 -16.27 -15.68
N ASP A 81 5.60 -16.14 -15.42
CA ASP A 81 4.79 -15.17 -16.11
C ASP A 81 5.19 -13.75 -15.79
N GLN A 82 5.60 -13.45 -14.58
CA GLN A 82 6.02 -12.07 -14.31
C GLN A 82 7.20 -11.70 -15.15
N SER A 83 8.10 -12.64 -15.34
CA SER A 83 9.27 -12.35 -16.14
C SER A 83 8.92 -12.05 -17.57
N LEU A 84 8.02 -12.83 -18.16
CA LEU A 84 7.67 -12.63 -19.56
C LEU A 84 6.66 -11.53 -19.83
N LYS A 85 5.83 -11.22 -18.85
CA LYS A 85 4.80 -10.21 -19.02
C LYS A 85 5.25 -8.91 -19.70
N PRO A 86 6.35 -8.23 -19.30
CA PRO A 86 6.82 -6.99 -19.90
C PRO A 86 7.69 -7.07 -21.17
N CYS A 87 7.87 -8.28 -21.77
CA CYS A 87 8.75 -8.50 -22.90
C CYS A 87 8.01 -8.28 -24.23
N VAL A 88 8.77 -8.20 -25.32
CA VAL A 88 8.24 -7.95 -26.65
C VAL A 88 7.27 -9.00 -27.16
N LYS A 89 6.13 -8.55 -27.66
CA LYS A 89 5.14 -9.48 -28.20
C LYS A 89 5.53 -9.76 -29.62
N LEU A 90 5.37 -10.99 -30.09
CA LEU A 90 5.75 -11.31 -31.44
C LEU A 90 4.63 -11.60 -32.41
N THR A 91 3.46 -11.06 -32.16
CA THR A 91 2.33 -11.31 -33.05
C THR A 91 2.65 -11.22 -34.56
N PRO A 92 3.41 -10.22 -35.08
CA PRO A 92 3.73 -10.04 -36.48
C PRO A 92 4.42 -11.24 -37.12
N LEU A 93 4.96 -12.15 -36.34
CA LEU A 93 5.62 -13.28 -36.97
C LEU A 93 4.68 -14.32 -37.59
N CYS A 94 3.34 -14.20 -37.39
CA CYS A 94 2.33 -15.11 -37.92
C CYS A 94 2.08 -14.89 -39.40
N VAL A 95 2.85 -14.06 -40.04
CA VAL A 95 2.76 -13.97 -41.48
C VAL A 95 3.13 -15.30 -42.10
N THR A 96 2.79 -15.49 -43.35
CA THR A 96 3.11 -16.74 -44.03
C THR A 96 4.59 -16.79 -44.34
N LEU A 97 5.23 -17.92 -44.09
CA LEU A 97 6.64 -18.08 -44.34
C LEU A 97 6.91 -18.84 -45.63
N GLN A 98 7.89 -18.40 -46.40
CA GLN A 98 8.32 -19.13 -47.61
C GLN A 98 9.58 -19.91 -47.21
N CYS A 99 9.58 -21.29 -47.23
CA CYS A 99 10.71 -22.06 -46.66
C CYS A 99 11.24 -23.18 -47.57
N THR A 100 12.57 -23.32 -47.52
CA THR A 100 13.33 -24.42 -48.14
C THR A 100 14.32 -24.98 -47.11
N ASN A 101 14.95 -26.17 -47.35
CA ASN A 101 15.90 -26.82 -46.44
C ASN A 101 17.30 -26.18 -46.51
N VAL A 102 18.04 -26.17 -45.37
CA VAL A 102 19.44 -25.73 -45.32
C VAL A 102 20.33 -26.95 -45.46
N THR A 103 20.93 -27.09 -46.62
CA THR A 103 21.72 -28.26 -46.94
C THR A 103 23.16 -27.90 -47.25
N ASN A 104 23.54 -26.68 -46.88
CA ASN A 104 24.85 -26.12 -47.19
C ASN A 104 26.07 -27.04 -46.90
N ASN A 105 26.12 -27.60 -45.68
CA ASN A 105 27.10 -28.56 -45.19
C ASN A 105 26.38 -29.39 -44.12
N ILE A 106 25.44 -30.24 -44.56
CA ILE A 106 24.53 -30.94 -43.65
C ILE A 106 24.93 -32.37 -43.47
N THR A 107 25.04 -32.79 -42.22
CA THR A 107 25.31 -34.18 -41.95
C THR A 107 24.04 -34.95 -42.25
N ASP A 108 24.13 -36.21 -42.60
CA ASP A 108 22.90 -36.94 -42.91
C ASP A 108 21.92 -36.97 -41.75
N ASP A 109 22.42 -37.03 -40.54
CA ASP A 109 21.61 -37.11 -39.33
C ASP A 109 20.72 -35.89 -39.14
N MET A 110 21.10 -34.77 -39.73
CA MET A 110 20.37 -33.52 -39.65
C MET A 110 19.73 -33.15 -40.94
N ARG A 111 19.65 -34.06 -41.90
CA ARG A 111 19.08 -33.68 -43.16
C ARG A 111 17.64 -33.35 -42.92
N GLY A 112 17.19 -32.24 -43.48
CA GLY A 112 15.86 -31.78 -43.17
C GLY A 112 16.10 -31.07 -41.86
N GLU A 113 15.13 -31.01 -40.97
CA GLU A 113 15.26 -30.34 -39.66
C GLU A 113 15.49 -28.83 -39.61
N LEU A 114 16.49 -28.32 -40.28
CA LEU A 114 16.74 -26.90 -40.27
C LEU A 114 16.26 -26.28 -41.56
N LYS A 115 15.41 -25.28 -41.46
CA LYS A 115 14.86 -24.62 -42.64
C LYS A 115 15.26 -23.14 -42.75
N ASN A 116 15.41 -22.66 -44.01
CA ASN A 116 15.67 -21.29 -44.40
C ASN A 116 14.36 -20.65 -44.87
N CYS A 117 13.79 -19.75 -44.04
CA CYS A 117 12.49 -19.12 -44.27
C CYS A 117 12.65 -17.63 -44.51
N SER A 118 11.74 -17.08 -45.29
CA SER A 118 11.72 -15.64 -45.45
C SER A 118 10.30 -15.13 -45.40
N PHE A 119 10.17 -13.91 -44.92
CA PHE A 119 8.86 -13.31 -44.78
C PHE A 119 8.83 -11.78 -44.74
N ASN A 120 7.62 -11.20 -44.96
CA ASN A 120 7.33 -9.78 -44.87
C ASN A 120 6.84 -9.40 -43.46
N MET A 121 7.65 -8.64 -42.70
CA MET A 121 7.38 -8.23 -41.31
C MET A 121 7.39 -6.73 -41.22
N THR A 122 6.69 -6.17 -40.26
CA THR A 122 6.63 -4.72 -40.11
C THR A 122 7.91 -4.15 -39.59
N THR A 123 8.07 -2.84 -39.73
CA THR A 123 9.24 -2.15 -39.18
C THR A 123 8.82 -1.03 -38.24
N GLU A 124 9.75 -0.13 -37.90
CA GLU A 124 9.48 0.91 -36.91
C GLU A 124 8.31 1.77 -37.31
N LEU A 125 8.17 2.08 -38.58
CA LEU A 125 7.07 2.92 -39.00
C LEU A 125 5.96 2.01 -39.47
N ARG A 126 4.73 2.41 -39.18
CA ARG A 126 3.54 1.67 -39.58
C ARG A 126 3.43 1.48 -41.08
N ASP A 127 3.90 2.47 -41.80
CA ASP A 127 3.85 2.50 -43.25
C ASP A 127 4.79 1.55 -43.96
N LYS A 128 5.85 1.10 -43.30
CA LYS A 128 6.82 0.32 -44.03
C LYS A 128 6.93 -1.12 -43.58
N LYS A 129 7.29 -1.96 -44.54
CA LYS A 129 7.50 -3.37 -44.31
C LYS A 129 8.93 -3.67 -44.68
N GLN A 130 9.46 -4.76 -44.14
CA GLN A 130 10.81 -5.19 -44.44
C GLN A 130 10.85 -6.69 -44.68
N LYS A 131 11.79 -7.13 -45.51
CA LYS A 131 11.93 -8.54 -45.74
C LYS A 131 13.06 -9.09 -44.92
N VAL A 132 12.78 -10.20 -44.27
CA VAL A 132 13.74 -10.88 -43.41
C VAL A 132 13.94 -12.34 -43.75
N TYR A 133 15.18 -12.79 -43.59
CA TYR A 133 15.51 -14.19 -43.72
C TYR A 133 15.86 -14.68 -42.35
N SER A 134 15.42 -15.86 -41.99
CA SER A 134 15.76 -16.44 -40.70
C SER A 134 15.74 -17.95 -40.72
N LEU A 135 16.42 -18.56 -39.77
CA LEU A 135 16.38 -20.00 -39.74
C LEU A 135 15.52 -20.53 -38.61
N PHE A 136 14.81 -21.60 -38.90
CA PHE A 136 13.95 -22.25 -37.93
C PHE A 136 14.14 -23.73 -37.85
N TYR A 137 13.87 -24.28 -36.69
CA TYR A 137 13.88 -25.73 -36.56
C TYR A 137 12.51 -26.24 -36.96
N ARG A 138 12.48 -27.43 -37.53
CA ARG A 138 11.24 -28.04 -37.99
C ARG A 138 10.19 -28.14 -36.91
N LEU A 139 10.58 -28.37 -35.68
CA LEU A 139 9.61 -28.54 -34.62
C LEU A 139 8.73 -27.31 -34.37
N ASP A 140 9.19 -26.13 -34.78
CA ASP A 140 8.48 -24.87 -34.57
C ASP A 140 7.63 -24.42 -35.75
N VAL A 141 7.73 -25.12 -36.88
CA VAL A 141 7.08 -24.67 -38.11
C VAL A 141 6.23 -25.75 -38.73
N VAL A 142 5.02 -25.39 -39.13
CA VAL A 142 4.14 -26.39 -39.75
C VAL A 142 3.70 -25.93 -41.12
N GLN A 143 3.23 -26.88 -41.93
CA GLN A 143 2.84 -26.61 -43.32
C GLN A 143 1.45 -26.06 -43.54
N ILE A 144 1.30 -25.04 -44.35
CA ILE A 144 -0.01 -24.47 -44.53
C ILE A 144 -1.07 -25.34 -45.18
N ASN A 145 -0.73 -26.01 -46.26
CA ASN A 145 -1.73 -26.80 -46.98
C ASN A 145 -1.72 -28.28 -46.65
N LYS A 157 5.21 -24.88 -50.24
CA LYS A 157 6.45 -24.26 -49.80
C LYS A 157 6.16 -23.28 -48.68
N GLU A 158 4.88 -23.04 -48.47
CA GLU A 158 4.26 -22.17 -47.45
C GLU A 158 4.02 -22.85 -46.13
N TYR A 159 4.56 -22.19 -45.11
CA TYR A 159 4.55 -22.61 -43.73
C TYR A 159 4.14 -21.50 -42.77
N ARG A 160 3.73 -21.87 -41.58
CA ARG A 160 3.41 -20.92 -40.52
C ARG A 160 4.01 -21.36 -39.23
N LEU A 161 4.12 -20.46 -38.27
CA LEU A 161 4.63 -20.92 -37.00
C LEU A 161 3.58 -21.80 -36.37
N ILE A 162 4.05 -22.81 -35.68
CA ILE A 162 3.20 -23.79 -35.06
C ILE A 162 2.18 -23.25 -34.09
N ASN A 163 2.46 -22.16 -33.41
CA ASN A 163 1.52 -21.61 -32.46
C ASN A 163 0.46 -20.61 -32.95
N CYS A 164 0.43 -20.21 -34.26
CA CYS A 164 -0.44 -19.11 -34.72
C CYS A 164 -1.92 -19.39 -34.74
N ASN A 165 -2.34 -20.62 -34.44
CA ASN A 165 -3.76 -20.91 -34.44
C ASN A 165 -4.32 -21.09 -33.03
N THR A 166 -3.46 -21.48 -32.12
CA THR A 166 -3.74 -21.71 -30.70
C THR A 166 -3.37 -20.57 -29.75
N SER A 167 -2.23 -19.92 -29.93
CA SER A 167 -1.81 -18.93 -28.95
C SER A 167 -0.96 -17.78 -29.44
N ALA A 168 -0.96 -16.71 -28.66
CA ALA A 168 -0.07 -15.60 -28.90
C ALA A 168 1.30 -15.99 -28.39
N ILE A 169 2.35 -15.44 -28.98
CA ILE A 169 3.66 -15.76 -28.48
C ILE A 169 4.44 -14.53 -28.07
N THR A 170 5.11 -14.64 -26.93
CA THR A 170 5.92 -13.57 -26.35
C THR A 170 7.41 -13.91 -26.39
N GLN A 171 8.26 -12.98 -26.79
CA GLN A 171 9.68 -13.23 -26.80
C GLN A 171 10.24 -13.11 -25.43
N ALA A 172 11.03 -14.05 -25.01
CA ALA A 172 11.65 -13.90 -23.71
C ALA A 172 12.63 -12.75 -23.82
N CYS A 173 12.79 -11.92 -22.76
CA CYS A 173 13.73 -10.80 -22.74
C CYS A 173 15.18 -11.35 -22.80
N PRO A 174 16.01 -10.87 -23.72
CA PRO A 174 17.36 -11.33 -23.98
C PRO A 174 18.30 -11.08 -22.82
N LYS A 175 17.90 -10.20 -21.93
CA LYS A 175 18.73 -9.88 -20.79
C LYS A 175 18.46 -10.77 -19.60
N VAL A 176 17.45 -11.64 -19.69
CA VAL A 176 17.09 -12.47 -18.55
C VAL A 176 17.39 -13.93 -18.81
N SER A 177 18.28 -14.51 -18.02
CA SER A 177 18.65 -15.91 -18.18
C SER A 177 17.81 -16.87 -17.37
N PHE A 178 17.60 -18.08 -17.88
CA PHE A 178 16.83 -19.07 -17.15
C PHE A 178 17.71 -19.88 -16.22
N GLU A 179 18.32 -19.18 -15.30
CA GLU A 179 19.24 -19.75 -14.33
C GLU A 179 18.49 -20.18 -13.07
N PRO A 180 18.48 -21.45 -12.70
CA PRO A 180 17.77 -21.98 -11.56
C PRO A 180 18.48 -21.69 -10.27
N ILE A 181 18.49 -20.43 -9.90
CA ILE A 181 19.14 -19.95 -8.70
C ILE A 181 18.40 -20.52 -7.50
N PRO A 182 19.07 -21.14 -6.51
CA PRO A 182 18.42 -21.74 -5.38
C PRO A 182 17.57 -20.79 -4.60
N ILE A 183 16.37 -21.23 -4.30
CA ILE A 183 15.47 -20.46 -3.49
C ILE A 183 15.12 -21.19 -2.22
N HIS A 184 15.36 -20.54 -1.12
CA HIS A 184 15.02 -21.10 0.18
C HIS A 184 13.59 -20.70 0.47
N TYR A 185 12.81 -21.61 1.08
CA TYR A 185 11.46 -21.32 1.58
C TYR A 185 11.48 -21.20 3.08
N CYS A 186 10.74 -20.22 3.64
CA CYS A 186 10.70 -19.95 5.07
C CYS A 186 9.29 -19.91 5.63
N ALA A 187 9.15 -20.44 6.83
CA ALA A 187 7.89 -20.44 7.53
C ALA A 187 7.54 -19.07 8.05
N PRO A 188 6.26 -18.70 8.12
CA PRO A 188 5.76 -17.51 8.72
C PRO A 188 5.89 -17.67 10.21
N ALA A 189 5.96 -16.59 10.94
CA ALA A 189 6.05 -16.73 12.37
C ALA A 189 4.84 -17.47 12.90
N GLY A 190 5.07 -18.34 13.87
CA GLY A 190 4.02 -19.15 14.48
C GLY A 190 4.00 -20.55 13.91
N PHE A 191 4.78 -20.76 12.86
CA PHE A 191 4.93 -22.03 12.16
C PHE A 191 6.37 -22.48 12.13
N ALA A 192 6.57 -23.76 11.91
CA ALA A 192 7.92 -24.30 11.83
C ALA A 192 7.98 -25.40 10.80
N ILE A 193 9.17 -25.64 10.25
CA ILE A 193 9.29 -26.72 9.30
C ILE A 193 10.06 -27.86 9.92
N LEU A 194 9.48 -29.04 9.92
CA LEU A 194 10.16 -30.17 10.48
C LEU A 194 10.85 -30.87 9.35
N LYS A 195 12.02 -31.40 9.60
CA LYS A 195 12.78 -32.08 8.59
C LYS A 195 13.18 -33.48 9.03
N CYS A 196 13.05 -34.46 8.12
CA CYS A 196 13.44 -35.85 8.35
C CYS A 196 14.90 -36.07 7.96
N LYS A 197 15.68 -36.50 8.94
CA LYS A 197 17.10 -36.75 8.79
C LYS A 197 17.42 -38.23 8.74
N ASP A 198 16.38 -39.04 8.69
CA ASP A 198 16.55 -40.47 8.70
C ASP A 198 16.97 -40.94 7.33
N LYS A 199 18.14 -41.52 7.23
CA LYS A 199 18.64 -41.93 5.94
C LYS A 199 17.81 -43.12 5.49
N LYS A 200 17.69 -43.26 4.18
CA LYS A 200 16.93 -44.36 3.57
C LYS A 200 15.45 -44.25 3.93
N PHE A 201 14.97 -43.02 4.00
CA PHE A 201 13.58 -42.78 4.28
C PHE A 201 12.82 -42.67 2.96
N ASN A 202 11.77 -43.49 2.80
CA ASN A 202 10.95 -43.55 1.58
C ASN A 202 10.01 -42.33 1.42
N GLY A 203 9.59 -41.68 2.54
CA GLY A 203 8.72 -40.49 2.54
C GLY A 203 7.25 -40.73 2.87
N THR A 204 6.86 -41.93 3.30
CA THR A 204 5.45 -42.11 3.62
C THR A 204 5.15 -42.54 5.06
N GLY A 205 6.16 -42.91 5.83
CA GLY A 205 5.92 -43.42 7.17
C GLY A 205 6.58 -42.55 8.23
N PRO A 206 6.69 -43.06 9.46
CA PRO A 206 7.30 -42.45 10.61
C PRO A 206 8.77 -42.25 10.32
N CYS A 207 9.35 -41.15 10.83
CA CYS A 207 10.73 -40.75 10.74
C CYS A 207 11.27 -40.56 12.17
N PRO A 208 12.12 -41.49 12.64
CA PRO A 208 12.79 -41.50 13.94
C PRO A 208 13.79 -40.38 14.19
N SER A 209 14.24 -39.69 13.15
CA SER A 209 15.23 -38.65 13.39
C SER A 209 14.77 -37.38 12.73
N VAL A 210 14.31 -36.45 13.55
CA VAL A 210 13.69 -35.23 13.08
C VAL A 210 14.33 -33.99 13.68
N SER A 211 14.45 -32.94 12.88
CA SER A 211 14.98 -31.68 13.36
C SER A 211 14.10 -30.53 12.90
N THR A 212 14.18 -29.42 13.59
CA THR A 212 13.38 -28.27 13.21
C THR A 212 14.19 -27.14 12.61
N VAL A 213 13.69 -26.62 11.50
CA VAL A 213 14.35 -25.50 10.86
C VAL A 213 13.36 -24.39 10.63
N GLN A 214 13.87 -23.19 10.42
CA GLN A 214 13.00 -22.08 10.05
C GLN A 214 12.81 -21.96 8.53
N CYS A 215 13.84 -22.37 7.74
CA CYS A 215 13.90 -22.29 6.30
C CYS A 215 14.45 -23.60 5.77
N THR A 216 14.06 -23.94 4.56
CA THR A 216 14.53 -25.11 3.85
C THR A 216 15.87 -24.80 3.27
N HIS A 217 16.54 -25.82 2.76
CA HIS A 217 17.80 -25.63 2.06
C HIS A 217 17.44 -24.91 0.78
N GLY A 218 18.40 -24.32 0.09
CA GLY A 218 17.94 -23.66 -1.11
C GLY A 218 17.61 -24.74 -2.10
N ILE A 219 16.52 -24.58 -2.82
CA ILE A 219 16.15 -25.54 -3.84
C ILE A 219 16.25 -24.95 -5.21
N LYS A 220 17.00 -25.62 -6.08
CA LYS A 220 17.11 -25.14 -7.44
C LYS A 220 15.88 -25.57 -8.20
N PRO A 221 15.10 -24.67 -8.81
CA PRO A 221 13.90 -24.97 -9.54
C PRO A 221 14.23 -25.47 -10.92
N VAL A 222 14.83 -26.63 -10.97
CA VAL A 222 15.29 -27.20 -12.23
C VAL A 222 14.16 -27.85 -12.98
N VAL A 223 14.08 -27.53 -14.26
CA VAL A 223 13.08 -28.10 -15.14
C VAL A 223 13.65 -29.23 -15.95
N SER A 224 13.05 -30.41 -15.85
CA SER A 224 13.49 -31.55 -16.65
C SER A 224 12.34 -32.54 -16.81
N THR A 225 12.40 -33.40 -17.84
CA THR A 225 11.32 -34.39 -17.98
C THR A 225 11.56 -35.88 -17.72
N GLN A 226 12.77 -36.43 -17.81
CA GLN A 226 12.83 -37.87 -17.50
C GLN A 226 13.82 -38.16 -16.42
N LEU A 227 14.94 -37.48 -16.50
CA LEU A 227 15.97 -37.66 -15.53
C LEU A 227 15.95 -36.41 -14.70
N LEU A 228 16.31 -36.52 -13.45
CA LEU A 228 16.34 -35.34 -12.62
C LEU A 228 17.73 -34.81 -12.56
N LEU A 229 17.86 -33.50 -12.71
CA LEU A 229 19.18 -32.92 -12.74
C LEU A 229 19.46 -31.94 -11.61
N ASN A 230 20.72 -31.97 -11.12
CA ASN A 230 21.36 -31.08 -10.15
C ASN A 230 20.62 -31.01 -8.79
N GLY A 231 19.89 -32.08 -8.41
CA GLY A 231 19.17 -32.18 -7.13
C GLY A 231 20.02 -32.83 -6.05
N SER A 232 19.39 -33.14 -4.95
CA SER A 232 20.07 -33.76 -3.83
C SER A 232 20.41 -35.19 -4.17
N LEU A 233 21.55 -35.65 -3.67
CA LEU A 233 22.01 -37.01 -3.89
C LEU A 233 21.79 -37.82 -2.61
N ALA A 234 21.32 -39.06 -2.75
CA ALA A 234 21.07 -39.93 -1.60
C ALA A 234 22.37 -40.29 -0.91
N GLU A 235 22.33 -40.33 0.42
CA GLU A 235 23.52 -40.64 1.21
C GLU A 235 24.11 -42.04 1.14
N GLU A 236 23.29 -43.09 1.11
CA GLU A 236 23.85 -44.44 1.17
C GLU A 236 23.40 -45.45 0.11
N GLU A 237 22.10 -45.57 -0.09
CA GLU A 237 21.53 -46.56 -0.99
C GLU A 237 20.60 -45.89 -1.95
N VAL A 238 20.33 -46.54 -3.08
CA VAL A 238 19.36 -45.97 -3.98
C VAL A 238 18.01 -46.07 -3.32
N ILE A 239 17.27 -45.00 -3.30
CA ILE A 239 15.98 -45.04 -2.65
C ILE A 239 14.89 -45.02 -3.67
N ILE A 240 14.06 -46.03 -3.63
CA ILE A 240 12.99 -46.13 -4.57
C ILE A 240 11.70 -45.90 -3.85
N ARG A 241 10.97 -44.87 -4.26
CA ARG A 241 9.74 -44.50 -3.60
C ARG A 241 8.60 -44.16 -4.56
N SER A 242 7.39 -44.38 -4.11
CA SER A 242 6.22 -43.99 -4.88
C SER A 242 5.06 -43.89 -3.96
N GLU A 243 3.98 -43.29 -4.41
CA GLU A 243 2.77 -43.26 -3.59
C GLU A 243 2.23 -44.67 -3.26
N ASN A 244 2.25 -45.59 -4.25
CA ASN A 244 1.78 -46.97 -4.19
C ASN A 244 2.49 -47.78 -5.29
N ILE A 245 3.43 -48.69 -4.93
CA ILE A 245 4.25 -49.49 -5.89
C ILE A 245 3.40 -50.39 -6.76
N THR A 246 2.37 -50.95 -6.16
CA THR A 246 1.44 -51.86 -6.78
C THR A 246 0.58 -51.17 -7.85
N ASN A 247 0.44 -49.86 -7.78
CA ASN A 247 -0.41 -49.14 -8.69
C ASN A 247 0.36 -48.77 -9.96
N ASN A 248 -0.06 -49.31 -11.10
CA ASN A 248 0.68 -49.09 -12.34
C ASN A 248 0.45 -47.69 -12.89
N ALA A 249 -0.46 -46.96 -12.28
CA ALA A 249 -0.77 -45.60 -12.69
C ALA A 249 0.11 -44.58 -11.96
N LYS A 250 0.96 -45.03 -11.06
CA LYS A 250 1.78 -44.10 -10.30
C LYS A 250 3.23 -44.09 -10.77
N ASN A 251 3.90 -42.97 -10.56
CA ASN A 251 5.29 -42.87 -10.95
C ASN A 251 6.18 -43.34 -9.82
N ILE A 252 7.34 -43.82 -10.19
CA ILE A 252 8.35 -44.22 -9.24
C ILE A 252 9.51 -43.26 -9.30
N LEU A 253 9.85 -42.70 -8.16
CA LEU A 253 10.93 -41.74 -8.09
C LEU A 253 12.15 -42.46 -7.55
N VAL A 254 13.24 -42.40 -8.28
CA VAL A 254 14.43 -43.08 -7.84
C VAL A 254 15.54 -42.09 -7.56
N GLN A 255 16.07 -42.12 -6.34
CA GLN A 255 17.17 -41.21 -5.99
C GLN A 255 18.49 -41.95 -5.93
N LEU A 256 19.49 -41.42 -6.62
CA LEU A 256 20.78 -42.07 -6.75
C LEU A 256 21.80 -41.68 -5.70
N ASN A 257 22.84 -42.50 -5.55
CA ASN A 257 23.92 -42.28 -4.59
C ASN A 257 25.14 -41.63 -5.20
N THR A 258 25.28 -41.77 -6.50
CA THR A 258 26.39 -41.18 -7.21
C THR A 258 25.72 -40.46 -8.34
N PRO A 259 26.20 -39.30 -8.77
CA PRO A 259 25.66 -38.59 -9.87
C PRO A 259 26.13 -39.26 -11.12
N VAL A 260 25.37 -39.11 -12.18
CA VAL A 260 25.88 -39.54 -13.46
C VAL A 260 26.21 -38.28 -14.21
N GLN A 261 27.45 -38.16 -14.66
CA GLN A 261 27.77 -36.93 -15.33
C GLN A 261 27.26 -36.97 -16.74
N ILE A 262 26.59 -35.91 -17.13
CA ILE A 262 26.10 -35.81 -18.49
C ILE A 262 26.60 -34.51 -19.13
N ASN A 263 27.22 -34.61 -20.33
CA ASN A 263 27.79 -33.49 -21.10
C ASN A 263 26.93 -33.22 -22.33
N CYS A 264 26.20 -32.08 -22.35
CA CYS A 264 25.27 -31.73 -23.43
C CYS A 264 25.76 -30.55 -24.23
N THR A 265 25.67 -30.68 -25.54
CA THR A 265 26.10 -29.62 -26.40
C THR A 265 25.25 -29.37 -27.63
N ARG A 266 25.38 -28.15 -28.12
CA ARG A 266 24.79 -27.67 -29.32
C ARG A 266 25.98 -27.22 -30.16
N PRO A 267 26.59 -28.11 -30.94
CA PRO A 267 27.86 -27.95 -31.64
C PRO A 267 27.85 -26.91 -32.75
N ASN A 268 26.68 -26.52 -33.22
CA ASN A 268 26.60 -25.58 -34.31
C ASN A 268 26.85 -24.16 -33.80
N ASN A 269 27.67 -23.39 -34.54
CA ASN A 269 28.02 -22.01 -34.25
C ASN A 269 27.02 -21.04 -34.90
N ASN A 270 25.96 -20.66 -34.15
CA ASN A 270 24.89 -19.76 -34.62
C ASN A 270 25.23 -18.32 -34.49
N THR A 271 24.95 -17.58 -35.56
CA THR A 271 25.12 -16.14 -35.56
C THR A 271 23.77 -15.52 -35.50
N VAL A 272 23.61 -14.71 -34.47
CA VAL A 272 22.35 -14.06 -34.14
C VAL A 272 22.25 -12.64 -34.63
N LYS A 273 21.14 -12.36 -35.28
CA LYS A 273 20.82 -11.06 -35.83
C LYS A 273 19.56 -10.53 -35.21
N SER A 274 19.34 -9.22 -35.27
CA SER A 274 18.09 -8.70 -34.75
C SER A 274 17.51 -7.60 -35.61
N ILE A 275 16.19 -7.52 -35.56
CA ILE A 275 15.38 -6.57 -36.29
C ILE A 275 14.42 -5.75 -35.47
N ARG A 276 14.38 -4.44 -35.71
CA ARG A 276 13.40 -3.62 -35.05
C ARG A 276 12.10 -3.86 -35.80
N ILE A 277 11.03 -4.16 -35.08
CA ILE A 277 9.74 -4.53 -35.67
C ILE A 277 8.62 -3.56 -35.41
N GLY A 278 8.92 -2.56 -34.61
CA GLY A 278 7.99 -1.54 -34.21
C GLY A 278 8.71 -0.73 -33.16
N PRO A 279 8.21 0.42 -32.75
CA PRO A 279 8.85 1.24 -31.77
C PRO A 279 9.03 0.46 -30.51
N GLY A 280 10.24 0.43 -30.00
CA GLY A 280 10.52 -0.21 -28.73
C GLY A 280 10.62 -1.73 -28.80
N GLN A 281 10.55 -2.29 -29.98
CA GLN A 281 10.57 -3.73 -30.05
C GLN A 281 11.59 -4.29 -30.99
N ALA A 282 12.23 -5.36 -30.56
CA ALA A 282 13.18 -6.02 -31.42
C ALA A 282 13.08 -7.50 -31.27
N PHE A 283 13.22 -8.16 -32.39
CA PHE A 283 13.17 -9.59 -32.56
C PHE A 283 14.52 -10.19 -32.81
N TYR A 284 14.82 -11.29 -32.13
CA TYR A 284 16.09 -11.97 -32.33
C TYR A 284 15.92 -13.27 -33.08
N TYR A 285 16.81 -13.53 -34.01
CA TYR A 285 16.71 -14.76 -34.77
C TYR A 285 18.05 -15.25 -35.26
N THR A 286 18.10 -16.51 -35.62
CA THR A 286 19.32 -17.05 -36.16
C THR A 286 19.45 -16.61 -37.58
N GLY A 287 20.60 -16.04 -37.88
CA GLY A 287 20.93 -15.57 -39.19
C GLY A 287 21.52 -16.72 -39.98
N ASP A 288 22.64 -17.22 -39.50
CA ASP A 288 23.31 -18.31 -40.20
C ASP A 288 24.15 -19.15 -39.24
N ILE A 289 24.78 -20.20 -39.79
CA ILE A 289 25.67 -21.10 -39.09
C ILE A 289 27.06 -21.09 -39.70
N ILE A 290 28.07 -20.93 -38.88
CA ILE A 290 29.42 -20.95 -39.38
C ILE A 290 30.01 -22.31 -39.09
N GLY A 291 30.31 -23.06 -40.14
CA GLY A 291 30.82 -24.41 -39.99
C GLY A 291 29.74 -25.42 -40.32
N ASP A 292 30.05 -26.69 -40.11
CA ASP A 292 29.15 -27.79 -40.46
C ASP A 292 27.91 -27.81 -39.59
N ILE A 293 26.84 -28.33 -40.14
CA ILE A 293 25.62 -28.49 -39.37
C ILE A 293 25.52 -29.90 -38.87
N ARG A 294 25.58 -30.04 -37.56
CA ARG A 294 25.62 -31.29 -36.86
C ARG A 294 24.54 -31.40 -35.80
N GLN A 295 24.26 -32.62 -35.39
CA GLN A 295 23.22 -32.86 -34.42
C GLN A 295 23.63 -32.57 -32.99
N ALA A 296 22.72 -31.94 -32.25
CA ALA A 296 22.94 -31.67 -30.83
C ALA A 296 22.94 -33.00 -30.13
N HIS A 297 23.71 -33.11 -29.07
CA HIS A 297 23.78 -34.40 -28.40
C HIS A 297 24.24 -34.31 -26.95
N CYS A 298 23.99 -35.39 -26.17
CA CYS A 298 24.46 -35.54 -24.79
C CYS A 298 25.23 -36.86 -24.60
N ASN A 299 26.31 -36.78 -23.84
CA ASN A 299 27.10 -37.97 -23.53
C ASN A 299 27.06 -38.30 -22.04
N VAL A 300 27.04 -39.62 -21.73
CA VAL A 300 27.25 -40.16 -20.38
C VAL A 300 28.29 -41.25 -20.50
N SER A 301 29.00 -41.53 -19.42
CA SER A 301 29.96 -42.62 -19.45
C SER A 301 29.21 -43.93 -19.50
N LYS A 302 29.65 -44.82 -20.36
CA LYS A 302 28.94 -46.08 -20.48
C LYS A 302 29.07 -46.90 -19.21
N ALA A 303 30.26 -46.88 -18.63
CA ALA A 303 30.48 -47.69 -17.45
C ALA A 303 29.65 -47.19 -16.27
N THR A 304 29.55 -45.87 -16.13
CA THR A 304 28.82 -45.31 -15.03
C THR A 304 27.39 -45.66 -15.19
N TRP A 305 26.86 -45.50 -16.39
CA TRP A 305 25.46 -45.80 -16.55
C TRP A 305 25.12 -47.25 -16.23
N ASN A 306 25.96 -48.25 -16.68
CA ASN A 306 25.72 -49.67 -16.42
C ASN A 306 25.71 -49.97 -14.90
N GLU A 307 26.64 -49.34 -14.13
CA GLU A 307 26.71 -49.48 -12.67
C GLU A 307 25.48 -48.90 -12.00
N THR A 308 25.05 -47.75 -12.49
CA THR A 308 23.92 -47.06 -11.93
C THR A 308 22.67 -47.88 -12.06
N LEU A 309 22.43 -48.46 -13.23
CA LEU A 309 21.22 -49.24 -13.29
C LEU A 309 21.36 -50.46 -12.43
N GLY A 310 22.54 -51.07 -12.36
CA GLY A 310 22.63 -52.28 -11.55
C GLY A 310 22.20 -51.99 -10.11
N LYS A 311 22.59 -50.82 -9.59
CA LYS A 311 22.20 -50.41 -8.25
C LYS A 311 20.70 -50.23 -8.11
N VAL A 312 20.06 -49.73 -9.17
CA VAL A 312 18.61 -49.53 -9.13
C VAL A 312 17.92 -50.85 -9.10
N VAL A 313 18.37 -51.77 -9.93
CA VAL A 313 17.76 -53.07 -10.05
C VAL A 313 17.87 -53.81 -8.74
N LYS A 314 19.03 -53.77 -8.11
CA LYS A 314 19.21 -54.46 -6.86
C LYS A 314 18.17 -54.02 -5.82
N GLN A 315 17.93 -52.70 -5.72
CA GLN A 315 16.96 -52.23 -4.75
C GLN A 315 15.53 -52.42 -5.22
N LEU A 316 15.30 -52.36 -6.51
CA LEU A 316 13.97 -52.47 -7.06
C LEU A 316 13.42 -53.87 -6.79
N ARG A 317 14.29 -54.88 -6.83
CA ARG A 317 13.93 -56.27 -6.55
C ARG A 317 13.37 -56.45 -5.14
N LYS A 318 13.65 -55.54 -4.22
CA LYS A 318 13.10 -55.70 -2.89
C LYS A 318 11.58 -55.64 -2.91
N HIS A 319 11.00 -54.94 -3.90
CA HIS A 319 9.58 -54.83 -3.97
C HIS A 319 8.99 -55.85 -4.93
N PHE A 320 9.80 -56.26 -5.91
CA PHE A 320 9.29 -57.17 -6.94
C PHE A 320 9.66 -58.64 -6.88
N GLY A 321 10.65 -59.03 -6.07
CA GLY A 321 11.08 -60.41 -5.95
C GLY A 321 12.48 -60.67 -6.48
N ASN A 322 13.11 -61.72 -5.96
CA ASN A 322 14.47 -62.09 -6.38
C ASN A 322 14.43 -63.12 -7.47
N ASN A 323 13.22 -63.41 -7.89
CA ASN A 323 12.90 -64.35 -8.94
C ASN A 323 12.14 -63.63 -10.04
N THR A 324 12.30 -62.32 -10.07
CA THR A 324 11.64 -61.46 -11.02
C THR A 324 12.67 -60.73 -11.86
N ILE A 325 12.44 -60.74 -13.15
CA ILE A 325 13.30 -60.07 -14.11
C ILE A 325 12.92 -58.64 -14.28
N ILE A 326 13.90 -57.75 -14.24
CA ILE A 326 13.61 -56.34 -14.44
C ILE A 326 14.08 -55.86 -15.79
N ARG A 327 13.15 -55.59 -16.71
CA ARG A 327 13.59 -55.15 -18.04
C ARG A 327 13.16 -53.75 -18.40
N PHE A 328 14.14 -52.92 -18.71
CA PHE A 328 13.98 -51.52 -19.00
C PHE A 328 13.63 -51.39 -20.45
N ALA A 329 12.84 -50.40 -20.76
CA ALA A 329 12.47 -50.18 -22.13
C ALA A 329 12.26 -48.72 -22.39
N GLN A 330 12.35 -48.32 -23.66
CA GLN A 330 12.10 -46.95 -24.01
C GLN A 330 10.62 -46.67 -23.81
N SER A 331 10.32 -45.40 -23.63
CA SER A 331 8.97 -44.97 -23.42
C SER A 331 8.11 -45.00 -24.67
N SER A 332 6.82 -44.92 -24.45
CA SER A 332 5.81 -44.88 -25.50
C SER A 332 5.77 -43.51 -26.14
N GLY A 333 5.06 -43.38 -27.26
CA GLY A 333 5.01 -42.09 -27.93
C GLY A 333 4.04 -41.12 -27.28
N GLY A 334 3.99 -39.91 -27.84
CA GLY A 334 3.17 -38.83 -27.31
C GLY A 334 3.90 -37.54 -27.60
N ASP A 335 3.46 -36.44 -27.00
CA ASP A 335 4.14 -35.18 -27.28
C ASP A 335 5.58 -35.32 -26.89
N LEU A 336 6.44 -34.70 -27.68
CA LEU A 336 7.87 -34.77 -27.51
C LEU A 336 8.28 -34.53 -26.07
N GLU A 337 7.60 -33.61 -25.38
CA GLU A 337 7.97 -33.28 -24.01
C GLU A 337 8.04 -34.50 -23.09
N VAL A 338 7.19 -35.50 -23.29
CA VAL A 338 7.18 -36.64 -22.37
C VAL A 338 7.75 -37.90 -22.99
N THR A 339 8.32 -37.80 -24.19
CA THR A 339 8.90 -38.99 -24.81
C THR A 339 10.39 -38.85 -24.75
N THR A 340 10.84 -37.61 -24.64
CA THR A 340 12.24 -37.27 -24.55
C THR A 340 12.55 -36.59 -23.26
N HIS A 341 13.84 -36.47 -22.97
CA HIS A 341 14.32 -35.79 -21.83
C HIS A 341 14.63 -34.35 -22.18
N SER A 342 13.83 -33.46 -21.61
CA SER A 342 13.94 -32.07 -21.88
C SER A 342 14.66 -31.33 -20.82
N PHE A 343 15.43 -30.33 -21.22
CA PHE A 343 16.12 -29.43 -20.30
C PHE A 343 16.52 -28.12 -20.94
N ASN A 344 16.91 -27.22 -20.03
CA ASN A 344 17.45 -25.91 -20.36
C ASN A 344 18.97 -26.16 -20.38
N CYS A 345 19.66 -25.47 -21.26
CA CYS A 345 21.10 -25.70 -21.44
C CYS A 345 21.65 -24.41 -22.05
N GLY A 346 22.07 -23.50 -21.19
CA GLY A 346 22.61 -22.24 -21.64
C GLY A 346 21.53 -21.27 -22.06
N GLY A 347 20.29 -21.69 -21.91
CA GLY A 347 19.12 -20.94 -22.34
C GLY A 347 18.46 -21.61 -23.55
N GLU A 348 19.12 -22.60 -24.18
CA GLU A 348 18.48 -23.30 -25.29
C GLU A 348 17.64 -24.45 -24.78
N PHE A 349 16.60 -24.81 -25.54
CA PHE A 349 15.76 -25.92 -25.12
C PHE A 349 15.98 -27.21 -25.91
N PHE A 350 16.47 -28.22 -25.20
CA PHE A 350 16.84 -29.53 -25.70
C PHE A 350 15.82 -30.59 -25.43
N TYR A 351 15.64 -31.48 -26.40
CA TYR A 351 14.78 -32.66 -26.34
C TYR A 351 15.56 -33.93 -26.74
N CYS A 352 16.15 -34.66 -25.76
CA CYS A 352 17.09 -35.76 -25.98
C CYS A 352 16.42 -37.13 -25.87
N ASN A 353 16.78 -37.99 -26.79
CA ASN A 353 16.21 -39.34 -26.80
C ASN A 353 17.02 -40.28 -25.90
N THR A 354 16.38 -40.79 -24.83
CA THR A 354 16.91 -41.64 -23.75
C THR A 354 16.74 -43.12 -24.04
N SER A 355 16.31 -43.46 -25.24
CA SER A 355 16.14 -44.87 -25.57
C SER A 355 17.45 -45.63 -25.46
N GLY A 356 18.58 -44.94 -25.62
CA GLY A 356 19.89 -45.58 -25.50
C GLY A 356 20.25 -45.90 -24.05
N LEU A 357 19.51 -45.35 -23.10
CA LEU A 357 19.76 -45.59 -21.68
C LEU A 357 18.89 -46.68 -21.11
N PHE A 358 17.71 -46.89 -21.68
CA PHE A 358 16.75 -47.87 -21.16
C PHE A 358 16.39 -48.96 -22.14
N ASN A 359 17.40 -49.77 -22.52
CA ASN A 359 17.34 -50.87 -23.51
C ASN A 359 17.53 -52.26 -22.85
N SER A 360 18.35 -52.35 -21.77
CA SER A 360 18.79 -53.57 -21.09
C SER A 360 17.74 -54.32 -20.27
N THR A 361 17.87 -55.66 -20.24
CA THR A 361 17.06 -56.52 -19.39
C THR A 361 17.98 -57.17 -18.38
N TRP A 362 17.62 -57.03 -17.12
CA TRP A 362 18.43 -57.52 -16.02
C TRP A 362 17.91 -58.81 -15.39
N ILE A 363 18.68 -59.87 -15.53
CA ILE A 363 18.27 -61.18 -15.04
C ILE A 363 19.26 -61.69 -14.00
N SER A 364 18.74 -62.13 -12.82
CA SER A 364 19.49 -62.68 -11.67
C SER A 364 20.57 -63.69 -12.10
N SER A 376 35.57 -49.79 -20.16
CA SER A 376 35.76 -48.40 -19.76
C SER A 376 36.13 -47.57 -20.96
N ASN A 377 36.24 -46.25 -20.76
CA ASN A 377 36.59 -45.28 -21.81
C ASN A 377 35.66 -45.40 -22.99
N ASP A 378 34.38 -45.51 -22.71
CA ASP A 378 33.36 -45.66 -23.71
C ASP A 378 32.18 -44.86 -23.28
N SER A 379 31.29 -44.55 -24.21
CA SER A 379 30.17 -43.67 -23.90
C SER A 379 28.88 -43.96 -24.63
N ILE A 380 27.83 -43.39 -24.08
CA ILE A 380 26.53 -43.48 -24.69
C ILE A 380 26.15 -42.12 -25.20
N THR A 381 25.87 -42.03 -26.49
CA THR A 381 25.52 -40.75 -27.06
C THR A 381 24.04 -40.70 -27.34
N LEU A 382 23.40 -39.67 -26.84
CA LEU A 382 21.98 -39.44 -27.00
C LEU A 382 21.81 -38.31 -28.01
N PRO A 383 21.14 -38.51 -29.14
CA PRO A 383 20.89 -37.47 -30.10
C PRO A 383 19.86 -36.57 -29.46
N CYS A 384 19.88 -35.25 -29.75
CA CYS A 384 18.94 -34.25 -29.22
C CYS A 384 18.40 -33.32 -30.30
N ARG A 385 17.18 -32.85 -30.09
CA ARG A 385 16.55 -31.87 -30.95
C ARG A 385 16.42 -30.53 -30.22
N ILE A 386 16.38 -29.44 -30.98
CA ILE A 386 16.22 -28.11 -30.41
C ILE A 386 14.91 -27.51 -30.85
N LYS A 387 14.18 -26.88 -29.92
CA LYS A 387 12.89 -26.25 -30.23
C LYS A 387 12.83 -24.84 -29.63
N GLN A 388 12.43 -23.83 -30.42
CA GLN A 388 12.36 -22.45 -29.92
C GLN A 388 11.00 -22.02 -29.40
N ILE A 389 9.92 -22.70 -29.77
CA ILE A 389 8.62 -22.28 -29.27
C ILE A 389 8.17 -23.19 -28.17
N ILE A 390 8.07 -22.61 -27.01
CA ILE A 390 7.82 -23.34 -25.80
C ILE A 390 6.44 -23.12 -25.20
N ASN A 391 5.77 -24.20 -24.87
CA ASN A 391 4.46 -24.13 -24.21
C ASN A 391 4.65 -24.85 -22.90
N MET A 392 5.22 -24.14 -21.95
CA MET A 392 5.63 -24.77 -20.71
C MET A 392 4.45 -24.90 -19.78
N TRP A 393 4.54 -25.88 -18.87
CA TRP A 393 3.56 -26.14 -17.80
C TRP A 393 2.27 -26.68 -18.36
N GLN A 394 2.33 -27.12 -19.60
CA GLN A 394 1.21 -27.68 -20.34
C GLN A 394 0.05 -26.73 -20.44
N ARG A 395 0.32 -25.44 -20.52
CA ARG A 395 -0.78 -24.53 -20.67
C ARG A 395 -1.05 -24.27 -22.12
N ILE A 396 -2.30 -24.03 -22.43
CA ILE A 396 -2.69 -23.71 -23.78
C ILE A 396 -3.16 -22.28 -23.83
N GLY A 397 -2.66 -21.55 -24.79
CA GLY A 397 -3.02 -20.14 -24.94
C GLY A 397 -1.84 -19.23 -24.68
N GLN A 398 -0.77 -19.80 -24.15
CA GLN A 398 0.44 -19.07 -23.90
C GLN A 398 1.58 -19.77 -24.58
N ALA A 399 2.55 -19.00 -25.03
CA ALA A 399 3.75 -19.53 -25.62
C ALA A 399 4.88 -18.57 -25.44
N MET A 400 6.08 -19.10 -25.41
CA MET A 400 7.27 -18.29 -25.33
C MET A 400 8.20 -18.53 -26.50
N TYR A 401 8.81 -17.48 -26.99
CA TYR A 401 9.81 -17.63 -28.01
C TYR A 401 11.17 -17.51 -27.38
N ALA A 402 11.97 -18.54 -27.54
CA ALA A 402 13.30 -18.56 -26.98
C ALA A 402 14.28 -17.95 -27.98
N PRO A 403 14.93 -16.83 -27.70
CA PRO A 403 15.85 -16.20 -28.60
C PRO A 403 16.96 -17.20 -28.77
N PRO A 404 17.62 -17.23 -29.91
CA PRO A 404 18.77 -18.04 -30.17
C PRO A 404 19.94 -17.46 -29.43
N ILE A 405 20.88 -18.30 -29.09
CA ILE A 405 22.10 -17.85 -28.45
C ILE A 405 23.34 -18.01 -29.32
N GLN A 406 24.08 -16.91 -29.42
CA GLN A 406 25.29 -16.82 -30.23
C GLN A 406 26.41 -17.78 -29.85
N GLY A 407 26.93 -18.47 -30.86
CA GLY A 407 28.06 -19.38 -30.70
C GLY A 407 27.70 -20.80 -30.27
N VAL A 408 28.71 -21.55 -29.85
CA VAL A 408 28.57 -22.96 -29.46
C VAL A 408 28.31 -23.09 -27.98
N ILE A 409 27.33 -23.92 -27.62
CA ILE A 409 26.93 -24.08 -26.23
C ILE A 409 27.19 -25.43 -25.64
N ARG A 410 27.82 -25.44 -24.46
CA ARG A 410 28.00 -26.66 -23.73
C ARG A 410 27.65 -26.46 -22.25
N CYS A 411 27.04 -27.45 -21.64
CA CYS A 411 26.73 -27.49 -20.21
C CYS A 411 26.98 -28.90 -19.69
N VAL A 412 27.41 -28.98 -18.45
CA VAL A 412 27.62 -30.26 -17.81
C VAL A 412 26.83 -30.31 -16.54
N SER A 413 26.07 -31.37 -16.37
CA SER A 413 25.22 -31.50 -15.19
C SER A 413 25.28 -32.88 -14.56
N ASN A 414 24.77 -32.97 -13.31
CA ASN A 414 24.71 -34.18 -12.48
C ASN A 414 23.31 -34.79 -12.45
N ILE A 415 23.13 -36.03 -13.00
CA ILE A 415 21.83 -36.72 -12.94
C ILE A 415 21.77 -37.34 -11.57
N THR A 416 20.76 -37.00 -10.78
CA THR A 416 20.68 -37.50 -9.41
C THR A 416 19.48 -38.38 -9.18
N GLY A 417 18.72 -38.63 -10.24
CA GLY A 417 17.54 -39.44 -10.09
C GLY A 417 16.79 -39.68 -11.39
N LEU A 418 15.80 -40.54 -11.31
CA LEU A 418 14.97 -40.94 -12.44
C LEU A 418 13.49 -40.91 -12.16
N ILE A 419 12.66 -40.67 -13.18
CA ILE A 419 11.24 -40.94 -13.00
C ILE A 419 10.81 -42.03 -13.98
N LEU A 420 10.38 -43.17 -13.41
CA LEU A 420 9.98 -44.35 -14.15
C LEU A 420 8.54 -44.77 -13.90
N THR A 421 7.94 -45.45 -14.87
CA THR A 421 6.60 -45.99 -14.68
C THR A 421 6.58 -47.47 -14.99
N ARG A 422 5.59 -48.18 -14.45
CA ARG A 422 5.43 -49.59 -14.74
C ARG A 422 4.57 -49.79 -15.94
N ASP A 423 4.90 -50.79 -16.73
CA ASP A 423 4.12 -51.18 -17.92
C ASP A 423 2.77 -51.88 -17.59
N GLY A 424 2.74 -52.76 -16.57
CA GLY A 424 1.57 -53.52 -16.16
C GLY A 424 1.25 -54.62 -17.17
N SER A 429 2.75 -62.93 -16.66
CA SER A 429 2.69 -62.47 -15.27
C SER A 429 4.08 -62.41 -14.64
N THR A 430 5.10 -62.30 -15.48
CA THR A 430 6.49 -62.26 -15.02
C THR A 430 7.26 -61.17 -15.77
N THR A 431 8.47 -60.90 -15.29
CA THR A 431 9.38 -59.93 -15.88
C THR A 431 8.90 -58.50 -16.04
N GLU A 432 8.59 -57.83 -14.94
CA GLU A 432 8.14 -56.43 -14.97
C GLU A 432 8.96 -55.50 -15.85
N THR A 433 8.27 -54.62 -16.55
CA THR A 433 8.90 -53.63 -17.43
C THR A 433 8.73 -52.23 -16.92
N PHE A 434 9.83 -51.49 -16.92
CA PHE A 434 9.85 -50.10 -16.48
C PHE A 434 10.24 -49.21 -17.65
N ARG A 435 9.57 -48.09 -17.76
CA ARG A 435 9.85 -47.16 -18.84
C ARG A 435 10.02 -45.77 -18.25
N PRO A 436 10.79 -44.88 -18.86
CA PRO A 436 10.89 -43.49 -18.50
C PRO A 436 9.59 -42.78 -18.68
N GLY A 437 9.36 -41.75 -17.87
CA GLY A 437 8.19 -40.91 -18.04
C GLY A 437 8.52 -40.03 -16.86
N GLY A 438 7.97 -38.81 -16.89
CA GLY A 438 8.17 -37.83 -15.82
C GLY A 438 6.74 -37.43 -15.60
N GLY A 439 5.99 -37.28 -16.68
CA GLY A 439 4.61 -36.85 -16.55
C GLY A 439 4.53 -35.44 -15.93
N ASP A 440 3.78 -35.37 -14.83
CA ASP A 440 3.51 -34.16 -14.06
C ASP A 440 4.72 -33.59 -13.34
N MET A 441 5.05 -32.33 -13.62
CA MET A 441 6.23 -31.68 -13.04
C MET A 441 6.14 -31.51 -11.56
N ARG A 442 4.98 -31.69 -10.98
CA ARG A 442 4.89 -31.58 -9.54
C ARG A 442 5.86 -32.56 -8.88
N ASP A 443 6.08 -33.72 -9.52
CA ASP A 443 6.96 -34.74 -8.96
C ASP A 443 8.42 -34.29 -8.94
N ASN A 444 8.77 -33.27 -9.71
CA ASN A 444 10.15 -32.80 -9.68
C ASN A 444 10.38 -32.18 -8.33
N TRP A 445 9.47 -31.28 -7.95
CA TRP A 445 9.57 -30.59 -6.69
C TRP A 445 9.48 -31.55 -5.51
N ARG A 446 8.63 -32.56 -5.62
CA ARG A 446 8.45 -33.53 -4.54
C ARG A 446 9.76 -34.11 -4.04
N SER A 447 10.64 -34.42 -4.96
CA SER A 447 11.91 -35.01 -4.61
C SER A 447 12.67 -34.15 -3.63
N GLU A 448 12.84 -32.87 -3.89
CA GLU A 448 13.62 -32.06 -2.96
C GLU A 448 12.90 -31.84 -1.66
N LEU A 449 11.59 -31.80 -1.73
CA LEU A 449 10.77 -31.55 -0.58
C LEU A 449 10.34 -32.78 0.17
N TYR A 450 10.83 -33.97 -0.20
CA TYR A 450 10.32 -35.17 0.45
C TYR A 450 10.54 -35.21 1.94
N LYS A 451 11.55 -34.53 2.42
CA LYS A 451 11.85 -34.56 3.83
C LYS A 451 11.29 -33.42 4.64
N TYR A 452 10.51 -32.51 4.05
CA TYR A 452 10.02 -31.39 4.87
C TYR A 452 8.53 -31.44 5.16
N LYS A 453 8.16 -31.02 6.35
CA LYS A 453 6.75 -30.92 6.74
C LYS A 453 6.45 -29.60 7.43
N VAL A 454 5.28 -29.02 7.18
CA VAL A 454 4.92 -27.77 7.85
C VAL A 454 3.93 -27.94 8.96
N VAL A 455 4.28 -27.46 10.14
CA VAL A 455 3.37 -27.58 11.27
C VAL A 455 3.13 -26.24 11.93
N LYS A 456 1.99 -26.13 12.57
CA LYS A 456 1.61 -24.95 13.31
C LYS A 456 1.97 -25.13 14.74
N ILE A 457 2.51 -24.11 15.36
CA ILE A 457 2.85 -24.23 16.75
C ILE A 457 1.63 -23.84 17.55
N GLU A 458 1.31 -24.64 18.55
CA GLU A 458 0.17 -24.43 19.42
C GLU A 458 0.57 -24.27 20.88
N PRO A 459 0.98 -23.07 21.32
CA PRO A 459 1.51 -22.77 22.62
C PRO A 459 0.62 -22.98 23.83
N LEU A 460 -0.70 -23.07 23.67
CA LEU A 460 -1.53 -23.27 24.85
C LEU A 460 -1.92 -24.67 25.13
N GLY A 461 -2.02 -24.97 26.41
CA GLY A 461 -2.55 -26.23 26.84
C GLY A 461 -2.73 -26.25 28.33
N VAL A 462 -3.33 -27.30 28.81
CA VAL A 462 -3.58 -27.43 30.22
C VAL A 462 -3.15 -28.80 30.68
N ALA A 463 -2.94 -28.94 31.97
CA ALA A 463 -2.63 -30.22 32.60
C ALA A 463 -2.99 -30.10 34.07
N PRO A 464 -3.33 -31.16 34.78
CA PRO A 464 -3.58 -31.13 36.20
C PRO A 464 -2.32 -31.00 37.01
N THR A 465 -2.43 -30.32 38.13
CA THR A 465 -1.36 -30.25 39.12
C THR A 465 -1.86 -29.79 40.46
N ARG A 466 -1.09 -30.03 41.50
CA ARG A 466 -1.52 -29.63 42.83
C ARG A 466 -1.26 -28.17 43.11
N CYS A 467 -2.04 -27.26 42.48
CA CYS A 467 -1.88 -25.82 42.60
C CYS A 467 -3.21 -25.07 42.44
N LYS A 468 -3.61 -24.34 43.47
CA LYS A 468 -4.87 -23.59 43.46
C LYS A 468 -4.56 -22.13 43.86
N ARG A 469 -5.30 -21.13 43.32
CA ARG A 469 -5.11 -19.70 43.63
C ARG A 469 -5.69 -19.39 45.01
N SER B 2 19.30 -25.08 27.58
CA SER B 2 20.09 -24.44 26.54
C SER B 2 19.73 -25.03 25.19
N LEU B 3 18.59 -25.67 25.11
CA LEU B 3 18.13 -26.26 23.86
C LEU B 3 17.44 -25.20 23.00
N GLY B 4 17.16 -25.50 21.76
CA GLY B 4 16.54 -24.53 20.89
C GLY B 4 15.04 -24.35 20.93
N PHE B 5 14.50 -23.77 19.87
CA PHE B 5 13.07 -23.48 19.79
C PHE B 5 12.14 -24.68 20.02
N LEU B 6 12.28 -25.78 19.32
CA LEU B 6 11.41 -26.91 19.68
C LEU B 6 12.21 -27.99 20.32
N GLY B 7 13.37 -27.65 20.85
CA GLY B 7 14.29 -28.64 21.39
C GLY B 7 13.77 -29.38 22.60
N ALA B 8 12.76 -28.85 23.25
CA ALA B 8 12.19 -29.50 24.40
C ALA B 8 11.23 -30.61 24.01
N ALA B 9 10.83 -30.66 22.76
CA ALA B 9 9.85 -31.66 22.41
C ALA B 9 10.43 -33.02 22.65
N GLY B 10 9.64 -33.90 23.22
CA GLY B 10 10.09 -35.26 23.47
C GLY B 10 10.58 -35.43 24.90
N SER B 11 10.83 -34.32 25.60
CA SER B 11 11.27 -34.41 26.98
C SER B 11 10.01 -34.60 27.80
N THR B 12 10.12 -34.90 29.08
CA THR B 12 8.88 -35.09 29.80
C THR B 12 8.19 -33.76 29.99
N MET B 13 6.91 -33.83 30.33
CA MET B 13 6.15 -32.62 30.53
C MET B 13 6.73 -31.74 31.59
N GLY B 14 7.25 -32.36 32.64
CA GLY B 14 7.87 -31.63 33.71
C GLY B 14 9.09 -30.91 33.20
N ALA B 15 9.98 -31.64 32.53
CA ALA B 15 11.22 -31.02 32.08
C ALA B 15 10.99 -29.84 31.16
N ALA B 16 10.00 -29.96 30.30
CA ALA B 16 9.70 -28.97 29.29
C ALA B 16 9.12 -27.70 29.87
N SER B 17 8.70 -27.71 31.13
CA SER B 17 8.09 -26.52 31.69
C SER B 17 9.12 -25.44 31.85
N MET B 18 10.40 -25.78 31.79
CA MET B 18 11.45 -24.82 31.98
C MET B 18 11.87 -24.15 30.69
N THR B 19 11.25 -24.51 29.56
CA THR B 19 11.65 -23.92 28.30
C THR B 19 10.57 -23.04 27.71
N LEU B 20 9.51 -22.80 28.47
CA LEU B 20 8.35 -22.08 27.94
C LEU B 20 8.73 -20.70 27.44
N THR B 21 9.71 -20.07 28.07
CA THR B 21 10.14 -18.77 27.64
C THR B 21 10.67 -18.84 26.22
N VAL B 22 11.41 -19.90 25.89
CA VAL B 22 12.01 -20.05 24.59
C VAL B 22 10.97 -20.23 23.54
N GLN B 23 9.96 -21.01 23.81
CA GLN B 23 8.99 -21.13 22.75
C GLN B 23 8.17 -19.85 22.64
N ALA B 24 7.80 -19.25 23.76
CA ALA B 24 6.95 -18.07 23.72
C ALA B 24 7.60 -16.88 23.03
N ARG B 25 8.89 -16.70 23.23
CA ARG B 25 9.54 -15.52 22.67
C ARG B 25 9.84 -15.64 21.20
N ASN B 26 9.57 -16.79 20.61
CA ASN B 26 9.83 -16.93 19.20
C ASN B 26 8.56 -16.85 18.38
N LEU B 27 7.48 -16.45 19.03
CA LEU B 27 6.25 -16.24 18.33
C LEU B 27 6.36 -14.83 17.78
N LEU B 28 5.73 -14.53 16.66
CA LEU B 28 5.81 -13.19 16.03
C LEU B 28 7.21 -12.76 15.54
N SER B 29 8.16 -13.70 15.35
CA SER B 29 9.53 -13.45 14.89
C SER B 29 10.08 -14.70 14.22
N THR B 52 6.68 -9.36 -7.97
CA THR B 52 6.67 -8.37 -6.90
C THR B 52 5.26 -8.23 -6.22
N HIS B 53 4.37 -9.24 -6.40
CA HIS B 53 3.03 -9.33 -5.82
C HIS B 53 3.06 -10.32 -4.67
N TRP B 54 4.30 -10.64 -4.34
CA TRP B 54 4.64 -11.52 -3.24
C TRP B 54 4.76 -10.68 -1.98
N GLY B 55 4.27 -9.45 -2.08
CA GLY B 55 4.06 -8.54 -1.00
C GLY B 55 2.74 -8.89 -0.36
N ILE B 56 1.81 -9.48 -1.12
CA ILE B 56 0.55 -9.83 -0.52
C ILE B 56 0.76 -11.04 0.35
N LYS B 57 1.56 -11.98 -0.13
CA LYS B 57 1.87 -13.18 0.62
C LYS B 57 2.61 -12.83 1.88
N GLN B 58 3.38 -11.77 1.85
CA GLN B 58 4.05 -11.35 3.03
C GLN B 58 3.04 -10.76 3.95
N LEU B 59 2.19 -9.85 3.49
CA LEU B 59 1.24 -9.26 4.40
C LEU B 59 0.36 -10.28 5.01
N GLN B 60 -0.05 -11.29 4.27
CA GLN B 60 -0.91 -12.28 4.84
C GLN B 60 -0.20 -13.02 5.94
N ALA B 61 1.07 -13.33 5.75
CA ALA B 61 1.84 -14.00 6.77
C ALA B 61 1.96 -13.15 8.01
N ARG B 62 2.20 -11.88 7.79
CA ARG B 62 2.33 -11.00 8.91
C ARG B 62 1.05 -10.99 9.68
N VAL B 63 -0.04 -10.76 8.99
CA VAL B 63 -1.32 -10.61 9.64
C VAL B 63 -1.70 -11.86 10.37
N LEU B 64 -1.50 -13.02 9.79
CA LEU B 64 -1.87 -14.21 10.50
C LEU B 64 -1.04 -14.42 11.73
N ALA B 65 0.26 -14.12 11.68
CA ALA B 65 1.03 -14.33 12.89
C ALA B 65 0.45 -13.51 14.02
N VAL B 66 0.02 -12.29 13.69
CA VAL B 66 -0.59 -11.44 14.67
C VAL B 66 -1.93 -11.93 15.10
N GLU B 67 -2.80 -12.34 14.20
CA GLU B 67 -4.10 -12.78 14.64
C GLU B 67 -4.03 -14.01 15.52
N HIS B 68 -3.14 -14.94 15.23
CA HIS B 68 -3.10 -16.11 16.07
C HIS B 68 -2.58 -15.74 17.43
N TYR B 69 -1.57 -14.89 17.47
CA TYR B 69 -1.02 -14.46 18.72
C TYR B 69 -2.07 -13.80 19.57
N LEU B 70 -2.80 -12.87 18.99
CA LEU B 70 -3.77 -12.16 19.76
C LEU B 70 -4.90 -13.02 20.22
N ARG B 71 -5.34 -13.98 19.43
CA ARG B 71 -6.42 -14.80 19.94
C ARG B 71 -6.00 -15.55 21.19
N ASP B 72 -4.76 -16.02 21.24
CA ASP B 72 -4.34 -16.72 22.43
C ASP B 72 -4.20 -15.76 23.60
N GLN B 73 -3.73 -14.54 23.35
CA GLN B 73 -3.61 -13.62 24.46
C GLN B 73 -4.97 -13.20 24.98
N GLN B 74 -5.94 -13.08 24.07
CA GLN B 74 -7.30 -12.70 24.41
C GLN B 74 -7.87 -13.74 25.31
N LEU B 75 -7.60 -15.00 25.01
CA LEU B 75 -8.11 -16.08 25.81
C LEU B 75 -7.48 -16.10 27.19
N LEU B 76 -6.17 -15.87 27.27
CA LEU B 76 -5.53 -15.83 28.58
C LEU B 76 -6.09 -14.67 29.37
N GLY B 77 -6.41 -13.59 28.68
CA GLY B 77 -6.98 -12.44 29.33
C GLY B 77 -8.32 -12.80 29.95
N ILE B 78 -9.18 -13.45 29.19
CA ILE B 78 -10.50 -13.81 29.68
C ILE B 78 -10.41 -14.73 30.88
N TRP B 79 -9.49 -15.68 30.85
CA TRP B 79 -9.29 -16.62 31.95
C TRP B 79 -8.58 -16.03 33.16
N GLY B 80 -8.08 -14.80 33.06
CA GLY B 80 -7.33 -14.17 34.14
C GLY B 80 -5.87 -14.60 34.29
N CYS B 81 -5.23 -15.09 33.20
CA CYS B 81 -3.86 -15.59 33.13
C CYS B 81 -2.98 -14.69 32.27
N SER B 82 -3.41 -13.46 32.07
CA SER B 82 -2.65 -12.57 31.24
C SER B 82 -1.30 -12.27 31.85
N GLY B 83 -0.28 -12.30 31.02
CA GLY B 83 1.06 -11.97 31.46
C GLY B 83 1.80 -13.12 32.13
N LYS B 84 1.24 -14.31 32.13
CA LYS B 84 1.92 -15.40 32.81
C LYS B 84 2.18 -16.56 31.87
N LEU B 85 3.29 -17.27 32.04
CA LEU B 85 3.50 -18.46 31.24
C LEU B 85 2.89 -19.64 31.97
N ILE B 86 2.85 -19.55 33.29
CA ILE B 86 2.25 -20.57 34.14
C ILE B 86 1.16 -19.92 34.98
N CYS B 87 -0.09 -20.43 34.93
CA CYS B 87 -1.23 -19.88 35.66
C CYS B 87 -2.11 -20.95 36.28
N CYS B 88 -2.11 -20.99 37.59
CA CYS B 88 -2.90 -21.98 38.27
C CYS B 88 -4.30 -21.40 38.36
N THR B 89 -5.33 -22.22 38.27
CA THR B 89 -6.65 -21.66 38.43
C THR B 89 -7.54 -22.47 39.37
N ASN B 90 -8.80 -22.07 39.46
CA ASN B 90 -9.75 -22.67 40.39
C ASN B 90 -10.72 -23.68 39.79
N VAL B 91 -10.41 -24.19 38.63
CA VAL B 91 -11.23 -25.24 38.04
C VAL B 91 -10.58 -26.55 38.44
N PRO B 92 -11.27 -27.48 39.12
CA PRO B 92 -10.74 -28.74 39.55
C PRO B 92 -10.59 -29.63 38.37
N TRP B 93 -9.68 -30.57 38.44
CA TRP B 93 -9.53 -31.53 37.37
C TRP B 93 -10.51 -32.70 37.56
N ASN B 94 -11.26 -33.06 36.50
CA ASN B 94 -12.21 -34.16 36.45
C ASN B 94 -11.49 -35.42 35.94
N SER B 95 -11.58 -36.53 36.71
CA SER B 95 -10.94 -37.81 36.42
C SER B 95 -11.47 -38.43 35.14
N SER B 96 -12.63 -37.96 34.68
CA SER B 96 -13.20 -38.44 33.45
C SER B 96 -12.44 -37.91 32.25
N TRP B 97 -11.68 -36.82 32.42
CA TRP B 97 -10.90 -36.27 31.33
C TRP B 97 -9.64 -37.10 31.27
N SER B 98 -9.10 -37.36 32.46
CA SER B 98 -7.92 -38.19 32.64
C SER B 98 -7.78 -38.65 34.06
N ASN B 99 -7.51 -39.92 34.24
CA ASN B 99 -7.29 -40.49 35.54
C ASN B 99 -5.88 -41.02 35.72
N ARG B 100 -4.95 -40.46 34.97
CA ARG B 100 -3.54 -40.85 35.08
C ARG B 100 -2.97 -40.30 36.37
N ASN B 101 -1.92 -40.97 36.92
CA ASN B 101 -1.18 -40.55 38.11
C ASN B 101 -0.43 -39.25 37.83
N LEU B 102 -0.29 -38.37 38.84
CA LEU B 102 0.41 -37.09 38.71
C LEU B 102 1.85 -37.29 38.24
N SER B 103 2.50 -38.36 38.71
CA SER B 103 3.85 -38.64 38.29
C SER B 103 3.89 -39.25 36.90
N GLU B 104 2.83 -39.89 36.46
CA GLU B 104 2.82 -40.45 35.12
C GLU B 104 2.74 -39.33 34.12
N ILE B 105 1.94 -38.34 34.45
CA ILE B 105 1.75 -37.24 33.56
C ILE B 105 2.97 -36.38 33.50
N TRP B 106 3.55 -36.04 34.64
CA TRP B 106 4.66 -35.14 34.60
C TRP B 106 6.05 -35.72 34.40
N ASP B 107 6.31 -36.94 34.88
CA ASP B 107 7.65 -37.50 34.81
C ASP B 107 7.81 -38.62 33.80
N ASN B 108 6.88 -38.75 32.88
CA ASN B 108 6.98 -39.82 31.90
C ASN B 108 6.50 -39.35 30.54
N MET B 109 5.27 -38.88 30.47
CA MET B 109 4.69 -38.43 29.21
C MET B 109 5.30 -37.13 28.76
N THR B 110 5.27 -36.88 27.44
CA THR B 110 5.69 -35.58 26.88
C THR B 110 4.45 -34.76 26.55
N TRP B 111 4.63 -33.50 26.15
CA TRP B 111 3.48 -32.64 25.87
C TRP B 111 2.70 -33.00 24.63
N LEU B 112 3.36 -33.58 23.65
CA LEU B 112 2.65 -33.97 22.45
C LEU B 112 1.68 -35.08 22.80
N GLN B 113 2.12 -35.98 23.68
CA GLN B 113 1.31 -37.12 24.06
C GLN B 113 0.15 -36.70 24.90
N TRP B 114 0.41 -35.79 25.80
CA TRP B 114 -0.63 -35.31 26.66
C TRP B 114 -1.70 -34.64 25.85
N ASP B 115 -1.29 -33.81 24.90
CA ASP B 115 -2.27 -33.14 24.09
C ASP B 115 -3.16 -34.12 23.36
N LYS B 116 -2.60 -35.19 22.84
CA LYS B 116 -3.48 -36.12 22.17
C LYS B 116 -4.45 -36.80 23.14
N GLU B 117 -3.96 -37.16 24.33
CA GLU B 117 -4.77 -37.88 25.30
C GLU B 117 -5.98 -37.10 25.79
N ILE B 118 -5.88 -35.80 25.88
CA ILE B 118 -7.02 -35.03 26.35
C ILE B 118 -7.59 -34.12 25.29
N SER B 119 -7.35 -34.41 24.03
CA SER B 119 -7.84 -33.52 22.98
C SER B 119 -9.35 -33.24 23.02
N ASN B 120 -10.16 -34.26 23.27
CA ASN B 120 -11.62 -34.11 23.31
C ASN B 120 -12.24 -33.25 24.42
N TYR B 121 -11.47 -32.97 25.47
CA TYR B 121 -11.96 -32.23 26.61
C TYR B 121 -11.49 -30.80 26.56
N THR B 122 -10.82 -30.42 25.47
CA THR B 122 -10.29 -29.07 25.41
C THR B 122 -11.36 -28.02 25.46
N GLN B 123 -12.42 -28.22 24.71
CA GLN B 123 -13.45 -27.22 24.67
C GLN B 123 -14.18 -27.09 26.00
N ILE B 124 -14.33 -28.21 26.69
CA ILE B 124 -15.04 -28.23 27.95
C ILE B 124 -14.24 -27.45 28.96
N ILE B 125 -12.96 -27.73 29.01
CA ILE B 125 -12.13 -27.07 29.97
C ILE B 125 -12.11 -25.60 29.71
N TYR B 126 -11.98 -25.20 28.45
CA TYR B 126 -11.90 -23.79 28.20
C TYR B 126 -13.17 -23.09 28.64
N GLY B 127 -14.33 -23.68 28.42
CA GLY B 127 -15.55 -23.03 28.86
C GLY B 127 -15.59 -22.88 30.38
N LEU B 128 -15.12 -23.90 31.10
CA LEU B 128 -15.12 -23.83 32.55
C LEU B 128 -14.19 -22.75 33.04
N LEU B 129 -13.07 -22.58 32.38
CA LEU B 129 -12.13 -21.58 32.81
C LEU B 129 -12.73 -20.19 32.67
N GLU B 130 -13.46 -19.94 31.58
CA GLU B 130 -14.05 -18.62 31.42
C GLU B 130 -15.12 -18.35 32.44
N GLU B 131 -15.91 -19.37 32.78
CA GLU B 131 -16.96 -19.18 33.75
C GLU B 131 -16.39 -18.88 35.11
N SER B 132 -15.34 -19.59 35.48
CA SER B 132 -14.76 -19.38 36.77
C SER B 132 -14.22 -17.97 36.90
N GLN B 133 -13.53 -17.48 35.87
CA GLN B 133 -12.99 -16.15 36.01
C GLN B 133 -14.07 -15.11 36.07
N ASN B 134 -15.15 -15.28 35.32
CA ASN B 134 -16.18 -14.27 35.36
C ASN B 134 -16.78 -14.19 36.75
N GLN B 135 -16.94 -15.34 37.39
CA GLN B 135 -17.50 -15.35 38.73
C GLN B 135 -16.56 -14.68 39.70
N GLN B 136 -15.26 -14.93 39.56
CA GLN B 136 -14.33 -14.30 40.45
C GLN B 136 -14.34 -12.81 40.30
N GLU B 137 -14.42 -12.30 39.07
CA GLU B 137 -14.42 -10.86 38.93
C GLU B 137 -15.61 -10.22 39.57
N LYS B 138 -16.75 -10.85 39.48
CA LYS B 138 -17.90 -10.27 40.10
C LYS B 138 -17.68 -10.24 41.57
N ASN B 139 -17.14 -11.31 42.11
CA ASN B 139 -16.96 -11.33 43.54
C ASN B 139 -15.96 -10.27 43.99
N GLU B 140 -14.92 -10.01 43.20
CA GLU B 140 -13.95 -9.01 43.61
C GLU B 140 -14.61 -7.65 43.69
N GLN B 141 -15.49 -7.35 42.74
CA GLN B 141 -16.15 -6.07 42.74
C GLN B 141 -17.00 -5.90 43.98
N ASP B 142 -17.71 -6.95 44.39
CA ASP B 142 -18.53 -6.80 45.57
C ASP B 142 -17.70 -6.62 46.81
N LEU B 143 -16.59 -7.33 46.91
CA LEU B 143 -15.80 -7.20 48.11
C LEU B 143 -15.21 -5.82 48.26
N LEU B 144 -14.77 -5.23 47.15
CA LEU B 144 -14.21 -3.91 47.23
C LEU B 144 -15.25 -2.89 47.62
N ALA B 145 -16.47 -3.03 47.11
CA ALA B 145 -17.51 -2.09 47.49
C ALA B 145 -17.85 -2.21 48.98
N LEU B 146 -17.85 -3.43 49.52
CA LEU B 146 -18.18 -3.61 50.94
C LEU B 146 -17.21 -2.99 51.94
N ASP B 147 -15.88 -3.06 51.69
CA ASP B 147 -14.81 -2.53 52.57
C ASP B 147 -14.75 -3.30 53.89
N ASN C 1 24.03 -0.58 45.71
CA ASN C 1 23.20 -1.74 45.40
C ASN C 1 21.83 -1.33 44.90
N LEU C 2 21.69 -1.22 43.59
CA LEU C 2 20.44 -0.83 42.98
C LEU C 2 19.95 -1.87 41.98
N TRP C 3 18.63 -2.00 41.89
CA TRP C 3 18.03 -2.96 40.97
C TRP C 3 17.64 -2.26 39.68
N VAL C 4 17.53 -3.02 38.60
CA VAL C 4 17.17 -2.47 37.30
C VAL C 4 15.68 -2.18 37.20
N THR C 5 15.34 -0.98 36.73
CA THR C 5 13.95 -0.57 36.58
C THR C 5 13.59 -0.45 35.12
N VAL C 6 12.44 -1.02 34.74
CA VAL C 6 11.99 -0.98 33.38
C VAL C 6 10.98 0.13 33.16
N TYR C 7 11.21 0.94 32.14
CA TYR C 7 10.29 2.00 31.82
C TYR C 7 9.79 1.91 30.41
N TYR C 8 8.53 2.19 30.23
CA TYR C 8 7.95 2.20 28.91
C TYR C 8 7.29 3.54 28.66
N GLY C 9 7.62 4.15 27.53
CA GLY C 9 7.14 5.48 27.18
C GLY C 9 8.27 6.49 27.27
N VAL C 10 9.49 6.00 27.15
CA VAL C 10 10.73 6.75 27.22
C VAL C 10 10.95 7.60 25.95
N PRO C 11 11.26 8.91 26.03
CA PRO C 11 11.41 9.82 24.89
C PRO C 11 12.71 9.67 24.14
N VAL C 12 12.94 8.53 23.55
CA VAL C 12 14.15 8.32 22.78
C VAL C 12 13.86 7.79 21.41
N TRP C 13 14.83 7.92 20.53
CA TRP C 13 14.67 7.44 19.19
C TRP C 13 15.96 7.06 18.51
N LYS C 14 15.82 6.32 17.42
CA LYS C 14 16.93 5.92 16.57
C LYS C 14 16.61 6.20 15.13
N ASP C 15 17.64 6.47 14.34
CA ASP C 15 17.41 6.74 12.94
C ASP C 15 16.80 5.55 12.27
N ALA C 16 15.86 5.77 11.37
CA ALA C 16 15.26 4.62 10.71
C ALA C 16 14.73 4.94 9.36
N GLU C 17 14.60 3.91 8.53
CA GLU C 17 14.02 4.08 7.22
C GLU C 17 12.71 3.34 7.16
N THR C 18 11.63 4.07 6.98
CA THR C 18 10.32 3.46 6.94
C THR C 18 9.54 4.00 5.78
N THR C 19 8.33 3.51 5.62
CA THR C 19 7.41 3.91 4.57
C THR C 19 6.57 5.10 4.99
N LEU C 20 6.55 6.14 4.18
CA LEU C 20 5.76 7.33 4.47
C LEU C 20 4.52 7.37 3.60
N PHE C 21 3.49 8.06 4.05
CA PHE C 21 2.27 8.20 3.25
C PHE C 21 1.97 9.69 3.04
N CYS C 22 1.13 10.04 2.02
CA CYS C 22 0.79 11.41 1.65
C CYS C 22 -0.55 11.89 2.22
N ALA C 23 -0.64 13.19 2.43
CA ALA C 23 -1.84 13.81 2.96
C ALA C 23 -2.18 14.97 2.05
N SER C 24 -3.25 14.80 1.31
CA SER C 24 -3.73 15.75 0.32
C SER C 24 -4.15 17.15 0.74
N ASP C 25 -4.79 17.24 1.90
CA ASP C 25 -5.36 18.45 2.56
C ASP C 25 -6.78 18.89 2.15
N ALA C 26 -7.42 18.12 1.28
CA ALA C 26 -8.77 18.41 0.82
C ALA C 26 -8.98 19.85 0.37
N LYS C 33 -11.09 18.27 -10.50
CA LYS C 33 -11.33 16.82 -10.32
C LYS C 33 -10.12 15.97 -10.66
N HIS C 34 -9.37 16.37 -11.67
CA HIS C 34 -8.26 15.55 -12.09
C HIS C 34 -6.94 16.27 -12.14
N ASN C 35 -5.98 15.62 -11.54
CA ASN C 35 -4.62 16.08 -11.44
C ASN C 35 -3.73 14.87 -11.50
N VAL C 36 -2.63 15.03 -12.19
CA VAL C 36 -1.64 14.01 -12.42
C VAL C 36 -1.07 13.41 -11.15
N TRP C 37 -1.19 14.09 -10.02
CA TRP C 37 -0.61 13.54 -8.81
C TRP C 37 -1.55 12.61 -8.05
N ALA C 38 -2.76 12.39 -8.57
CA ALA C 38 -3.69 11.43 -7.98
C ALA C 38 -3.84 11.58 -6.49
N THR C 39 -4.12 12.78 -6.04
CA THR C 39 -4.20 13.10 -4.64
C THR C 39 -5.40 12.49 -3.96
N HIS C 40 -6.34 11.96 -4.72
CA HIS C 40 -7.50 11.31 -4.13
C HIS C 40 -7.09 10.01 -3.45
N ALA C 41 -5.89 9.51 -3.78
CA ALA C 41 -5.35 8.31 -3.17
C ALA C 41 -4.62 8.58 -1.80
N CYS C 42 -4.48 9.86 -1.39
CA CYS C 42 -3.81 10.35 -0.19
C CYS C 42 -4.83 10.54 0.94
N VAL C 43 -4.34 10.65 2.16
CA VAL C 43 -5.21 10.81 3.33
C VAL C 43 -5.28 12.23 3.91
N PRO C 44 -6.41 12.93 3.85
CA PRO C 44 -6.59 14.29 4.33
C PRO C 44 -6.18 14.45 5.77
N THR C 45 -5.54 15.57 6.07
CA THR C 45 -5.08 15.89 7.41
C THR C 45 -5.57 17.22 7.87
N ASP C 46 -5.43 17.47 9.16
CA ASP C 46 -5.77 18.74 9.77
C ASP C 46 -4.87 19.82 9.16
N PRO C 47 -5.39 21.01 8.80
CA PRO C 47 -4.64 22.15 8.29
C PRO C 47 -3.57 22.72 9.24
N ASN C 48 -3.64 22.43 10.54
CA ASN C 48 -2.65 22.96 11.47
C ASN C 48 -2.10 21.91 12.44
N PRO C 49 -1.25 20.98 11.97
CA PRO C 49 -0.68 19.93 12.78
C PRO C 49 0.07 20.60 13.89
N GLN C 50 0.07 20.02 15.07
CA GLN C 50 0.79 20.66 16.15
C GLN C 50 2.26 20.31 16.10
N GLU C 51 3.08 21.33 16.17
CA GLU C 51 4.52 21.19 16.19
C GLU C 51 5.06 21.26 17.60
N ILE C 52 5.84 20.26 17.99
CA ILE C 52 6.38 20.27 19.34
C ILE C 52 7.84 20.66 19.36
N HIS C 53 8.14 21.76 20.00
CA HIS C 53 9.51 22.23 20.10
C HIS C 53 10.30 21.42 21.08
N LEU C 54 11.51 21.00 20.75
CA LEU C 54 12.26 20.22 21.71
C LEU C 54 13.36 21.04 22.38
N GLU C 55 13.22 21.36 23.64
CA GLU C 55 14.26 22.16 24.24
C GLU C 55 15.42 21.27 24.59
N ASN C 56 16.67 21.78 24.48
CA ASN C 56 17.93 21.11 24.84
C ASN C 56 18.17 19.80 24.04
N VAL C 57 17.76 19.74 22.76
CA VAL C 57 17.96 18.58 21.88
C VAL C 57 18.73 18.95 20.65
N THR C 58 19.83 18.27 20.41
CA THR C 58 20.59 18.53 19.20
C THR C 58 20.59 17.28 18.36
N GLU C 59 20.20 17.43 17.12
CA GLU C 59 20.09 16.27 16.25
C GLU C 59 21.03 16.35 15.08
N GLU C 60 21.71 15.25 14.78
CA GLU C 60 22.65 15.19 13.66
C GLU C 60 21.92 14.96 12.33
N PHE C 61 22.05 15.90 11.42
CA PHE C 61 21.39 15.81 10.12
C PHE C 61 22.34 15.60 8.96
N ASN C 62 21.83 14.95 7.92
CA ASN C 62 22.57 14.84 6.68
C ASN C 62 21.61 14.74 5.52
N MET C 63 21.37 15.85 4.85
CA MET C 63 20.39 15.90 3.77
C MET C 63 20.80 15.11 2.55
N TRP C 64 22.06 14.73 2.47
CA TRP C 64 22.56 14.05 1.30
C TRP C 64 22.37 12.56 1.40
N LYS C 65 21.96 12.07 2.57
CA LYS C 65 21.78 10.65 2.79
C LYS C 65 20.40 10.39 3.35
N ASN C 66 19.51 11.32 3.06
CA ASN C 66 18.14 11.31 3.53
C ASN C 66 17.27 10.50 2.59
N ASN C 67 16.79 9.35 3.03
CA ASN C 67 16.07 8.47 2.12
C ASN C 67 14.67 8.96 1.80
N MET C 68 14.24 10.06 2.39
CA MET C 68 12.93 10.61 2.11
C MET C 68 12.92 11.10 0.68
N VAL C 69 14.11 11.44 0.19
CA VAL C 69 14.32 11.95 -1.13
C VAL C 69 14.07 10.88 -2.13
N GLU C 70 14.58 9.69 -1.83
CA GLU C 70 14.42 8.56 -2.70
C GLU C 70 12.98 8.17 -2.75
N GLN C 71 12.30 8.27 -1.62
CA GLN C 71 10.91 7.92 -1.66
C GLN C 71 10.11 8.90 -2.47
N MET C 72 10.38 10.21 -2.37
CA MET C 72 9.57 11.02 -3.26
C MET C 72 9.89 10.73 -4.66
N HIS C 73 11.15 10.50 -4.98
CA HIS C 73 11.44 10.28 -6.36
C HIS C 73 10.59 9.13 -6.86
N GLU C 74 10.58 8.01 -6.13
CA GLU C 74 9.81 6.88 -6.59
C GLU C 74 8.31 7.14 -6.62
N ASP C 75 7.76 7.84 -5.63
CA ASP C 75 6.32 8.05 -5.66
C ASP C 75 5.93 8.94 -6.80
N ILE C 76 6.73 9.93 -7.09
CA ILE C 76 6.42 10.85 -8.16
C ILE C 76 6.43 10.13 -9.49
N ILE C 77 7.39 9.25 -9.71
CA ILE C 77 7.43 8.54 -10.97
C ILE C 77 6.19 7.68 -11.08
N SER C 78 5.84 6.99 -10.02
CA SER C 78 4.70 6.11 -10.11
C SER C 78 3.40 6.84 -10.30
N LEU C 79 3.22 8.00 -9.67
CA LEU C 79 1.98 8.72 -9.83
C LEU C 79 1.86 9.16 -11.27
N TRP C 80 2.98 9.57 -11.84
CA TRP C 80 3.03 10.03 -13.22
C TRP C 80 2.56 8.91 -14.15
N ASP C 81 3.09 7.70 -13.95
CA ASP C 81 2.72 6.60 -14.79
C ASP C 81 1.27 6.19 -14.60
N GLN C 82 0.76 6.26 -13.38
CA GLN C 82 -0.63 5.88 -13.19
C GLN C 82 -1.53 6.80 -13.97
N SER C 83 -1.16 8.08 -14.04
CA SER C 83 -1.95 9.03 -14.77
C SER C 83 -1.99 8.72 -16.26
N LEU C 84 -0.84 8.38 -16.85
CA LEU C 84 -0.81 8.06 -18.28
C LEU C 84 -1.30 6.68 -18.66
N LYS C 85 -1.19 5.73 -17.77
CA LYS C 85 -1.60 4.37 -18.08
C LYS C 85 -2.93 4.24 -18.85
N PRO C 86 -4.06 4.86 -18.45
CA PRO C 86 -5.35 4.79 -19.13
C PRO C 86 -5.62 5.74 -20.31
N CYS C 87 -4.62 6.54 -20.77
CA CYS C 87 -4.79 7.56 -21.80
C CYS C 87 -4.63 6.98 -23.21
N VAL C 88 -4.90 7.80 -24.22
CA VAL C 88 -4.89 7.38 -25.62
C VAL C 88 -3.51 6.88 -26.04
N LYS C 89 -3.46 5.68 -26.60
CA LYS C 89 -2.20 5.02 -27.00
C LYS C 89 -1.36 5.71 -28.07
N LEU C 90 -2.03 6.30 -29.04
CA LEU C 90 -1.42 7.06 -30.12
C LEU C 90 -0.30 6.34 -30.93
N THR C 91 -0.25 5.03 -30.86
CA THR C 91 0.74 4.30 -31.64
C THR C 91 0.68 4.57 -33.15
N PRO C 92 -0.51 4.61 -33.81
CA PRO C 92 -0.71 4.79 -35.23
C PRO C 92 -0.11 6.06 -35.79
N LEU C 93 0.27 7.02 -34.95
CA LEU C 93 0.89 8.24 -35.45
C LEU C 93 2.33 8.07 -35.96
N CYS C 94 3.02 6.95 -35.62
CA CYS C 94 4.41 6.72 -36.02
C CYS C 94 4.46 6.24 -37.48
N VAL C 95 4.35 7.22 -38.37
CA VAL C 95 4.30 7.07 -39.82
C VAL C 95 5.27 7.98 -40.50
N THR C 96 5.50 7.79 -41.79
CA THR C 96 6.33 8.74 -42.48
C THR C 96 5.48 9.97 -42.70
N LEU C 97 6.02 11.12 -42.35
CA LEU C 97 5.35 12.39 -42.49
C LEU C 97 5.89 13.12 -43.70
N GLN C 98 5.03 13.87 -44.38
CA GLN C 98 5.46 14.75 -45.46
C GLN C 98 5.43 16.15 -44.88
N CYS C 99 6.60 16.84 -44.72
CA CYS C 99 6.66 18.13 -44.02
C CYS C 99 7.38 19.21 -44.80
N THR C 100 6.86 20.42 -44.66
CA THR C 100 7.45 21.65 -45.20
C THR C 100 7.54 22.64 -44.04
N ASN C 101 8.30 23.74 -44.21
CA ASN C 101 8.44 24.81 -43.21
C ASN C 101 7.20 25.70 -43.18
N VAL C 102 6.86 26.27 -41.99
CA VAL C 102 5.83 27.29 -41.89
C VAL C 102 6.55 28.60 -42.10
N THR C 103 6.23 29.27 -43.20
CA THR C 103 6.91 30.49 -43.59
C THR C 103 5.99 31.69 -43.76
N ASN C 104 4.69 31.50 -43.60
CA ASN C 104 3.76 32.56 -43.97
C ASN C 104 3.86 33.92 -43.24
N ASN C 105 4.09 33.92 -41.93
CA ASN C 105 4.11 35.17 -41.23
C ASN C 105 5.09 35.29 -40.06
N ILE C 106 6.08 34.40 -40.02
CA ILE C 106 7.06 34.39 -38.93
C ILE C 106 8.09 35.52 -38.97
N THR C 107 8.66 35.82 -37.81
CA THR C 107 9.69 36.86 -37.67
C THR C 107 11.06 36.19 -37.66
N ASP C 108 12.13 36.97 -37.73
CA ASP C 108 13.45 36.35 -37.90
C ASP C 108 13.88 35.21 -36.98
N ASP C 109 13.72 35.39 -35.68
CA ASP C 109 14.11 34.35 -34.72
C ASP C 109 13.38 33.01 -34.88
N MET C 110 12.10 33.07 -35.24
CA MET C 110 11.27 31.87 -35.37
C MET C 110 11.48 31.12 -36.69
N ARG C 111 12.48 31.52 -37.46
CA ARG C 111 12.75 30.85 -38.73
C ARG C 111 13.17 29.40 -38.52
N GLY C 112 12.66 28.53 -39.37
CA GLY C 112 12.97 27.12 -39.32
C GLY C 112 12.76 26.39 -38.00
N GLU C 113 11.80 26.85 -37.19
CA GLU C 113 11.53 26.18 -35.93
C GLU C 113 10.15 25.56 -35.79
N LEU C 114 9.32 25.76 -36.79
CA LEU C 114 7.97 25.23 -36.80
C LEU C 114 7.69 24.62 -38.15
N LYS C 115 7.18 23.39 -38.18
CA LYS C 115 6.91 22.70 -39.44
C LYS C 115 5.43 22.33 -39.62
N ASN C 116 5.00 22.29 -40.89
CA ASN C 116 3.68 21.90 -41.38
C ASN C 116 3.72 20.49 -41.97
N CYS C 117 3.14 19.49 -41.27
CA CYS C 117 3.19 18.07 -41.66
C CYS C 117 1.84 17.53 -42.05
N SER C 118 1.88 16.62 -43.03
CA SER C 118 0.72 15.91 -43.52
C SER C 118 0.99 14.43 -43.48
N PHE C 119 -0.01 13.67 -43.06
CA PHE C 119 0.13 12.23 -42.97
C PHE C 119 -1.18 11.45 -43.10
N ASN C 120 -1.06 10.13 -43.40
CA ASN C 120 -2.17 9.18 -43.52
C ASN C 120 -2.37 8.41 -42.21
N MET C 121 -3.42 8.76 -41.45
CA MET C 121 -3.77 8.22 -40.12
C MET C 121 -5.07 7.46 -40.20
N THR C 122 -5.24 6.49 -39.33
CA THR C 122 -6.44 5.68 -39.30
C THR C 122 -7.65 6.40 -38.75
N THR C 123 -8.82 5.84 -39.00
CA THR C 123 -10.12 6.31 -38.53
C THR C 123 -10.76 5.26 -37.63
N GLU C 124 -12.01 5.49 -37.17
CA GLU C 124 -12.64 4.51 -36.28
C GLU C 124 -12.76 3.15 -36.93
N LEU C 125 -13.11 3.14 -38.20
CA LEU C 125 -13.28 1.89 -38.88
C LEU C 125 -11.93 1.39 -39.32
N ARG C 126 -11.70 0.10 -39.13
CA ARG C 126 -10.44 -0.51 -39.48
C ARG C 126 -10.10 -0.36 -40.95
N ASP C 127 -11.09 -0.37 -41.83
CA ASP C 127 -10.82 -0.27 -43.24
C ASP C 127 -10.81 1.15 -43.82
N LYS C 128 -10.81 2.18 -42.98
CA LYS C 128 -10.80 3.55 -43.50
C LYS C 128 -9.62 4.38 -42.98
N LYS C 129 -9.19 5.34 -43.81
CA LYS C 129 -8.08 6.23 -43.49
C LYS C 129 -8.46 7.69 -43.76
N GLN C 130 -7.74 8.60 -43.10
CA GLN C 130 -7.96 10.03 -43.24
C GLN C 130 -6.65 10.80 -43.39
N LYS C 131 -6.72 11.92 -44.09
CA LYS C 131 -5.55 12.77 -44.23
C LYS C 131 -5.61 13.83 -43.17
N VAL C 132 -4.52 13.97 -42.44
CA VAL C 132 -4.45 14.89 -41.35
C VAL C 132 -3.32 15.86 -41.52
N TYR C 133 -3.60 17.12 -41.24
CA TYR C 133 -2.58 18.15 -41.28
C TYR C 133 -2.40 18.64 -39.88
N SER C 134 -1.17 18.86 -39.48
CA SER C 134 -0.91 19.37 -38.14
C SER C 134 0.41 20.09 -38.06
N LEU C 135 0.57 20.91 -37.03
CA LEU C 135 1.87 21.54 -36.89
C LEU C 135 2.69 20.90 -35.80
N PHE C 136 3.98 20.80 -36.06
CA PHE C 136 4.93 20.25 -35.11
C PHE C 136 6.10 21.17 -34.93
N TYR C 137 6.70 21.14 -33.77
CA TYR C 137 7.89 21.94 -33.56
C TYR C 137 9.07 21.20 -34.13
N ARG C 138 10.06 21.92 -34.61
CA ARG C 138 11.24 21.27 -35.19
C ARG C 138 11.86 20.26 -34.26
N LEU C 139 11.88 20.53 -32.98
CA LEU C 139 12.56 19.66 -32.06
C LEU C 139 12.03 18.23 -32.04
N ASP C 140 10.76 18.03 -32.35
CA ASP C 140 10.17 16.70 -32.27
C ASP C 140 10.15 15.90 -33.56
N VAL C 141 10.61 16.48 -34.64
CA VAL C 141 10.51 15.79 -35.91
C VAL C 141 11.90 15.59 -36.48
N VAL C 142 12.23 14.36 -36.82
CA VAL C 142 13.56 14.08 -37.31
C VAL C 142 13.53 13.63 -38.73
N GLN C 143 14.37 14.23 -39.55
CA GLN C 143 14.42 13.90 -40.97
C GLN C 143 15.12 12.58 -41.22
N ILE C 144 14.48 11.72 -42.02
CA ILE C 144 15.04 10.43 -42.37
C ILE C 144 15.71 10.52 -43.73
N ASN C 145 16.25 9.40 -44.20
CA ASN C 145 16.92 9.33 -45.49
C ASN C 145 17.95 10.44 -45.68
N LYS C 157 11.44 15.81 -48.15
CA LYS C 157 10.31 16.16 -47.29
C LYS C 157 9.88 15.02 -46.32
N GLU C 158 10.64 13.90 -46.21
CA GLU C 158 10.32 12.76 -45.35
C GLU C 158 10.88 12.86 -43.95
N TYR C 159 9.98 12.79 -42.99
CA TYR C 159 10.29 12.90 -41.58
C TYR C 159 9.56 11.87 -40.74
N ARG C 160 10.06 11.60 -39.56
CA ARG C 160 9.34 10.74 -38.63
C ARG C 160 9.36 11.38 -37.28
N LEU C 161 8.51 10.95 -36.38
CA LEU C 161 8.61 11.52 -35.06
C LEU C 161 9.82 10.99 -34.37
N ILE C 162 10.40 11.83 -33.53
CA ILE C 162 11.60 11.48 -32.83
C ILE C 162 11.51 10.25 -31.93
N ASN C 163 10.35 9.97 -31.37
CA ASN C 163 10.21 8.82 -30.49
C ASN C 163 10.15 7.43 -31.16
N CYS C 164 9.94 7.35 -32.50
CA CYS C 164 9.68 6.09 -33.22
C CYS C 164 10.75 5.03 -33.07
N ASN C 165 11.99 5.43 -32.99
CA ASN C 165 13.01 4.40 -32.89
C ASN C 165 13.40 4.04 -31.44
N THR C 166 12.62 4.51 -30.43
CA THR C 166 12.82 4.22 -29.02
C THR C 166 11.59 3.52 -28.47
N SER C 167 10.42 4.15 -28.58
CA SER C 167 9.19 3.55 -28.04
C SER C 167 7.94 4.22 -28.51
N ALA C 168 6.81 3.67 -28.09
CA ALA C 168 5.52 4.24 -28.37
C ALA C 168 5.33 5.46 -27.52
N ILE C 169 4.53 6.38 -28.01
CA ILE C 169 4.26 7.59 -27.26
C ILE C 169 2.85 7.62 -26.79
N THR C 170 2.63 7.89 -25.52
CA THR C 170 1.26 7.93 -24.98
C THR C 170 0.78 9.36 -24.89
N GLN C 171 -0.44 9.64 -25.32
CA GLN C 171 -0.95 10.99 -25.23
C GLN C 171 -1.39 11.29 -23.84
N ALA C 172 -1.01 12.42 -23.30
CA ALA C 172 -1.51 12.76 -21.98
C ALA C 172 -2.98 13.05 -22.09
N CYS C 173 -3.79 12.69 -21.07
CA CYS C 173 -5.23 12.96 -21.02
C CYS C 173 -5.48 14.47 -20.90
N PRO C 174 -6.31 15.07 -21.77
CA PRO C 174 -6.56 16.49 -21.89
C PRO C 174 -7.24 17.11 -20.68
N LYS C 175 -7.86 16.27 -19.86
CA LYS C 175 -8.57 16.76 -18.70
C LYS C 175 -7.74 16.73 -17.42
N VAL C 176 -6.51 16.23 -17.49
CA VAL C 176 -5.76 16.07 -16.25
C VAL C 176 -4.68 17.13 -16.11
N SER C 177 -4.76 17.92 -15.06
CA SER C 177 -3.81 19.00 -14.84
C SER C 177 -2.44 18.54 -14.37
N PHE C 178 -1.39 19.27 -14.78
CA PHE C 178 -0.03 18.98 -14.30
C PHE C 178 0.41 19.97 -13.24
N GLU C 179 -0.49 20.84 -12.82
CA GLU C 179 -0.16 21.84 -11.82
C GLU C 179 0.15 21.13 -10.50
N PRO C 180 1.20 21.47 -9.77
CA PRO C 180 1.52 20.86 -8.51
C PRO C 180 0.51 21.14 -7.44
N ILE C 181 0.28 20.15 -6.61
CA ILE C 181 -0.55 20.21 -5.44
C ILE C 181 0.38 19.86 -4.30
N PRO C 182 0.45 20.61 -3.21
CA PRO C 182 1.30 20.31 -2.09
C PRO C 182 1.08 18.91 -1.59
N ILE C 183 2.14 18.18 -1.36
CA ILE C 183 2.02 16.84 -0.82
C ILE C 183 2.68 16.79 0.52
N HIS C 184 1.93 16.65 1.57
CA HIS C 184 2.60 16.60 2.84
C HIS C 184 2.95 15.16 3.06
N TYR C 185 4.16 14.87 3.53
CA TYR C 185 4.52 13.50 3.84
C TYR C 185 4.41 13.25 5.31
N CYS C 186 3.63 12.23 5.70
CA CYS C 186 3.28 11.88 7.06
C CYS C 186 3.93 10.56 7.49
N ALA C 187 4.49 10.58 8.69
CA ALA C 187 5.09 9.38 9.23
C ALA C 187 4.00 8.43 9.70
N PRO C 188 4.24 7.12 9.67
CA PRO C 188 3.39 6.09 10.20
C PRO C 188 3.46 6.06 11.70
N ALA C 189 2.48 5.44 12.33
CA ALA C 189 2.51 5.33 13.76
C ALA C 189 3.77 4.64 14.22
N GLY C 190 4.37 5.15 15.29
CA GLY C 190 5.59 4.58 15.85
C GLY C 190 6.82 5.34 15.39
N PHE C 191 6.63 6.24 14.44
CA PHE C 191 7.67 7.06 13.87
C PHE C 191 7.35 8.53 14.00
N ALA C 192 8.36 9.35 13.89
CA ALA C 192 8.18 10.78 13.96
C ALA C 192 9.12 11.50 13.04
N ILE C 193 8.76 12.70 12.61
CA ILE C 193 9.65 13.46 11.76
C ILE C 193 10.27 14.59 12.52
N LEU C 194 11.58 14.66 12.51
CA LEU C 194 12.25 15.72 13.20
C LEU C 194 12.58 16.80 12.20
N LYS C 195 12.19 18.00 12.52
CA LYS C 195 12.39 19.15 11.67
C LYS C 195 13.51 20.04 12.23
N CYS C 196 14.46 20.46 11.38
CA CYS C 196 15.54 21.39 11.72
C CYS C 196 15.08 22.81 11.45
N LYS C 197 15.12 23.65 12.46
CA LYS C 197 14.68 25.01 12.31
C LYS C 197 15.78 26.05 12.24
N ASP C 198 17.03 25.66 12.43
CA ASP C 198 18.05 26.70 12.52
C ASP C 198 18.03 27.57 11.31
N LYS C 199 18.11 28.85 11.53
CA LYS C 199 18.20 29.73 10.41
C LYS C 199 19.56 29.41 9.87
N LYS C 200 19.72 29.43 8.56
CA LYS C 200 21.00 29.15 7.93
C LYS C 200 21.49 27.73 8.14
N PHE C 201 20.58 26.75 8.18
CA PHE C 201 21.06 25.39 8.26
C PHE C 201 21.48 24.99 6.85
N ASN C 202 22.74 24.51 6.71
CA ASN C 202 23.38 24.21 5.42
C ASN C 202 23.21 22.76 4.95
N GLY C 203 22.37 21.95 5.61
CA GLY C 203 22.08 20.56 5.26
C GLY C 203 22.83 19.51 6.04
N THR C 204 23.91 19.85 6.72
CA THR C 204 24.59 18.81 7.47
C THR C 204 24.99 19.22 8.87
N GLY C 205 25.29 18.23 9.68
CA GLY C 205 25.83 18.48 10.99
C GLY C 205 24.71 18.64 11.97
N PRO C 206 25.02 18.86 13.23
CA PRO C 206 24.08 19.01 14.27
C PRO C 206 23.28 20.26 14.06
N CYS C 207 22.00 20.21 14.45
CA CYS C 207 21.02 21.27 14.42
C CYS C 207 20.50 21.46 15.84
N PRO C 208 21.01 22.44 16.59
CA PRO C 208 20.60 22.80 17.93
C PRO C 208 19.14 23.22 18.10
N SER C 209 18.43 23.66 17.06
CA SER C 209 17.03 23.94 17.31
C SER C 209 16.15 23.09 16.43
N VAL C 210 15.50 22.11 17.05
CA VAL C 210 14.67 21.14 16.36
C VAL C 210 13.29 21.01 16.98
N SER C 211 12.39 20.44 16.20
CA SER C 211 11.04 20.17 16.66
C SER C 211 10.48 18.92 16.01
N THR C 212 9.38 18.43 16.54
CA THR C 212 8.75 17.24 15.99
C THR C 212 7.42 17.53 15.34
N VAL C 213 7.27 16.99 14.16
CA VAL C 213 6.04 17.11 13.42
C VAL C 213 5.59 15.74 12.97
N GLN C 214 4.33 15.60 12.64
CA GLN C 214 3.91 14.32 12.08
C GLN C 214 3.95 14.30 10.54
N CYS C 215 3.68 15.47 9.89
CA CYS C 215 3.62 15.66 8.45
C CYS C 215 4.49 16.85 8.05
N THR C 216 5.12 16.76 6.89
CA THR C 216 5.95 17.85 6.37
C THR C 216 5.09 18.97 5.80
N HIS C 217 5.69 20.13 5.59
CA HIS C 217 4.92 21.28 5.12
C HIS C 217 4.53 21.31 3.65
N GLY C 218 3.65 20.42 3.21
CA GLY C 218 3.23 20.46 1.81
C GLY C 218 4.17 20.70 0.64
N ILE C 219 5.28 20.02 0.60
CA ILE C 219 6.22 20.21 -0.49
C ILE C 219 5.54 20.06 -1.85
N LYS C 220 5.78 20.97 -2.77
CA LYS C 220 5.17 20.87 -4.08
C LYS C 220 6.07 20.14 -5.05
N PRO C 221 5.57 19.22 -5.88
CA PRO C 221 6.31 18.48 -6.87
C PRO C 221 6.56 19.29 -8.11
N VAL C 222 7.34 20.34 -7.97
CA VAL C 222 7.65 21.21 -9.10
C VAL C 222 8.77 20.59 -9.88
N VAL C 223 8.62 20.49 -11.18
CA VAL C 223 9.67 19.89 -11.99
C VAL C 223 10.39 20.90 -12.82
N SER C 224 11.69 21.04 -12.59
CA SER C 224 12.53 21.96 -13.33
C SER C 224 13.99 21.59 -13.31
N THR C 225 14.71 22.25 -14.19
CA THR C 225 16.16 22.20 -14.27
C THR C 225 16.73 23.60 -14.14
N GLN C 226 18.04 23.73 -13.96
CA GLN C 226 18.79 25.00 -13.85
C GLN C 226 18.46 25.85 -12.62
N LEU C 227 17.22 26.30 -12.57
CA LEU C 227 16.68 27.14 -11.52
C LEU C 227 15.61 26.38 -10.77
N LEU C 228 15.46 26.67 -9.49
CA LEU C 228 14.41 26.04 -8.75
C LEU C 228 13.26 26.99 -8.65
N LEU C 229 12.07 26.52 -8.94
CA LEU C 229 10.91 27.37 -8.90
C LEU C 229 9.94 27.03 -7.78
N ASN C 230 9.23 28.08 -7.28
CA ASN C 230 8.11 28.05 -6.34
C ASN C 230 8.40 27.25 -5.05
N GLY C 231 9.62 27.36 -4.49
CA GLY C 231 10.05 26.70 -3.26
C GLY C 231 10.00 27.65 -2.10
N SER C 232 10.64 27.27 -1.03
CA SER C 232 10.66 28.10 0.14
C SER C 232 11.86 29.02 0.11
N LEU C 233 11.80 30.08 0.90
CA LEU C 233 12.89 31.02 1.00
C LEU C 233 13.60 30.95 2.29
N ALA C 234 14.87 31.34 2.26
CA ALA C 234 15.69 31.45 3.43
C ALA C 234 15.17 32.62 4.23
N GLU C 235 15.26 32.58 5.54
CA GLU C 235 14.76 33.69 6.35
C GLU C 235 15.57 34.97 6.23
N GLU C 236 16.88 34.88 6.14
CA GLU C 236 17.66 36.11 6.06
C GLU C 236 18.81 36.14 5.07
N GLU C 237 19.45 35.01 4.81
CA GLU C 237 20.59 35.05 3.89
C GLU C 237 20.55 33.91 2.92
N VAL C 238 21.24 34.09 1.82
CA VAL C 238 21.39 33.04 0.85
C VAL C 238 22.17 31.90 1.46
N ILE C 239 21.67 30.69 1.30
CA ILE C 239 22.33 29.53 1.91
C ILE C 239 22.90 28.60 0.87
N ILE C 240 24.17 28.28 1.02
CA ILE C 240 24.78 27.36 0.08
C ILE C 240 24.91 25.99 0.69
N ARG C 241 24.34 24.99 0.01
CA ARG C 241 24.37 23.62 0.50
C ARG C 241 25.04 22.70 -0.50
N SER C 242 25.91 21.84 -0.05
CA SER C 242 26.52 20.90 -0.97
C SER C 242 26.97 19.69 -0.19
N GLU C 243 27.17 18.58 -0.87
CA GLU C 243 27.69 17.41 -0.18
C GLU C 243 29.16 17.59 0.23
N ASN C 244 29.99 18.12 -0.69
CA ASN C 244 31.41 18.40 -0.57
C ASN C 244 31.73 19.57 -1.51
N ILE C 245 31.82 20.80 -0.99
CA ILE C 245 31.97 22.03 -1.78
C ILE C 245 33.29 22.12 -2.55
N THR C 246 34.31 21.45 -2.03
CA THR C 246 35.60 21.46 -2.70
C THR C 246 35.74 20.35 -3.73
N ASN C 247 34.72 19.51 -3.86
CA ASN C 247 34.70 18.42 -4.82
C ASN C 247 33.97 18.91 -6.07
N ASN C 248 34.64 19.01 -7.19
CA ASN C 248 34.03 19.58 -8.38
C ASN C 248 33.03 18.63 -9.03
N ALA C 249 32.93 17.44 -8.51
CA ALA C 249 32.01 16.45 -9.00
C ALA C 249 30.65 16.57 -8.33
N LYS C 250 30.51 17.45 -7.36
CA LYS C 250 29.25 17.58 -6.64
C LYS C 250 28.48 18.82 -7.01
N ASN C 251 27.16 18.77 -6.88
CA ASN C 251 26.35 19.93 -7.18
C ASN C 251 26.22 20.81 -5.97
N ILE C 252 25.99 22.09 -6.22
CA ILE C 252 25.75 23.07 -5.20
C ILE C 252 24.33 23.59 -5.29
N LEU C 253 23.60 23.53 -4.20
CA LEU C 253 22.24 24.02 -4.19
C LEU C 253 22.21 25.33 -3.44
N VAL C 254 21.70 26.36 -4.07
CA VAL C 254 21.68 27.66 -3.44
C VAL C 254 20.26 28.12 -3.15
N GLN C 255 19.95 28.38 -1.90
CA GLN C 255 18.61 28.84 -1.56
C GLN C 255 18.56 30.34 -1.42
N LEU C 256 17.60 30.98 -2.04
CA LEU C 256 17.55 32.42 -1.97
C LEU C 256 16.74 32.91 -0.80
N ASN C 257 17.06 34.12 -0.36
CA ASN C 257 16.34 34.79 0.72
C ASN C 257 15.37 35.85 0.22
N THR C 258 15.10 35.80 -1.06
CA THR C 258 14.17 36.71 -1.70
C THR C 258 13.84 36.06 -3.02
N PRO C 259 12.62 36.12 -3.53
CA PRO C 259 12.25 35.55 -4.80
C PRO C 259 12.71 36.41 -5.94
N VAL C 260 12.91 35.79 -7.07
CA VAL C 260 13.09 36.56 -8.30
C VAL C 260 11.90 36.26 -9.18
N GLN C 261 11.18 37.29 -9.58
CA GLN C 261 10.01 37.03 -10.39
C GLN C 261 10.40 36.81 -11.82
N ILE C 262 9.86 35.75 -12.39
CA ILE C 262 10.09 35.44 -13.80
C ILE C 262 8.73 35.25 -14.52
N ASN C 263 8.52 36.02 -15.61
CA ASN C 263 7.29 36.02 -16.43
C ASN C 263 7.53 35.31 -17.76
N CYS C 264 6.94 34.10 -17.96
CA CYS C 264 7.16 33.27 -19.15
C CYS C 264 5.91 33.21 -20.00
N THR C 265 6.12 33.23 -21.30
CA THR C 265 5.02 33.17 -22.23
C THR C 265 5.28 32.50 -23.56
N ARG C 266 4.20 32.05 -24.15
CA ARG C 266 4.18 31.50 -25.49
C ARG C 266 3.17 32.34 -26.26
N PRO C 267 3.60 33.49 -26.82
CA PRO C 267 2.74 34.55 -27.32
C PRO C 267 2.17 34.29 -28.70
N ASN C 268 1.46 33.20 -28.87
CA ASN C 268 0.88 32.83 -30.16
C ASN C 268 -0.49 32.26 -29.90
N ASN C 269 -1.51 32.64 -30.70
CA ASN C 269 -2.90 32.20 -30.53
C ASN C 269 -3.12 30.84 -31.24
N ASN C 270 -3.07 29.76 -30.44
CA ASN C 270 -3.12 28.36 -30.86
C ASN C 270 -4.50 27.79 -31.03
N THR C 271 -4.84 27.40 -32.26
CA THR C 271 -6.13 26.80 -32.52
C THR C 271 -5.94 25.30 -32.52
N VAL C 272 -6.62 24.64 -31.60
CA VAL C 272 -6.51 23.20 -31.39
C VAL C 272 -7.60 22.42 -32.08
N LYS C 273 -7.21 21.36 -32.77
CA LYS C 273 -8.14 20.51 -33.47
C LYS C 273 -8.02 19.07 -33.01
N SER C 274 -9.05 18.28 -33.22
CA SER C 274 -8.94 16.88 -32.85
C SER C 274 -9.69 15.95 -33.79
N ILE C 275 -9.19 14.73 -33.85
CA ILE C 275 -9.77 13.65 -34.64
C ILE C 275 -9.86 12.35 -33.89
N ARG C 276 -10.70 11.44 -34.34
CA ARG C 276 -10.70 10.10 -33.76
C ARG C 276 -9.77 9.25 -34.59
N ILE C 277 -8.93 8.42 -33.95
CA ILE C 277 -8.02 7.59 -34.74
C ILE C 277 -8.28 6.10 -34.58
N GLY C 278 -9.39 5.79 -33.92
CA GLY C 278 -9.79 4.42 -33.63
C GLY C 278 -11.08 4.59 -32.86
N PRO C 279 -11.75 3.57 -32.40
CA PRO C 279 -12.93 3.75 -31.61
C PRO C 279 -12.50 4.61 -30.46
N GLY C 280 -13.21 5.70 -30.20
CA GLY C 280 -12.75 6.58 -29.15
C GLY C 280 -11.37 7.08 -29.61
N GLN C 281 -10.38 6.97 -28.73
CA GLN C 281 -9.01 7.37 -29.04
C GLN C 281 -8.87 8.75 -29.69
N ALA C 282 -9.41 9.79 -29.08
CA ALA C 282 -9.25 11.10 -29.72
C ALA C 282 -7.79 11.55 -29.63
N PHE C 283 -7.32 12.12 -30.72
CA PHE C 283 -6.00 12.69 -30.88
C PHE C 283 -6.05 14.19 -31.00
N TYR C 284 -5.21 14.88 -30.24
CA TYR C 284 -5.20 16.33 -30.28
C TYR C 284 -3.96 16.88 -30.93
N TYR C 285 -4.13 17.92 -31.72
CA TYR C 285 -3.00 18.53 -32.39
C TYR C 285 -3.22 20.00 -32.68
N THR C 286 -2.14 20.73 -32.94
CA THR C 286 -2.31 22.12 -33.31
C THR C 286 -2.74 22.17 -34.73
N GLY C 287 -3.82 22.89 -34.96
CA GLY C 287 -4.39 23.05 -36.26
C GLY C 287 -3.65 24.15 -36.95
N ASP C 288 -3.78 25.34 -36.38
CA ASP C 288 -3.11 26.48 -36.98
C ASP C 288 -2.90 27.57 -35.93
N ILE C 289 -2.28 28.65 -36.35
CA ILE C 289 -2.00 29.80 -35.49
C ILE C 289 -2.65 31.06 -36.05
N ILE C 290 -3.33 31.78 -35.18
CA ILE C 290 -3.98 33.00 -35.58
C ILE C 290 -3.02 34.15 -35.33
N GLY C 291 -2.73 34.91 -36.38
CA GLY C 291 -1.79 36.01 -36.29
C GLY C 291 -0.39 35.56 -36.63
N ASP C 292 0.58 36.43 -36.41
CA ASP C 292 1.96 36.17 -36.74
C ASP C 292 2.65 35.34 -35.67
N ILE C 293 3.76 34.72 -36.06
CA ILE C 293 4.53 33.84 -35.20
C ILE C 293 5.73 34.50 -34.53
N ARG C 294 5.82 34.27 -33.23
CA ARG C 294 6.91 34.77 -32.38
C ARG C 294 7.49 33.73 -31.43
N GLN C 295 8.77 33.87 -31.08
CA GLN C 295 9.39 32.92 -30.15
C GLN C 295 8.94 33.09 -28.70
N ALA C 296 8.87 31.95 -28.00
CA ALA C 296 8.54 31.90 -26.59
C ALA C 296 9.68 32.52 -25.80
N HIS C 297 9.35 33.11 -24.67
CA HIS C 297 10.40 33.77 -23.89
C HIS C 297 10.04 33.99 -22.42
N CYS C 298 11.06 34.28 -21.56
CA CYS C 298 10.91 34.64 -20.14
C CYS C 298 11.60 35.97 -19.81
N ASN C 299 10.92 36.78 -19.00
CA ASN C 299 11.39 38.09 -18.54
C ASN C 299 11.79 38.10 -17.06
N VAL C 300 13.07 38.46 -16.79
CA VAL C 300 13.68 38.61 -15.46
C VAL C 300 14.22 40.04 -15.31
N SER C 301 13.83 40.78 -14.27
CA SER C 301 14.33 42.16 -14.17
C SER C 301 15.84 42.20 -13.99
N LYS C 302 16.54 43.13 -14.68
CA LYS C 302 18.00 43.17 -14.51
C LYS C 302 18.47 43.56 -13.15
N ALA C 303 17.82 44.54 -12.54
CA ALA C 303 18.31 44.97 -11.26
C ALA C 303 18.17 43.88 -10.23
N THR C 304 17.06 43.17 -10.29
CA THR C 304 16.80 42.14 -9.33
C THR C 304 17.78 41.02 -9.51
N TRP C 305 17.99 40.63 -10.75
CA TRP C 305 18.90 39.55 -10.98
C TRP C 305 20.32 39.88 -10.55
N ASN C 306 20.83 41.12 -10.85
CA ASN C 306 22.19 41.52 -10.50
C ASN C 306 22.39 41.55 -8.97
N GLU C 307 21.37 42.00 -8.19
CA GLU C 307 21.44 41.99 -6.72
C GLU C 307 21.49 40.56 -6.21
N THR C 308 20.69 39.70 -6.83
CA THR C 308 20.64 38.31 -6.43
C THR C 308 21.99 37.67 -6.63
N LEU C 309 22.64 37.92 -7.75
CA LEU C 309 23.94 37.31 -7.89
C LEU C 309 24.90 37.91 -6.89
N GLY C 310 24.82 39.19 -6.63
CA GLY C 310 25.80 39.73 -5.69
C GLY C 310 25.72 39.01 -4.34
N LYS C 311 24.50 38.67 -3.90
CA LYS C 311 24.33 37.95 -2.64
C LYS C 311 24.96 36.56 -2.70
N VAL C 312 24.83 35.91 -3.85
CA VAL C 312 25.36 34.57 -4.07
C VAL C 312 26.87 34.59 -4.07
N VAL C 313 27.44 35.58 -4.74
CA VAL C 313 28.88 35.70 -4.83
C VAL C 313 29.48 35.88 -3.47
N LYS C 314 28.88 36.73 -2.65
CA LYS C 314 29.43 36.92 -1.33
C LYS C 314 29.47 35.60 -0.56
N GLN C 315 28.39 34.83 -0.64
CA GLN C 315 28.38 33.57 0.08
C GLN C 315 29.37 32.57 -0.49
N LEU C 316 29.57 32.57 -1.80
CA LEU C 316 30.54 31.66 -2.36
C LEU C 316 31.95 32.00 -1.88
N ARG C 317 32.26 33.28 -1.76
CA ARG C 317 33.59 33.68 -1.31
C ARG C 317 33.89 33.16 0.08
N LYS C 318 32.88 32.98 0.90
CA LYS C 318 33.15 32.46 2.23
C LYS C 318 33.77 31.06 2.18
N HIS C 319 33.61 30.33 1.08
CA HIS C 319 34.16 29.01 0.95
C HIS C 319 35.34 28.96 -0.01
N PHE C 320 35.36 29.87 -0.97
CA PHE C 320 36.44 29.83 -1.95
C PHE C 320 37.54 30.86 -1.74
N GLY C 321 37.38 31.73 -0.76
CA GLY C 321 38.40 32.70 -0.38
C GLY C 321 38.06 34.16 -0.56
N ASN C 322 38.39 34.95 0.45
CA ASN C 322 38.16 36.38 0.35
C ASN C 322 39.13 36.80 -0.72
N ASN C 323 38.65 37.68 -1.65
CA ASN C 323 39.27 38.20 -2.86
C ASN C 323 39.42 37.17 -3.96
N THR C 324 38.76 36.02 -3.83
CA THR C 324 38.71 35.04 -4.90
C THR C 324 37.73 35.57 -5.91
N ILE C 325 38.06 35.40 -7.18
CA ILE C 325 37.26 35.91 -8.28
C ILE C 325 36.25 34.89 -8.72
N ILE C 326 35.01 35.34 -8.86
CA ILE C 326 33.95 34.43 -9.25
C ILE C 326 33.34 34.75 -10.59
N ARG C 327 33.29 33.75 -11.44
CA ARG C 327 32.71 33.96 -12.74
C ARG C 327 31.57 33.02 -13.02
N PHE C 328 30.52 33.55 -13.58
CA PHE C 328 29.39 32.72 -13.96
C PHE C 328 29.44 32.51 -15.44
N ALA C 329 29.11 31.29 -15.82
CA ALA C 329 29.13 30.86 -17.20
C ALA C 329 28.04 29.87 -17.51
N GLN C 330 27.94 29.52 -18.78
CA GLN C 330 26.95 28.59 -19.30
C GLN C 330 27.34 27.14 -19.14
N SER C 331 26.35 26.26 -19.17
CA SER C 331 26.59 24.83 -19.12
C SER C 331 27.10 24.32 -20.45
N SER C 332 27.60 23.10 -20.46
CA SER C 332 28.07 22.47 -21.69
C SER C 332 26.83 22.22 -22.52
N GLY C 333 26.99 21.87 -23.79
CA GLY C 333 25.86 21.66 -24.69
C GLY C 333 25.37 20.22 -24.87
N GLY C 334 25.80 19.31 -24.01
CA GLY C 334 25.50 17.88 -24.16
C GLY C 334 24.03 17.41 -24.19
N ASP C 335 23.12 18.06 -23.47
CA ASP C 335 21.73 17.59 -23.43
C ASP C 335 20.68 18.70 -23.34
N LEU C 336 19.74 18.72 -24.27
CA LEU C 336 18.74 19.78 -24.29
C LEU C 336 18.00 19.98 -22.99
N GLU C 337 17.66 18.92 -22.26
CA GLU C 337 16.92 19.18 -21.05
C GLU C 337 17.86 19.71 -20.00
N VAL C 338 19.02 19.11 -19.90
CA VAL C 338 19.93 19.51 -18.83
C VAL C 338 20.45 20.93 -18.93
N THR C 339 20.79 21.36 -20.14
CA THR C 339 21.44 22.64 -20.38
C THR C 339 20.52 23.81 -20.53
N THR C 340 19.22 23.58 -20.45
CA THR C 340 18.28 24.67 -20.58
C THR C 340 17.40 24.62 -19.38
N HIS C 341 16.59 25.64 -19.17
CA HIS C 341 15.67 25.65 -18.06
C HIS C 341 14.37 25.10 -18.49
N SER C 342 14.09 23.90 -18.03
CA SER C 342 12.91 23.17 -18.39
C SER C 342 11.84 23.38 -17.38
N PHE C 343 10.62 23.61 -17.86
CA PHE C 343 9.43 23.75 -17.03
C PHE C 343 8.15 23.48 -17.82
N ASN C 344 7.01 23.35 -17.14
CA ASN C 344 5.73 23.02 -17.79
C ASN C 344 4.60 24.07 -17.79
N CYS C 345 4.95 25.36 -17.96
CA CYS C 345 4.03 26.51 -17.96
C CYS C 345 2.80 26.35 -18.84
N GLY C 346 1.65 26.31 -18.21
CA GLY C 346 0.38 26.25 -18.89
C GLY C 346 0.05 24.89 -19.46
N GLY C 347 0.88 23.90 -19.19
CA GLY C 347 0.69 22.58 -19.76
C GLY C 347 1.59 22.35 -20.99
N GLU C 348 2.36 23.37 -21.36
CA GLU C 348 3.28 23.25 -22.47
C GLU C 348 4.65 23.05 -21.89
N PHE C 349 5.55 22.46 -22.63
CA PHE C 349 6.88 22.29 -22.08
C PHE C 349 7.90 23.18 -22.74
N PHE C 350 8.48 24.02 -21.91
CA PHE C 350 9.44 25.04 -22.27
C PHE C 350 10.86 24.64 -21.99
N TYR C 351 11.74 25.01 -22.89
CA TYR C 351 13.19 24.82 -22.80
C TYR C 351 13.93 26.14 -23.04
N CYS C 352 14.18 26.93 -21.96
CA CYS C 352 14.70 28.29 -22.02
C CYS C 352 16.22 28.36 -21.92
N ASN C 353 16.80 29.24 -22.71
CA ASN C 353 18.23 29.47 -22.70
C ASN C 353 18.57 30.52 -21.63
N THR C 354 19.27 30.08 -20.56
CA THR C 354 19.61 30.82 -19.34
C THR C 354 20.92 31.53 -19.44
N SER C 355 21.54 31.56 -20.62
CA SER C 355 22.84 32.20 -20.74
C SER C 355 22.84 33.65 -20.36
N GLY C 356 21.72 34.33 -20.54
CA GLY C 356 21.60 35.75 -20.23
C GLY C 356 21.67 36.01 -18.74
N LEU C 357 21.54 34.97 -17.93
CA LEU C 357 21.59 35.09 -16.50
C LEU C 357 22.96 34.77 -15.93
N PHE C 358 23.79 34.06 -16.68
CA PHE C 358 25.06 33.58 -16.16
C PHE C 358 26.22 33.88 -17.10
N ASN C 359 26.52 35.18 -17.22
CA ASN C 359 27.55 35.70 -18.09
C ASN C 359 28.06 36.94 -17.38
N SER C 360 28.93 36.74 -16.39
CA SER C 360 29.46 37.85 -15.55
C SER C 360 30.65 37.50 -14.67
N THR C 361 31.59 38.43 -14.56
CA THR C 361 32.73 38.20 -13.67
C THR C 361 32.69 39.19 -12.52
N TRP C 362 32.71 38.67 -11.32
CA TRP C 362 32.62 39.45 -10.11
C TRP C 362 33.98 39.58 -9.43
N ILE C 363 34.49 40.81 -9.37
CA ILE C 363 35.86 41.03 -8.86
C ILE C 363 36.09 41.87 -7.58
N SER C 364 35.02 42.29 -6.86
CA SER C 364 35.09 43.15 -5.66
C SER C 364 35.69 44.51 -6.01
N ASN C 377 11.67 48.00 -15.20
CA ASN C 377 11.32 48.20 -16.61
C ASN C 377 12.34 47.53 -17.56
N ASP C 378 13.64 47.63 -17.23
CA ASP C 378 14.78 47.11 -18.01
C ASP C 378 15.03 45.65 -17.62
N SER C 379 14.70 44.74 -18.53
CA SER C 379 14.73 43.31 -18.23
C SER C 379 15.55 42.46 -19.18
N ILE C 380 15.87 41.28 -18.69
CA ILE C 380 16.60 40.25 -19.38
C ILE C 380 15.62 39.36 -20.09
N THR C 381 15.79 39.14 -21.38
CA THR C 381 14.87 38.25 -22.06
C THR C 381 15.59 36.99 -22.43
N LEU C 382 15.02 35.88 -22.01
CA LEU C 382 15.55 34.56 -22.27
C LEU C 382 14.69 33.93 -23.36
N PRO C 383 15.22 33.55 -24.52
CA PRO C 383 14.46 32.93 -25.58
C PRO C 383 14.18 31.53 -25.09
N CYS C 384 13.05 30.93 -25.49
CA CYS C 384 12.64 29.57 -25.12
C CYS C 384 12.10 28.77 -26.29
N ARG C 385 12.31 27.47 -26.28
CA ARG C 385 11.69 26.62 -27.28
C ARG C 385 10.56 25.80 -26.69
N ILE C 386 9.62 25.41 -27.53
CA ILE C 386 8.51 24.57 -27.11
C ILE C 386 8.61 23.20 -27.72
N LYS C 387 8.44 22.18 -26.90
CA LYS C 387 8.51 20.81 -27.39
C LYS C 387 7.26 20.05 -26.95
N GLN C 388 6.73 19.13 -27.78
CA GLN C 388 5.55 18.35 -27.39
C GLN C 388 5.86 16.92 -27.03
N ILE C 389 6.91 16.37 -27.60
CA ILE C 389 7.23 14.99 -27.24
C ILE C 389 8.20 15.01 -26.10
N ILE C 390 7.72 14.56 -24.98
CA ILE C 390 8.46 14.67 -23.78
C ILE C 390 8.93 13.34 -23.29
N ASN C 391 10.20 13.22 -23.00
CA ASN C 391 10.72 12.00 -22.45
C ASN C 391 11.41 12.36 -21.17
N MET C 392 10.70 12.22 -20.06
CA MET C 392 11.21 12.69 -18.79
C MET C 392 11.66 11.61 -17.81
N TRP C 393 12.23 12.09 -16.71
CA TRP C 393 12.75 11.31 -15.59
C TRP C 393 13.97 10.51 -15.96
N GLN C 394 14.59 10.86 -17.08
CA GLN C 394 15.78 10.22 -17.59
C GLN C 394 15.53 8.77 -17.96
N ARG C 395 14.28 8.40 -18.18
CA ARG C 395 13.97 7.05 -18.56
C ARG C 395 14.00 6.89 -20.05
N ILE C 396 14.11 5.66 -20.49
CA ILE C 396 14.08 5.39 -21.91
C ILE C 396 12.86 4.59 -22.31
N GLY C 397 12.14 5.13 -23.28
CA GLY C 397 10.98 4.47 -23.86
C GLY C 397 9.58 4.73 -23.28
N GLN C 398 9.40 5.79 -22.51
CA GLN C 398 8.08 6.09 -21.95
C GLN C 398 7.67 7.50 -22.34
N ALA C 399 7.80 7.81 -23.61
CA ALA C 399 7.50 9.12 -24.13
C ALA C 399 6.04 9.47 -23.96
N MET C 400 5.82 10.75 -23.73
CA MET C 400 4.51 11.34 -23.59
C MET C 400 4.26 12.40 -24.62
N TYR C 401 3.05 12.45 -25.16
CA TYR C 401 2.71 13.51 -26.08
C TYR C 401 1.90 14.55 -25.35
N ALA C 402 2.41 15.75 -25.30
CA ALA C 402 1.71 16.82 -24.64
C ALA C 402 0.72 17.45 -25.60
N PRO C 403 -0.60 17.45 -25.33
CA PRO C 403 -1.57 18.05 -26.16
C PRO C 403 -1.23 19.51 -26.20
N PRO C 404 -1.54 20.22 -27.28
CA PRO C 404 -1.36 21.64 -27.42
C PRO C 404 -2.39 22.34 -26.57
N ILE C 405 -2.07 23.53 -26.13
CA ILE C 405 -3.02 24.29 -25.35
C ILE C 405 -3.64 25.44 -26.14
N GLN C 406 -4.96 25.46 -26.15
CA GLN C 406 -5.76 26.45 -26.86
C GLN C 406 -5.56 27.86 -26.36
N GLY C 407 -5.33 28.78 -27.27
CA GLY C 407 -5.15 30.18 -26.91
C GLY C 407 -3.70 30.56 -26.62
N VAL C 408 -3.51 31.44 -25.64
CA VAL C 408 -2.21 32.03 -25.33
C VAL C 408 -1.86 31.81 -23.87
N ILE C 409 -0.62 31.39 -23.62
CA ILE C 409 -0.14 31.11 -22.27
C ILE C 409 0.80 32.09 -21.64
N ARG C 410 0.47 32.56 -20.42
CA ARG C 410 1.32 33.41 -19.56
C ARG C 410 1.39 32.89 -18.07
N CYS C 411 2.61 32.63 -17.54
CA CYS C 411 2.83 32.17 -16.15
C CYS C 411 3.73 33.13 -15.42
N VAL C 412 3.45 33.33 -14.15
CA VAL C 412 4.34 34.08 -13.31
C VAL C 412 4.81 33.17 -12.22
N SER C 413 6.09 32.95 -12.18
CA SER C 413 6.69 32.05 -11.22
C SER C 413 7.75 32.78 -10.43
N ASN C 414 8.11 32.23 -9.25
CA ASN C 414 9.19 32.78 -8.43
C ASN C 414 10.38 31.83 -8.45
N ILE C 415 11.61 32.36 -8.61
CA ILE C 415 12.85 31.59 -8.54
C ILE C 415 13.23 31.68 -7.10
N THR C 416 13.32 30.54 -6.46
CA THR C 416 13.57 30.50 -5.03
C THR C 416 14.89 29.84 -4.69
N GLY C 417 15.62 29.47 -5.72
CA GLY C 417 16.89 28.82 -5.56
C GLY C 417 17.55 28.54 -6.90
N LEU C 418 18.81 28.20 -6.85
CA LEU C 418 19.62 27.96 -8.04
C LEU C 418 20.38 26.65 -7.95
N ILE C 419 20.68 26.04 -9.08
CA ILE C 419 21.60 24.91 -9.07
C ILE C 419 22.88 25.37 -9.74
N LEU C 420 24.02 25.13 -9.11
CA LEU C 420 25.31 25.45 -9.69
C LEU C 420 26.30 24.31 -9.57
N THR C 421 27.22 24.20 -10.51
CA THR C 421 28.32 23.26 -10.37
C THR C 421 29.60 24.02 -10.57
N ARG C 422 30.68 23.55 -9.95
CA ARG C 422 31.94 24.25 -10.10
C ARG C 422 32.79 23.51 -11.10
N ASP C 423 33.44 24.25 -11.97
CA ASP C 423 34.26 23.66 -13.00
C ASP C 423 35.60 24.36 -13.14
N GLY C 424 36.66 23.65 -12.80
CA GLY C 424 38.01 24.15 -12.81
C GLY C 424 38.95 23.00 -12.52
N GLY C 425 40.25 23.27 -12.56
CA GLY C 425 41.24 22.22 -12.33
C GLY C 425 42.05 22.46 -11.07
N SER C 426 43.24 21.85 -11.04
CA SER C 426 44.15 21.93 -9.90
C SER C 426 44.95 23.22 -9.89
N THR C 427 44.95 23.93 -11.02
CA THR C 427 45.70 25.15 -11.15
C THR C 427 45.11 26.21 -10.26
N ASN C 428 45.95 26.88 -9.48
CA ASN C 428 45.43 27.93 -8.62
C ASN C 428 45.31 29.20 -9.43
N SER C 429 44.28 29.23 -10.26
CA SER C 429 44.02 30.32 -11.17
C SER C 429 43.47 31.51 -10.42
N THR C 430 42.97 31.24 -9.20
CA THR C 430 42.34 32.16 -8.25
C THR C 430 40.94 32.60 -8.69
N THR C 431 40.49 32.07 -9.83
CA THR C 431 39.16 32.34 -10.32
C THR C 431 38.40 31.04 -10.42
N GLU C 432 37.22 31.01 -9.83
CA GLU C 432 36.37 29.83 -9.88
C GLU C 432 35.26 30.09 -10.87
N THR C 433 34.84 29.07 -11.58
CA THR C 433 33.75 29.24 -12.52
C THR C 433 32.58 28.36 -12.18
N PHE C 434 31.40 28.98 -12.16
CA PHE C 434 30.20 28.24 -11.86
C PHE C 434 29.27 28.22 -13.04
N ARG C 435 28.67 27.06 -13.26
CA ARG C 435 27.77 26.87 -14.37
C ARG C 435 26.48 26.30 -13.79
N PRO C 436 25.31 26.52 -14.36
CA PRO C 436 24.04 25.98 -13.88
C PRO C 436 23.93 24.47 -13.61
N GLY C 437 24.57 23.64 -14.38
CA GLY C 437 24.46 22.22 -14.09
C GLY C 437 23.00 21.74 -14.05
N GLY C 438 22.67 20.99 -13.02
CA GLY C 438 21.32 20.47 -12.82
C GLY C 438 21.06 19.20 -13.63
N GLY C 439 19.77 18.84 -13.76
CA GLY C 439 19.32 17.65 -14.47
C GLY C 439 18.95 16.43 -13.62
N ASP C 440 19.37 16.38 -12.36
CA ASP C 440 19.03 15.26 -11.49
C ASP C 440 17.87 15.64 -10.60
N MET C 441 16.72 15.05 -10.82
CA MET C 441 15.51 15.44 -10.10
C MET C 441 15.58 15.30 -8.60
N ARG C 442 16.45 14.45 -8.11
CA ARG C 442 16.51 14.28 -6.68
C ARG C 442 17.03 15.53 -6.01
N ASP C 443 17.67 16.41 -6.77
CA ASP C 443 18.16 17.63 -6.20
C ASP C 443 17.02 18.58 -5.90
N ASN C 444 15.91 18.47 -6.62
CA ASN C 444 14.86 19.42 -6.32
C ASN C 444 14.26 19.02 -5.00
N TRP C 445 14.15 17.71 -4.82
CA TRP C 445 13.60 17.15 -3.61
C TRP C 445 14.55 17.38 -2.43
N ARG C 446 15.86 17.28 -2.67
CA ARG C 446 16.77 17.49 -1.57
C ARG C 446 16.67 18.91 -1.11
N SER C 447 16.46 19.84 -2.04
CA SER C 447 16.40 21.23 -1.68
C SER C 447 15.30 21.53 -0.70
N GLU C 448 14.11 20.99 -0.89
CA GLU C 448 13.02 21.26 0.06
C GLU C 448 12.94 20.34 1.28
N LEU C 449 13.41 19.10 1.18
CA LEU C 449 13.34 18.13 2.28
C LEU C 449 14.54 18.16 3.20
N TYR C 450 15.42 19.11 2.97
CA TYR C 450 16.68 19.22 3.67
C TYR C 450 16.54 19.33 5.18
N LYS C 451 15.42 19.79 5.65
CA LYS C 451 15.25 19.98 7.06
C LYS C 451 14.55 18.83 7.75
N TYR C 452 14.22 17.75 7.04
CA TYR C 452 13.49 16.68 7.74
C TYR C 452 14.23 15.38 7.88
N LYS C 453 14.05 14.74 9.03
CA LYS C 453 14.63 13.43 9.28
C LYS C 453 13.60 12.49 9.87
N VAL C 454 13.64 11.21 9.50
CA VAL C 454 12.68 10.27 10.09
C VAL C 454 13.32 9.36 11.11
N VAL C 455 12.72 9.31 12.29
CA VAL C 455 13.26 8.46 13.32
C VAL C 455 12.21 7.55 13.89
N LYS C 456 12.67 6.43 14.43
CA LYS C 456 11.85 5.45 15.08
C LYS C 456 11.80 5.69 16.55
N ILE C 457 10.62 5.62 17.11
CA ILE C 457 10.51 5.82 18.54
C ILE C 457 10.86 4.52 19.21
N GLU C 458 11.71 4.58 20.22
CA GLU C 458 12.12 3.39 20.97
C GLU C 458 11.74 3.55 22.42
N PRO C 459 10.47 3.34 22.78
CA PRO C 459 9.88 3.67 24.05
C PRO C 459 10.29 2.78 25.18
N LEU C 460 10.95 1.66 24.91
CA LEU C 460 11.28 0.74 25.98
C LEU C 460 12.73 0.83 26.40
N GLY C 461 12.98 0.91 27.71
CA GLY C 461 14.37 0.94 28.16
C GLY C 461 14.51 0.76 29.67
N VAL C 462 15.75 0.70 30.13
CA VAL C 462 15.98 0.48 31.55
C VAL C 462 16.96 1.47 32.14
N ALA C 463 16.94 1.59 33.45
CA ALA C 463 17.87 2.41 34.21
C ALA C 463 17.84 1.91 35.65
N PRO C 464 18.89 2.07 36.47
CA PRO C 464 18.90 1.69 37.87
C PRO C 464 18.16 2.62 38.79
N THR C 465 17.62 2.06 39.87
CA THR C 465 17.05 2.82 40.98
C THR C 465 16.98 1.98 42.25
N ARG C 466 16.30 2.52 43.27
CA ARG C 466 16.16 1.89 44.59
C ARG C 466 14.84 1.14 44.86
N CYS C 467 14.21 0.65 43.80
CA CYS C 467 12.98 -0.12 43.82
C CYS C 467 13.17 -1.58 43.43
N LYS C 468 12.70 -2.48 44.29
CA LYS C 468 12.78 -3.92 44.09
C LYS C 468 11.47 -4.59 44.54
N ARG C 469 10.94 -5.51 43.74
CA ARG C 469 9.68 -6.20 44.03
C ARG C 469 9.83 -7.10 45.26
N VAL D 1 1.85 23.18 32.05
CA VAL D 1 1.05 22.45 31.08
C VAL D 1 1.93 21.32 30.49
N SER D 2 1.34 20.46 29.62
CA SER D 2 2.02 19.36 28.92
C SER D 2 2.99 19.85 27.87
N LEU D 3 4.10 19.14 27.70
CA LEU D 3 5.06 19.50 26.68
C LEU D 3 4.79 18.83 25.35
N GLY D 4 3.82 17.91 25.31
CA GLY D 4 3.50 17.18 24.09
C GLY D 4 4.37 15.95 23.85
N PHE D 5 4.17 15.31 22.70
CA PHE D 5 4.87 14.08 22.36
C PHE D 5 6.33 14.41 22.10
N LEU D 6 7.25 13.75 22.82
CA LEU D 6 8.68 14.00 22.80
C LEU D 6 9.01 15.36 23.34
N GLY D 7 8.08 16.01 23.98
CA GLY D 7 8.35 17.31 24.54
C GLY D 7 9.42 17.23 25.61
N ALA D 8 9.48 16.11 26.30
CA ALA D 8 10.44 15.92 27.34
C ALA D 8 11.77 15.48 26.81
N ALA D 9 11.91 15.26 25.52
CA ALA D 9 13.20 14.83 25.07
C ALA D 9 14.18 15.91 25.41
N GLY D 10 15.32 15.54 25.95
CA GLY D 10 16.32 16.54 26.32
C GLY D 10 16.21 16.93 27.80
N SER D 11 15.09 16.59 28.45
CA SER D 11 14.92 16.90 29.85
C SER D 11 15.61 15.81 30.62
N THR D 12 15.78 15.97 31.91
CA THR D 12 16.51 14.93 32.57
C THR D 12 15.72 13.65 32.72
N MET D 13 16.42 12.56 33.00
CA MET D 13 15.76 11.28 33.10
C MET D 13 14.67 11.24 34.12
N GLY D 14 14.86 11.92 35.24
CA GLY D 14 13.87 11.92 36.30
C GLY D 14 12.74 12.90 36.06
N ALA D 15 12.86 13.74 35.04
CA ALA D 15 11.82 14.70 34.74
C ALA D 15 10.88 14.09 33.73
N ALA D 16 11.48 13.36 32.82
CA ALA D 16 10.83 12.74 31.67
C ALA D 16 9.94 11.60 32.08
N SER D 17 10.06 11.16 33.32
CA SER D 17 9.27 10.06 33.81
C SER D 17 7.82 10.49 33.92
N MET D 18 7.59 11.79 33.98
CA MET D 18 6.23 12.30 34.08
C MET D 18 5.51 12.36 32.74
N THR D 19 6.19 11.98 31.66
CA THR D 19 5.59 12.01 30.35
C THR D 19 5.49 10.62 29.76
N LEU D 20 5.64 9.59 30.59
CA LEU D 20 5.59 8.27 29.99
C LEU D 20 4.22 8.01 29.37
N THR D 21 3.16 8.53 29.97
CA THR D 21 1.84 8.28 29.43
C THR D 21 1.66 8.89 28.06
N VAL D 22 2.07 10.13 27.87
CA VAL D 22 1.84 10.76 26.57
C VAL D 22 2.61 10.08 25.48
N GLN D 23 3.74 9.49 25.80
CA GLN D 23 4.48 8.84 24.74
C GLN D 23 4.08 7.41 24.52
N ALA D 24 3.15 6.92 25.33
CA ALA D 24 2.68 5.56 25.22
C ALA D 24 1.35 5.54 24.49
N ARG D 25 0.54 6.56 24.73
CA ARG D 25 -0.80 6.62 24.18
C ARG D 25 -0.78 7.08 22.74
N ASN D 26 0.40 7.44 22.27
CA ASN D 26 0.60 7.87 20.92
C ASN D 26 1.23 6.79 20.09
N LEU D 27 1.26 5.57 20.60
CA LEU D 27 1.74 4.48 19.80
C LEU D 27 0.48 3.90 19.18
N LEU D 28 0.58 3.28 18.01
CA LEU D 28 -0.60 2.77 17.28
C LEU D 28 -1.57 3.86 16.77
N SER D 29 -1.10 5.12 16.62
CA SER D 29 -1.84 6.29 16.13
C SER D 29 -0.87 7.24 15.46
N THR D 52 -5.00 6.38 -7.92
CA THR D 52 -5.98 5.33 -7.70
C THR D 52 -5.36 4.19 -6.90
N HIS D 53 -6.17 3.58 -6.04
CA HIS D 53 -5.74 2.47 -5.17
C HIS D 53 -4.47 2.81 -4.38
N TRP D 54 -3.42 2.03 -4.58
CA TRP D 54 -2.13 2.21 -3.91
C TRP D 54 -2.24 2.29 -2.40
N GLY D 55 -3.08 1.45 -1.83
CA GLY D 55 -3.28 1.43 -0.40
C GLY D 55 -2.26 0.53 0.25
N ILE D 56 -1.63 -0.30 -0.58
CA ILE D 56 -0.64 -1.23 -0.15
C ILE D 56 0.44 -0.58 0.71
N LYS D 57 0.79 0.68 0.46
CA LYS D 57 1.79 1.29 1.29
C LYS D 57 1.20 1.57 2.64
N GLN D 58 -0.04 2.03 2.63
CA GLN D 58 -0.70 2.35 3.87
C GLN D 58 -0.90 1.09 4.68
N LEU D 59 -1.23 0.00 4.00
CA LEU D 59 -1.51 -1.24 4.65
C LEU D 59 -0.25 -1.81 5.25
N GLN D 60 0.86 -1.67 4.53
CA GLN D 60 2.12 -2.15 5.01
C GLN D 60 2.60 -1.36 6.22
N ALA D 61 2.29 -0.09 6.26
CA ALA D 61 2.66 0.75 7.38
C ALA D 61 1.83 0.43 8.61
N ARG D 62 0.55 0.15 8.42
CA ARG D 62 -0.31 -0.17 9.54
C ARG D 62 0.09 -1.48 10.16
N VAL D 63 0.45 -2.44 9.32
CA VAL D 63 0.87 -3.72 9.83
C VAL D 63 2.15 -3.60 10.62
N LEU D 64 3.11 -2.83 10.12
CA LEU D 64 4.37 -2.71 10.83
C LEU D 64 4.18 -2.06 12.18
N ALA D 65 3.34 -1.04 12.27
CA ALA D 65 3.14 -0.39 13.55
C ALA D 65 2.63 -1.38 14.58
N VAL D 66 1.75 -2.27 14.14
CA VAL D 66 1.25 -3.26 15.05
C VAL D 66 2.33 -4.21 15.47
N GLU D 67 3.15 -4.66 14.54
CA GLU D 67 4.18 -5.60 14.93
C GLU D 67 5.14 -5.02 15.94
N HIS D 68 5.50 -3.76 15.79
CA HIS D 68 6.43 -3.22 16.74
C HIS D 68 5.79 -3.08 18.08
N TYR D 69 4.54 -2.67 18.11
CA TYR D 69 3.85 -2.52 19.36
C TYR D 69 3.82 -3.83 20.09
N LEU D 70 3.43 -4.89 19.39
CA LEU D 70 3.31 -6.16 20.04
C LEU D 70 4.62 -6.69 20.51
N ARG D 71 5.72 -6.45 19.80
CA ARG D 71 6.98 -6.94 20.30
C ARG D 71 7.33 -6.29 21.62
N ASP D 72 7.03 -5.02 21.79
CA ASP D 72 7.35 -4.44 23.08
C ASP D 72 6.45 -4.99 24.14
N GLN D 73 5.18 -5.22 23.82
CA GLN D 73 4.30 -5.74 24.84
C GLN D 73 4.65 -7.16 25.21
N GLN D 74 5.07 -7.95 24.24
CA GLN D 74 5.43 -9.31 24.54
C GLN D 74 6.59 -9.36 25.45
N LEU D 75 7.57 -8.51 25.20
CA LEU D 75 8.74 -8.55 26.02
C LEU D 75 8.42 -8.11 27.44
N LEU D 76 7.60 -7.08 27.58
CA LEU D 76 7.26 -6.66 28.91
C LEU D 76 6.50 -7.76 29.62
N GLY D 77 5.62 -8.45 28.90
CA GLY D 77 4.87 -9.53 29.51
C GLY D 77 5.80 -10.63 29.99
N ILE D 78 6.83 -10.96 29.22
CA ILE D 78 7.76 -12.02 29.61
C ILE D 78 8.43 -11.67 30.90
N TRP D 79 8.81 -10.43 31.05
CA TRP D 79 9.48 -9.94 32.25
C TRP D 79 8.56 -9.77 33.45
N GLY D 80 7.27 -9.97 33.27
CA GLY D 80 6.27 -9.77 34.32
C GLY D 80 5.66 -8.36 34.42
N CYS D 81 6.05 -7.45 33.52
CA CYS D 81 5.63 -6.05 33.46
C CYS D 81 4.42 -5.97 32.55
N SER D 82 3.37 -6.62 32.94
CA SER D 82 2.24 -6.78 32.06
C SER D 82 1.57 -5.49 31.62
N GLY D 83 1.01 -4.77 32.57
CA GLY D 83 0.29 -3.53 32.23
C GLY D 83 0.92 -2.26 32.77
N LYS D 84 2.11 -2.31 33.35
CA LYS D 84 2.65 -1.09 33.97
C LYS D 84 3.63 -0.27 33.13
N LEU D 85 3.57 1.05 33.26
CA LEU D 85 4.53 1.90 32.53
C LEU D 85 5.84 1.92 33.29
N ILE D 86 5.76 1.81 34.61
CA ILE D 86 6.96 1.75 35.46
C ILE D 86 6.93 0.40 36.16
N CYS D 87 7.96 -0.44 35.95
CA CYS D 87 8.01 -1.80 36.49
C CYS D 87 9.36 -2.09 37.10
N CYS D 88 9.34 -2.51 38.33
CA CYS D 88 10.59 -2.79 39.02
C CYS D 88 10.86 -4.27 38.88
N THR D 89 12.13 -4.65 38.82
CA THR D 89 12.51 -6.07 38.68
C THR D 89 13.63 -6.47 39.65
N ASN D 90 13.64 -7.74 40.07
CA ASN D 90 14.63 -8.24 41.04
C ASN D 90 16.09 -8.40 40.58
N VAL D 91 16.41 -7.97 39.36
CA VAL D 91 17.76 -8.08 38.85
C VAL D 91 18.54 -6.88 39.35
N PRO D 92 19.68 -7.06 40.03
CA PRO D 92 20.52 -6.00 40.57
C PRO D 92 21.22 -5.31 39.43
N TRP D 93 21.56 -4.07 39.63
CA TRP D 93 22.32 -3.31 38.66
C TRP D 93 23.81 -3.58 38.89
N ASN D 94 24.54 -3.87 37.81
CA ASN D 94 25.98 -4.11 37.79
C ASN D 94 26.72 -2.81 37.49
N SER D 95 27.75 -2.48 38.30
CA SER D 95 28.60 -1.29 38.13
C SER D 95 29.44 -1.42 36.88
N SER D 96 29.55 -2.65 36.38
CA SER D 96 30.29 -2.90 35.16
C SER D 96 29.51 -2.42 33.95
N TRP D 97 28.19 -2.23 34.08
CA TRP D 97 27.40 -1.77 32.96
C TRP D 97 27.51 -0.27 32.95
N SER D 98 27.35 0.31 34.12
CA SER D 98 27.45 1.74 34.26
C SER D 98 27.72 2.12 35.69
N ASN D 99 28.80 2.84 35.91
CA ASN D 99 29.15 3.26 37.25
C ASN D 99 29.05 4.75 37.39
N ARG D 100 27.91 5.19 37.88
CA ARG D 100 27.60 6.60 38.03
C ARG D 100 26.85 6.79 39.34
N ASN D 101 26.73 8.03 39.80
CA ASN D 101 25.98 8.31 41.01
C ASN D 101 24.51 8.21 40.64
N LEU D 102 23.67 7.89 41.61
CA LEU D 102 22.22 7.81 41.38
C LEU D 102 21.66 9.18 40.96
N SER D 103 22.19 10.24 41.54
CA SER D 103 21.75 11.58 41.18
C SER D 103 22.31 12.04 39.84
N GLU D 104 23.41 11.45 39.36
CA GLU D 104 23.86 11.90 38.07
C GLU D 104 22.92 11.36 37.03
N ILE D 105 22.55 10.11 37.24
CA ILE D 105 21.73 9.45 36.28
C ILE D 105 20.37 10.08 36.22
N TRP D 106 19.74 10.31 37.35
CA TRP D 106 18.40 10.85 37.28
C TRP D 106 18.27 12.37 37.18
N ASP D 107 19.22 13.12 37.72
CA ASP D 107 19.09 14.57 37.69
C ASP D 107 19.88 15.31 36.61
N ASN D 108 20.98 14.77 36.08
CA ASN D 108 21.70 15.53 35.07
C ASN D 108 21.56 14.98 33.66
N MET D 109 21.60 13.68 33.52
CA MET D 109 21.52 13.04 32.19
C MET D 109 20.14 13.00 31.61
N THR D 110 20.05 12.97 30.28
CA THR D 110 18.76 12.74 29.60
C THR D 110 18.67 11.31 29.11
N TRP D 111 17.51 10.91 28.58
CA TRP D 111 17.33 9.53 28.15
C TRP D 111 18.08 9.18 26.90
N LEU D 112 18.31 10.14 26.03
CA LEU D 112 19.04 9.83 24.81
C LEU D 112 20.48 9.50 25.17
N GLN D 113 21.02 10.22 26.14
CA GLN D 113 22.39 10.00 26.56
C GLN D 113 22.54 8.71 27.27
N TRP D 114 21.58 8.40 28.10
CA TRP D 114 21.61 7.18 28.85
C TRP D 114 21.57 6.00 27.92
N ASP D 115 20.70 6.05 26.93
CA ASP D 115 20.63 4.95 26.03
C ASP D 115 21.96 4.73 25.36
N LYS D 116 22.65 5.79 24.97
CA LYS D 116 23.94 5.56 24.34
C LYS D 116 24.94 4.95 25.31
N GLU D 117 24.94 5.41 26.55
CA GLU D 117 25.91 4.92 27.53
C GLU D 117 25.79 3.44 27.82
N ILE D 118 24.59 2.91 27.78
CA ILE D 118 24.45 1.49 28.07
C ILE D 118 23.96 0.68 26.90
N SER D 119 24.12 1.15 25.67
CA SER D 119 23.60 0.35 24.57
C SER D 119 24.24 -1.05 24.42
N ASN D 120 25.50 -1.23 24.87
CA ASN D 120 26.27 -2.49 24.77
C ASN D 120 25.78 -3.57 25.75
N TYR D 121 24.90 -3.22 26.72
CA TYR D 121 24.41 -4.13 27.75
C TYR D 121 22.95 -4.46 27.51
N THR D 122 22.41 -4.02 26.38
CA THR D 122 20.99 -4.24 26.18
C THR D 122 20.58 -5.69 26.22
N GLN D 123 21.33 -6.53 25.54
CA GLN D 123 20.89 -7.90 25.45
C GLN D 123 21.15 -8.69 26.70
N ILE D 124 22.17 -8.31 27.46
CA ILE D 124 22.43 -9.12 28.63
C ILE D 124 21.40 -8.76 29.68
N ILE D 125 21.01 -7.49 29.73
CA ILE D 125 20.03 -7.12 30.72
C ILE D 125 18.73 -7.79 30.38
N TYR D 126 18.34 -7.78 29.11
CA TYR D 126 17.09 -8.42 28.78
C TYR D 126 17.12 -9.89 29.11
N GLY D 127 18.21 -10.58 28.85
CA GLY D 127 18.26 -11.98 29.17
C GLY D 127 18.10 -12.23 30.66
N LEU D 128 18.73 -11.39 31.47
CA LEU D 128 18.63 -11.56 32.92
C LEU D 128 17.22 -11.32 33.41
N LEU D 129 16.54 -10.37 32.81
CA LEU D 129 15.19 -10.10 33.22
C LEU D 129 14.30 -11.28 32.93
N GLU D 130 14.50 -11.94 31.78
CA GLU D 130 13.68 -13.09 31.46
C GLU D 130 13.94 -14.22 32.44
N GLU D 131 15.20 -14.43 32.81
CA GLU D 131 15.49 -15.52 33.73
C GLU D 131 14.85 -15.29 35.08
N SER D 132 14.87 -14.05 35.54
CA SER D 132 14.30 -13.78 36.83
C SER D 132 12.83 -14.06 36.84
N GLN D 133 12.10 -13.61 35.82
CA GLN D 133 10.68 -13.85 35.87
C GLN D 133 10.35 -15.31 35.74
N ASN D 134 11.10 -16.04 34.93
CA ASN D 134 10.78 -17.45 34.80
C ASN D 134 10.96 -18.17 36.12
N GLN D 135 12.03 -17.85 36.83
CA GLN D 135 12.22 -18.52 38.10
C GLN D 135 11.15 -18.11 39.08
N GLN D 136 10.75 -16.85 39.05
CA GLN D 136 9.73 -16.40 39.95
C GLN D 136 8.44 -17.12 39.71
N GLU D 137 8.06 -17.36 38.47
CA GLU D 137 6.80 -18.05 38.25
C GLU D 137 6.84 -19.43 38.82
N LYS D 138 7.98 -20.10 38.67
CA LYS D 138 8.06 -21.43 39.22
C LYS D 138 7.96 -21.38 40.72
N ASN D 139 8.61 -20.42 41.36
CA ASN D 139 8.55 -20.38 42.79
C ASN D 139 7.13 -20.11 43.27
N GLU D 140 6.40 -19.26 42.56
CA GLU D 140 5.04 -18.96 42.98
C GLU D 140 4.19 -20.21 42.87
N GLN D 141 4.39 -20.98 41.81
CA GLN D 141 3.61 -22.19 41.64
C GLN D 141 3.85 -23.15 42.78
N ASP D 142 5.11 -23.27 43.21
CA ASP D 142 5.39 -24.18 44.30
C ASP D 142 4.76 -23.69 45.60
N LEU D 143 4.78 -22.40 45.86
CA LEU D 143 4.19 -21.94 47.09
C LEU D 143 2.70 -22.14 47.11
N LEU D 144 2.04 -21.95 45.97
CA LEU D 144 0.61 -22.15 45.93
C LEU D 144 0.30 -23.61 46.21
N ALA D 145 1.12 -24.49 45.69
CA ALA D 145 0.93 -25.90 45.92
C ALA D 145 1.05 -26.30 47.39
N LEU D 146 1.97 -25.66 48.11
CA LEU D 146 2.21 -25.98 49.51
C LEU D 146 1.23 -25.42 50.55
N ASP D 147 0.74 -24.17 50.36
CA ASP D 147 -0.18 -23.44 51.27
C ASP D 147 0.56 -23.05 52.56
N ASN E 1 -18.22 8.42 48.21
CA ASN E 1 -19.57 8.11 47.80
C ASN E 1 -19.56 7.06 46.67
N LEU E 2 -19.44 7.50 45.39
CA LEU E 2 -19.39 6.67 44.18
C LEU E 2 -18.12 6.91 43.43
N TRP E 3 -17.70 5.87 42.73
CA TRP E 3 -16.49 5.89 41.93
C TRP E 3 -16.74 5.30 40.56
N VAL E 4 -15.92 5.71 39.62
CA VAL E 4 -15.95 5.27 38.26
C VAL E 4 -15.55 3.81 38.13
N THR E 5 -16.36 3.02 37.44
CA THR E 5 -15.99 1.64 37.13
C THR E 5 -16.05 1.42 35.63
N VAL E 6 -15.00 0.82 35.14
CA VAL E 6 -14.83 0.59 33.74
C VAL E 6 -15.19 -0.83 33.33
N TYR E 7 -16.04 -0.97 32.34
CA TYR E 7 -16.45 -2.29 31.92
C TYR E 7 -16.09 -2.57 30.49
N TYR E 8 -15.58 -3.77 30.24
CA TYR E 8 -15.23 -4.13 28.88
C TYR E 8 -16.04 -5.32 28.41
N GLY E 9 -16.66 -5.18 27.25
CA GLY E 9 -17.54 -6.19 26.69
C GLY E 9 -18.98 -5.74 26.81
N VAL E 10 -19.18 -4.44 26.93
CA VAL E 10 -20.48 -3.85 27.06
C VAL E 10 -21.25 -3.94 25.74
N PRO E 11 -22.49 -4.46 25.70
CA PRO E 11 -23.27 -4.68 24.49
C PRO E 11 -23.92 -3.44 23.88
N VAL E 12 -23.09 -2.53 23.40
CA VAL E 12 -23.56 -1.31 22.76
C VAL E 12 -22.93 -1.07 21.40
N TRP E 13 -23.54 -0.21 20.61
CA TRP E 13 -23.04 0.09 19.28
C TRP E 13 -23.37 1.46 18.75
N LYS E 14 -22.67 1.83 17.67
CA LYS E 14 -22.86 3.09 16.96
C LYS E 14 -22.97 2.90 15.45
N ASP E 15 -23.66 3.82 14.77
CA ASP E 15 -23.73 3.71 13.31
C ASP E 15 -22.34 3.76 12.75
N ALA E 16 -22.02 2.93 11.75
CA ALA E 16 -20.67 3.02 11.23
C ALA E 16 -20.53 2.61 9.79
N GLU E 17 -19.48 3.10 9.16
CA GLU E 17 -19.17 2.72 7.81
C GLU E 17 -17.88 1.93 7.74
N THR E 18 -17.99 0.66 7.41
CA THR E 18 -16.82 -0.18 7.30
C THR E 18 -16.93 -0.94 6.04
N THR E 19 -15.90 -1.68 5.71
CA THR E 19 -15.89 -2.49 4.50
C THR E 19 -16.38 -3.89 4.79
N LEU E 20 -17.34 -4.35 4.01
CA LEU E 20 -17.90 -5.68 4.16
C LEU E 20 -17.20 -6.64 3.23
N PHE E 21 -17.26 -7.92 3.54
CA PHE E 21 -16.65 -8.89 2.64
C PHE E 21 -17.69 -9.90 2.13
N CYS E 22 -17.36 -10.57 1.00
CA CYS E 22 -18.19 -11.58 0.33
C CYS E 22 -18.00 -12.98 0.90
N ALA E 23 -19.13 -13.66 1.05
CA ALA E 23 -19.18 -15.04 1.46
C ALA E 23 -20.18 -15.78 0.57
N SER E 24 -19.98 -17.08 0.40
CA SER E 24 -20.86 -17.87 -0.47
C SER E 24 -20.92 -19.37 -0.06
N ASP E 25 -21.29 -20.27 -1.01
CA ASP E 25 -21.42 -21.73 -0.85
C ASP E 25 -20.19 -22.41 -1.45
N HIS E 34 -15.87 -20.18 -11.64
CA HIS E 34 -16.31 -20.47 -13.00
C HIS E 34 -17.62 -19.77 -13.33
N ASN E 35 -17.77 -18.55 -12.82
CA ASN E 35 -18.98 -17.78 -13.05
C ASN E 35 -18.68 -16.28 -13.05
N VAL E 36 -19.51 -15.51 -13.77
CA VAL E 36 -19.35 -14.08 -13.86
C VAL E 36 -19.26 -13.44 -12.49
N TRP E 37 -19.71 -14.14 -11.46
CA TRP E 37 -19.72 -13.55 -10.12
C TRP E 37 -18.53 -13.77 -9.22
N ALA E 38 -17.50 -14.42 -9.74
CA ALA E 38 -16.27 -14.65 -8.98
C ALA E 38 -16.51 -15.28 -7.62
N THR E 39 -17.35 -16.31 -7.60
CA THR E 39 -17.69 -16.97 -6.35
C THR E 39 -16.47 -17.56 -5.66
N HIS E 40 -15.59 -18.16 -6.46
CA HIS E 40 -14.37 -18.76 -5.96
C HIS E 40 -13.57 -17.82 -5.10
N ALA E 41 -13.81 -16.52 -5.27
CA ALA E 41 -13.06 -15.53 -4.52
C ALA E 41 -13.67 -15.21 -3.13
N CYS E 42 -14.85 -15.80 -2.77
CA CYS E 42 -15.61 -15.55 -1.56
C CYS E 42 -15.36 -16.70 -0.57
N VAL E 43 -15.48 -16.41 0.70
CA VAL E 43 -15.29 -17.46 1.70
C VAL E 43 -16.59 -18.21 1.90
N PRO E 44 -16.60 -19.50 2.16
CA PRO E 44 -17.81 -20.25 2.40
C PRO E 44 -18.43 -19.84 3.73
N THR E 45 -19.76 -19.89 3.83
CA THR E 45 -20.45 -19.62 5.09
C THR E 45 -20.75 -20.87 5.86
N ASP E 46 -21.05 -20.69 7.14
CA ASP E 46 -21.52 -21.79 7.97
C ASP E 46 -22.95 -22.13 7.57
N PRO E 47 -23.39 -23.38 7.67
CA PRO E 47 -24.78 -23.76 7.56
C PRO E 47 -25.51 -23.09 8.69
N ASN E 48 -26.76 -22.71 8.49
CA ASN E 48 -27.58 -22.14 9.54
C ASN E 48 -26.89 -21.08 10.39
N PRO E 49 -26.47 -19.93 9.84
CA PRO E 49 -25.79 -18.88 10.56
C PRO E 49 -26.64 -18.48 11.74
N GLN E 50 -26.01 -18.15 12.85
CA GLN E 50 -26.73 -17.77 14.07
C GLN E 50 -27.35 -16.38 14.04
N GLU E 51 -28.64 -16.33 14.36
CA GLU E 51 -29.38 -15.08 14.40
C GLU E 51 -29.88 -14.87 15.80
N ILE E 52 -29.60 -13.71 16.37
CA ILE E 52 -30.00 -13.43 17.73
C ILE E 52 -31.05 -12.37 17.87
N HIS E 53 -32.18 -12.73 18.45
CA HIS E 53 -33.22 -11.73 18.63
C HIS E 53 -32.82 -10.80 19.74
N LEU E 54 -33.01 -9.50 19.54
CA LEU E 54 -32.68 -8.58 20.62
C LEU E 54 -33.95 -8.19 21.32
N GLU E 55 -34.15 -8.71 22.50
CA GLU E 55 -35.39 -8.40 23.20
C GLU E 55 -35.31 -6.96 23.69
N ASN E 56 -36.45 -6.24 23.65
CA ASN E 56 -36.64 -4.86 24.13
C ASN E 56 -35.68 -3.83 23.45
N VAL E 57 -35.37 -4.00 22.14
CA VAL E 57 -34.52 -3.07 21.37
C VAL E 57 -35.25 -2.45 20.21
N THR E 58 -35.25 -1.13 20.20
CA THR E 58 -35.82 -0.41 19.09
C THR E 58 -34.66 0.30 18.45
N GLU E 59 -34.48 0.09 17.17
CA GLU E 59 -33.36 0.69 16.45
C GLU E 59 -33.95 1.68 15.49
N GLU E 60 -33.11 2.39 14.74
CA GLU E 60 -33.64 3.30 13.74
C GLU E 60 -32.93 3.08 12.41
N PHE E 61 -33.72 2.85 11.39
CA PHE E 61 -33.17 2.57 10.08
C PHE E 61 -33.49 3.64 9.08
N ASN E 62 -32.58 3.83 8.13
CA ASN E 62 -32.84 4.72 7.03
C ASN E 62 -32.20 4.15 5.81
N MET E 63 -32.97 3.44 5.04
CA MET E 63 -32.47 2.73 3.89
C MET E 63 -31.93 3.63 2.82
N TRP E 64 -32.31 4.90 2.81
CA TRP E 64 -31.90 5.76 1.73
C TRP E 64 -30.51 6.30 1.98
N LYS E 65 -29.99 6.04 3.17
CA LYS E 65 -28.68 6.50 3.59
C LYS E 65 -27.80 5.30 3.88
N ASN E 66 -28.25 4.13 3.44
CA ASN E 66 -27.57 2.88 3.69
C ASN E 66 -26.37 2.74 2.79
N ASN E 67 -25.18 2.59 3.37
CA ASN E 67 -23.97 2.51 2.57
C ASN E 67 -23.64 1.10 2.14
N MET E 68 -24.47 0.15 2.52
CA MET E 68 -24.24 -1.24 2.13
C MET E 68 -24.55 -1.34 0.67
N VAL E 69 -25.43 -0.46 0.24
CA VAL E 69 -25.91 -0.38 -1.11
C VAL E 69 -24.78 0.10 -1.97
N GLU E 70 -24.02 1.07 -1.48
CA GLU E 70 -22.94 1.60 -2.24
C GLU E 70 -21.87 0.57 -2.41
N GLN E 71 -21.61 -0.23 -1.37
CA GLN E 71 -20.60 -1.25 -1.57
C GLN E 71 -21.09 -2.31 -2.50
N MET E 72 -22.35 -2.71 -2.41
CA MET E 72 -22.81 -3.71 -3.33
C MET E 72 -22.66 -3.21 -4.74
N HIS E 73 -22.98 -1.95 -4.97
CA HIS E 73 -22.90 -1.37 -6.29
C HIS E 73 -21.49 -1.40 -6.81
N GLU E 74 -20.53 -0.95 -6.00
CA GLU E 74 -19.16 -0.92 -6.47
C GLU E 74 -18.59 -2.30 -6.67
N ASP E 75 -18.95 -3.25 -5.83
CA ASP E 75 -18.40 -4.56 -5.99
C ASP E 75 -18.94 -5.22 -7.22
N ILE E 76 -20.22 -5.05 -7.50
CA ILE E 76 -20.77 -5.67 -8.67
C ILE E 76 -20.16 -5.13 -9.92
N ILE E 77 -19.98 -3.83 -10.00
CA ILE E 77 -19.39 -3.30 -11.20
C ILE E 77 -17.98 -3.80 -11.35
N SER E 78 -17.21 -3.82 -10.27
CA SER E 78 -15.86 -4.30 -10.38
C SER E 78 -15.82 -5.73 -10.86
N LEU E 79 -16.69 -6.59 -10.33
CA LEU E 79 -16.68 -7.98 -10.76
C LEU E 79 -17.03 -8.11 -12.21
N TRP E 80 -17.96 -7.30 -12.67
CA TRP E 80 -18.36 -7.34 -14.06
C TRP E 80 -17.14 -7.10 -14.93
N ASP E 81 -16.39 -6.05 -14.63
CA ASP E 81 -15.24 -5.74 -15.44
C ASP E 81 -14.15 -6.78 -15.31
N GLN E 82 -13.99 -7.34 -14.12
CA GLN E 82 -12.95 -8.32 -13.92
C GLN E 82 -13.23 -9.55 -14.75
N SER E 83 -14.50 -9.89 -14.91
CA SER E 83 -14.89 -11.03 -15.71
C SER E 83 -14.46 -10.84 -17.15
N LEU E 84 -14.65 -9.63 -17.68
CA LEU E 84 -14.29 -9.34 -19.06
C LEU E 84 -12.81 -9.06 -19.32
N LYS E 85 -12.04 -8.66 -18.32
CA LYS E 85 -10.63 -8.37 -18.58
C LYS E 85 -9.88 -9.39 -19.45
N PRO E 86 -9.92 -10.71 -19.21
CA PRO E 86 -9.23 -11.71 -20.00
C PRO E 86 -9.90 -12.24 -21.28
N CYS E 87 -11.04 -11.65 -21.72
CA CYS E 87 -11.82 -12.14 -22.85
C CYS E 87 -11.38 -11.46 -24.16
N VAL E 88 -11.84 -12.00 -25.29
CA VAL E 88 -11.46 -11.52 -26.62
C VAL E 88 -11.95 -10.10 -26.95
N LYS E 89 -11.06 -9.25 -27.47
CA LYS E 89 -11.44 -7.89 -27.84
C LYS E 89 -11.77 -7.85 -29.31
N LEU E 90 -12.97 -7.44 -29.66
CA LEU E 90 -13.38 -7.50 -31.06
C LEU E 90 -13.10 -6.23 -31.80
N THR E 91 -11.91 -5.75 -31.69
CA THR E 91 -11.58 -4.53 -32.37
C THR E 91 -11.54 -4.72 -33.87
N PRO E 92 -11.12 -5.88 -34.43
CA PRO E 92 -11.10 -6.15 -35.83
C PRO E 92 -12.48 -6.14 -36.45
N LEU E 93 -13.54 -6.20 -35.64
CA LEU E 93 -14.90 -6.23 -36.14
C LEU E 93 -15.49 -4.85 -36.52
N CYS E 94 -14.88 -3.72 -36.07
CA CYS E 94 -15.40 -2.39 -36.36
C CYS E 94 -14.99 -1.97 -37.77
N VAL E 95 -15.72 -2.50 -38.73
CA VAL E 95 -15.49 -2.28 -40.15
C VAL E 95 -16.74 -1.91 -40.87
N THR E 96 -16.59 -1.42 -42.09
CA THR E 96 -17.80 -1.19 -42.88
C THR E 96 -18.51 -2.52 -43.11
N LEU E 97 -19.81 -2.56 -42.85
CA LEU E 97 -20.60 -3.76 -43.05
C LEU E 97 -21.52 -3.57 -44.24
N GLN E 98 -21.65 -4.60 -45.06
CA GLN E 98 -22.60 -4.56 -46.18
C GLN E 98 -23.83 -5.35 -45.74
N CYS E 99 -25.02 -4.69 -45.57
CA CYS E 99 -26.20 -5.35 -45.00
C CYS E 99 -27.43 -5.24 -45.89
N THR E 100 -28.22 -6.31 -45.86
CA THR E 100 -29.52 -6.42 -46.51
C THR E 100 -30.53 -6.97 -45.49
N ASN E 101 -31.85 -6.91 -45.80
CA ASN E 101 -32.92 -7.45 -44.93
C ASN E 101 -32.96 -8.99 -44.97
N VAL E 102 -33.31 -9.63 -43.82
CA VAL E 102 -33.61 -11.07 -43.79
C VAL E 102 -35.09 -11.19 -44.03
N THR E 103 -35.45 -11.77 -45.17
CA THR E 103 -36.84 -11.84 -45.57
C THR E 103 -37.36 -13.24 -45.76
N ASN E 104 -36.64 -14.22 -45.26
CA ASN E 104 -37.08 -15.58 -45.53
C ASN E 104 -38.45 -15.99 -44.95
N ASN E 105 -38.79 -15.55 -43.71
CA ASN E 105 -40.05 -15.88 -43.03
C ASN E 105 -40.38 -14.80 -41.98
N ILE E 106 -41.21 -13.83 -42.36
CA ILE E 106 -41.62 -12.63 -41.61
C ILE E 106 -43.05 -12.67 -41.10
N THR E 107 -43.22 -12.26 -39.83
CA THR E 107 -44.49 -12.17 -39.08
C THR E 107 -45.09 -10.78 -39.16
N ASP E 108 -44.36 -9.92 -39.83
CA ASP E 108 -44.55 -8.49 -40.04
C ASP E 108 -44.29 -7.64 -38.82
N ASP E 109 -43.89 -8.25 -37.70
CA ASP E 109 -43.45 -7.49 -36.54
C ASP E 109 -41.93 -7.41 -36.59
N MET E 110 -41.33 -8.45 -37.18
CA MET E 110 -39.90 -8.59 -37.33
C MET E 110 -39.43 -7.99 -38.63
N ARG E 111 -40.33 -7.41 -39.38
CA ARG E 111 -39.92 -6.88 -40.64
C ARG E 111 -39.02 -5.71 -40.39
N GLY E 112 -37.81 -5.79 -40.93
CA GLY E 112 -36.83 -4.75 -40.80
C GLY E 112 -35.96 -4.89 -39.53
N GLU E 113 -36.30 -5.84 -38.66
CA GLU E 113 -35.57 -6.02 -37.41
C GLU E 113 -34.31 -6.85 -37.53
N LEU E 114 -34.28 -7.78 -38.45
CA LEU E 114 -33.10 -8.62 -38.54
C LEU E 114 -32.39 -8.37 -39.85
N LYS E 115 -31.08 -8.11 -39.77
CA LYS E 115 -30.24 -7.84 -40.93
C LYS E 115 -29.20 -8.94 -41.19
N ASN E 116 -28.91 -9.18 -42.48
CA ASN E 116 -27.90 -10.09 -43.00
C ASN E 116 -26.71 -9.26 -43.48
N CYS E 117 -25.58 -9.32 -42.72
CA CYS E 117 -24.40 -8.49 -42.98
C CYS E 117 -23.19 -9.30 -43.40
N SER E 118 -22.40 -8.70 -44.28
CA SER E 118 -21.14 -9.26 -44.75
C SER E 118 -19.98 -8.33 -44.49
N PHE E 119 -18.87 -8.91 -44.08
CA PHE E 119 -17.67 -8.12 -43.79
C PHE E 119 -16.37 -8.89 -44.03
N ASN E 120 -15.24 -8.14 -44.19
CA ASN E 120 -13.89 -8.66 -44.37
C ASN E 120 -13.13 -8.65 -43.04
N MET E 121 -13.05 -9.83 -42.38
CA MET E 121 -12.48 -10.09 -41.05
C MET E 121 -11.04 -10.59 -41.12
N THR E 122 -10.24 -10.26 -40.10
CA THR E 122 -8.86 -10.71 -40.01
C THR E 122 -8.82 -12.16 -39.60
N THR E 123 -7.68 -12.81 -39.72
CA THR E 123 -7.65 -14.21 -39.31
C THR E 123 -6.35 -14.60 -38.66
N GLU E 124 -6.06 -15.89 -38.60
CA GLU E 124 -4.90 -16.44 -37.91
C GLU E 124 -3.61 -15.88 -38.46
N LEU E 125 -3.55 -15.70 -39.76
CA LEU E 125 -2.35 -15.18 -40.36
C LEU E 125 -2.61 -13.72 -40.66
N ARG E 126 -1.59 -12.90 -40.47
CA ARG E 126 -1.66 -11.45 -40.70
C ARG E 126 -1.91 -11.13 -42.17
N ASP E 127 -1.57 -12.07 -43.03
CA ASP E 127 -1.69 -11.91 -44.46
C ASP E 127 -3.04 -12.31 -45.04
N LYS E 128 -3.95 -12.84 -44.24
CA LYS E 128 -5.18 -13.34 -44.82
C LYS E 128 -6.41 -12.62 -44.30
N LYS E 129 -7.48 -12.65 -45.11
CA LYS E 129 -8.77 -12.06 -44.74
C LYS E 129 -9.89 -13.05 -45.03
N GLN E 130 -10.99 -12.93 -44.29
CA GLN E 130 -12.15 -13.80 -44.47
C GLN E 130 -13.41 -13.08 -44.85
N LYS E 131 -14.24 -13.73 -45.64
CA LYS E 131 -15.55 -13.18 -45.91
C LYS E 131 -16.53 -13.84 -44.98
N VAL E 132 -17.04 -13.07 -44.06
CA VAL E 132 -17.88 -13.57 -43.01
C VAL E 132 -19.27 -13.05 -43.14
N TYR E 133 -20.23 -13.94 -43.00
CA TYR E 133 -21.63 -13.57 -43.06
C TYR E 133 -22.22 -13.82 -41.72
N SER E 134 -23.03 -12.90 -41.23
CA SER E 134 -23.66 -13.08 -39.93
C SER E 134 -24.94 -12.31 -39.79
N LEU E 135 -25.74 -12.68 -38.80
CA LEU E 135 -26.96 -11.92 -38.59
C LEU E 135 -26.88 -11.00 -37.39
N PHE E 136 -27.42 -9.80 -37.56
CA PHE E 136 -27.46 -8.80 -36.52
C PHE E 136 -28.84 -8.23 -36.33
N TYR E 137 -29.12 -7.78 -35.14
CA TYR E 137 -30.38 -7.11 -34.90
C TYR E 137 -30.21 -5.66 -35.27
N ARG E 138 -31.27 -5.02 -35.72
CA ARG E 138 -31.24 -3.62 -36.10
C ARG E 138 -30.70 -2.72 -35.02
N LEU E 139 -30.99 -3.02 -33.78
CA LEU E 139 -30.59 -2.16 -32.69
C LEU E 139 -29.09 -2.07 -32.49
N ASP E 140 -28.32 -2.99 -33.08
CA ASP E 140 -26.88 -2.99 -32.94
C ASP E 140 -26.11 -2.28 -34.05
N VAL E 141 -26.82 -1.77 -35.08
CA VAL E 141 -26.11 -1.10 -36.18
C VAL E 141 -26.69 0.23 -36.56
N VAL E 142 -25.88 1.06 -37.19
CA VAL E 142 -26.34 2.32 -37.74
C VAL E 142 -25.88 2.45 -39.15
N GLN E 143 -26.50 3.33 -39.89
CA GLN E 143 -26.08 3.58 -41.24
C GLN E 143 -24.88 4.47 -41.22
N ILE E 144 -24.04 4.33 -42.21
CA ILE E 144 -22.87 5.19 -42.34
C ILE E 144 -23.14 6.51 -43.09
N ASN E 145 -23.89 6.46 -44.22
CA ASN E 145 -24.19 7.62 -45.08
C ASN E 145 -25.45 7.34 -45.90
N LYS E 157 -26.83 0.55 -48.05
CA LYS E 157 -26.44 -0.78 -47.55
C LYS E 157 -25.19 -0.80 -46.65
N GLU E 158 -24.51 0.36 -46.45
CA GLU E 158 -23.31 0.45 -45.59
C GLU E 158 -23.63 0.90 -44.19
N TYR E 159 -23.32 0.00 -43.26
CA TYR E 159 -23.56 0.06 -41.83
C TYR E 159 -22.31 -0.12 -41.00
N ARG E 160 -22.37 0.36 -39.78
CA ARG E 160 -21.30 0.12 -38.83
C ARG E 160 -21.90 -0.25 -37.51
N LEU E 161 -21.13 -0.88 -36.68
CA LEU E 161 -21.66 -1.21 -35.38
C LEU E 161 -21.79 0.06 -34.54
N ILE E 162 -22.78 0.08 -33.66
CA ILE E 162 -23.02 1.24 -32.81
C ILE E 162 -21.89 1.64 -31.89
N ASN E 163 -21.03 0.73 -31.51
CA ASN E 163 -19.93 1.09 -30.63
C ASN E 163 -18.71 1.76 -31.30
N CYS E 164 -18.64 1.81 -32.66
CA CYS E 164 -17.47 2.28 -33.37
C CYS E 164 -17.06 3.71 -33.06
N ASN E 165 -17.98 4.60 -32.80
CA ASN E 165 -17.54 5.96 -32.54
C ASN E 165 -17.47 6.33 -31.03
N THR E 166 -17.73 5.38 -30.09
CA THR E 166 -17.71 5.67 -28.64
C THR E 166 -16.95 4.70 -27.75
N SER E 167 -16.74 3.45 -28.16
CA SER E 167 -16.20 2.50 -27.20
C SER E 167 -15.39 1.31 -27.69
N ALA E 168 -14.68 0.72 -26.75
CA ALA E 168 -13.99 -0.53 -27.01
C ALA E 168 -15.00 -1.63 -26.86
N ILE E 169 -14.86 -2.70 -27.61
CA ILE E 169 -15.82 -3.79 -27.49
C ILE E 169 -15.20 -5.11 -27.07
N THR E 170 -15.64 -5.64 -25.96
CA THR E 170 -15.09 -6.90 -25.47
C THR E 170 -16.13 -7.99 -25.53
N GLN E 171 -15.80 -9.12 -26.11
CA GLN E 171 -16.72 -10.23 -26.19
C GLN E 171 -16.76 -10.93 -24.87
N ALA E 172 -17.93 -11.21 -24.37
CA ALA E 172 -18.01 -11.94 -23.14
C ALA E 172 -17.50 -13.33 -23.40
N CYS E 173 -16.79 -13.96 -22.43
CA CYS E 173 -16.29 -15.32 -22.56
C CYS E 173 -17.48 -16.31 -22.66
N PRO E 174 -17.51 -17.14 -23.71
CA PRO E 174 -18.60 -18.03 -24.09
C PRO E 174 -18.91 -19.12 -23.10
N LYS E 175 -17.99 -19.39 -22.20
CA LYS E 175 -18.20 -20.45 -21.24
C LYS E 175 -18.45 -19.93 -19.83
N VAL E 176 -18.63 -18.63 -19.67
CA VAL E 176 -18.83 -18.12 -18.32
C VAL E 176 -20.27 -17.66 -18.14
N SER E 177 -20.99 -18.29 -17.24
CA SER E 177 -22.39 -18.02 -16.99
C SER E 177 -22.71 -16.72 -16.27
N PHE E 178 -23.83 -16.10 -16.67
CA PHE E 178 -24.27 -14.87 -16.01
C PHE E 178 -25.29 -15.11 -14.92
N GLU E 179 -25.71 -16.36 -14.74
CA GLU E 179 -26.77 -16.64 -13.78
C GLU E 179 -26.40 -16.12 -12.40
N PRO E 180 -27.23 -15.31 -11.75
CA PRO E 180 -27.00 -14.78 -10.43
C PRO E 180 -26.81 -15.87 -9.41
N ILE E 181 -25.85 -15.69 -8.55
CA ILE E 181 -25.56 -16.61 -7.46
C ILE E 181 -25.74 -15.81 -6.20
N PRO E 182 -26.49 -16.27 -5.21
CA PRO E 182 -26.67 -15.53 -3.99
C PRO E 182 -25.35 -15.19 -3.35
N ILE E 183 -25.19 -13.93 -2.97
CA ILE E 183 -23.95 -13.48 -2.32
C ILE E 183 -24.29 -12.99 -0.90
N HIS E 184 -23.56 -13.50 0.09
CA HIS E 184 -23.81 -13.12 1.46
C HIS E 184 -22.83 -12.03 1.84
N TYR E 185 -23.31 -10.94 2.41
CA TYR E 185 -22.37 -9.90 2.82
C TYR E 185 -22.15 -10.08 4.28
N CYS E 186 -20.89 -10.04 4.72
CA CYS E 186 -20.51 -10.29 6.10
C CYS E 186 -19.71 -9.14 6.68
N ALA E 187 -20.05 -8.80 7.91
CA ALA E 187 -19.33 -7.75 8.60
C ALA E 187 -18.00 -8.30 9.07
N PRO E 188 -16.96 -7.47 9.17
CA PRO E 188 -15.68 -7.79 9.73
C PRO E 188 -15.80 -7.89 11.23
N ALA E 189 -14.86 -8.56 11.86
CA ALA E 189 -14.93 -8.64 13.31
C ALA E 189 -14.87 -7.26 13.90
N GLY E 190 -15.67 -7.05 14.95
CA GLY E 190 -15.74 -5.77 15.64
C GLY E 190 -16.98 -5.00 15.20
N PHE E 191 -17.63 -5.51 14.17
CA PHE E 191 -18.84 -4.94 13.59
C PHE E 191 -19.95 -5.97 13.58
N ALA E 192 -21.18 -5.50 13.46
CA ALA E 192 -22.32 -6.40 13.39
C ALA E 192 -23.39 -5.88 12.48
N ILE E 193 -24.20 -6.77 11.92
CA ILE E 193 -25.29 -6.31 11.08
C ILE E 193 -26.61 -6.50 11.77
N LEU E 194 -27.34 -5.43 11.88
CA LEU E 194 -28.62 -5.53 12.51
C LEU E 194 -29.63 -5.65 11.41
N LYS E 195 -30.68 -6.41 11.65
CA LYS E 195 -31.70 -6.48 10.64
C LYS E 195 -33.05 -6.25 11.29
N CYS E 196 -33.97 -5.59 10.56
CA CYS E 196 -35.32 -5.31 11.00
C CYS E 196 -36.26 -6.41 10.54
N LYS E 197 -36.95 -6.99 11.50
CA LYS E 197 -37.92 -8.05 11.25
C LYS E 197 -39.33 -7.54 11.37
N ASP E 198 -39.46 -6.26 11.64
CA ASP E 198 -40.76 -5.67 11.83
C ASP E 198 -41.54 -5.83 10.57
N LYS E 199 -42.75 -6.32 10.71
CA LYS E 199 -43.55 -6.57 9.56
C LYS E 199 -44.14 -5.26 9.09
N LYS E 200 -44.32 -5.14 7.79
CA LYS E 200 -44.89 -3.96 7.16
C LYS E 200 -44.04 -2.74 7.46
N PHE E 201 -42.74 -2.94 7.42
CA PHE E 201 -41.78 -1.90 7.68
C PHE E 201 -41.32 -1.29 6.36
N ASN E 202 -41.41 0.06 6.23
CA ASN E 202 -41.03 0.80 5.03
C ASN E 202 -39.51 1.06 4.91
N GLY E 203 -38.76 1.12 6.05
CA GLY E 203 -37.29 1.34 6.06
C GLY E 203 -36.81 2.76 6.35
N THR E 204 -37.66 3.68 6.76
CA THR E 204 -37.15 5.02 7.05
C THR E 204 -37.34 5.53 8.47
N GLY E 205 -37.60 4.63 9.41
CA GLY E 205 -37.81 5.07 10.78
C GLY E 205 -37.54 3.97 11.79
N PRO E 206 -37.97 4.16 13.03
CA PRO E 206 -37.81 3.26 14.15
C PRO E 206 -38.39 1.89 13.84
N CYS E 207 -37.69 0.84 14.30
CA CYS E 207 -38.00 -0.59 14.14
C CYS E 207 -37.97 -1.28 15.50
N PRO E 208 -39.11 -1.73 16.04
CA PRO E 208 -39.26 -2.38 17.33
C PRO E 208 -38.87 -3.86 17.36
N SER E 209 -38.51 -4.44 16.22
CA SER E 209 -38.18 -5.87 16.21
C SER E 209 -36.90 -6.09 15.45
N VAL E 210 -35.80 -6.25 16.18
CA VAL E 210 -34.47 -6.31 15.62
C VAL E 210 -33.72 -7.55 16.04
N SER E 211 -32.93 -8.08 15.12
CA SER E 211 -32.07 -9.21 15.41
C SER E 211 -30.69 -8.94 14.86
N THR E 212 -29.69 -9.65 15.38
CA THR E 212 -28.33 -9.49 14.90
C THR E 212 -27.79 -10.68 14.17
N VAL E 213 -27.17 -10.41 13.04
CA VAL E 213 -26.53 -11.44 12.25
C VAL E 213 -25.11 -11.02 11.93
N GLN E 214 -24.27 -11.97 11.57
CA GLN E 214 -22.94 -11.58 11.07
C GLN E 214 -22.93 -11.40 9.54
N CYS E 215 -23.76 -12.20 8.82
CA CYS E 215 -23.88 -12.24 7.38
C CYS E 215 -25.35 -12.06 7.03
N THR E 216 -25.59 -11.42 5.91
CA THR E 216 -26.92 -11.22 5.36
C THR E 216 -27.36 -12.49 4.71
N HIS E 217 -28.62 -12.54 4.32
CA HIS E 217 -29.13 -13.67 3.60
C HIS E 217 -28.46 -13.60 2.26
N GLY E 218 -28.50 -14.65 1.48
CA GLY E 218 -27.85 -14.48 0.21
C GLY E 218 -28.72 -13.60 -0.64
N ILE E 219 -28.12 -12.67 -1.33
CA ILE E 219 -28.83 -11.80 -2.23
C ILE E 219 -28.43 -12.07 -3.63
N LYS E 220 -29.40 -12.34 -4.49
CA LYS E 220 -29.02 -12.57 -5.86
C LYS E 220 -28.87 -11.24 -6.55
N PRO E 221 -27.71 -10.98 -7.19
CA PRO E 221 -27.50 -9.73 -7.90
C PRO E 221 -28.23 -9.75 -9.23
N VAL E 222 -29.56 -9.66 -9.17
CA VAL E 222 -30.37 -9.71 -10.37
C VAL E 222 -30.42 -8.34 -10.96
N VAL E 223 -30.18 -8.24 -12.25
CA VAL E 223 -30.20 -6.97 -12.94
C VAL E 223 -31.42 -6.81 -13.81
N SER E 224 -32.19 -5.78 -13.55
CA SER E 224 -33.40 -5.49 -14.31
C SER E 224 -33.69 -4.00 -14.30
N THR E 225 -34.50 -3.53 -15.26
CA THR E 225 -34.80 -2.08 -15.24
C THR E 225 -36.17 -1.53 -14.81
N GLN E 226 -37.29 -2.26 -14.93
CA GLN E 226 -38.54 -1.59 -14.48
C GLN E 226 -39.24 -2.36 -13.42
N LEU E 227 -39.22 -3.66 -13.56
CA LEU E 227 -39.83 -4.53 -12.59
C LEU E 227 -38.70 -5.17 -11.85
N LEU E 228 -38.92 -5.51 -10.61
CA LEU E 228 -37.88 -6.17 -9.85
C LEU E 228 -38.14 -7.64 -9.90
N LEU E 229 -37.19 -8.38 -10.44
CA LEU E 229 -37.37 -9.81 -10.58
C LEU E 229 -36.59 -10.59 -9.52
N ASN E 230 -37.12 -11.77 -9.14
CA ASN E 230 -36.53 -12.80 -8.29
C ASN E 230 -36.01 -12.30 -6.93
N GLY E 231 -36.73 -11.37 -6.27
CA GLY E 231 -36.36 -10.83 -4.96
C GLY E 231 -37.21 -11.44 -3.88
N SER E 232 -37.14 -10.84 -2.71
CA SER E 232 -37.90 -11.28 -1.58
C SER E 232 -39.30 -10.72 -1.71
N LEU E 233 -40.25 -11.29 -0.97
CA LEU E 233 -41.61 -10.82 -1.02
C LEU E 233 -42.07 -10.32 0.30
N ALA E 234 -43.01 -9.40 0.26
CA ALA E 234 -43.55 -8.86 1.47
C ALA E 234 -44.23 -9.96 2.23
N GLU E 235 -44.05 -9.93 3.53
CA GLU E 235 -44.62 -10.91 4.43
C GLU E 235 -46.14 -10.93 4.55
N GLU E 236 -46.82 -9.79 4.34
CA GLU E 236 -48.26 -9.77 4.49
C GLU E 236 -49.01 -9.00 3.42
N GLU E 237 -48.58 -7.78 3.15
CA GLU E 237 -49.29 -6.88 2.28
C GLU E 237 -48.32 -6.10 1.45
N VAL E 238 -48.79 -5.55 0.35
CA VAL E 238 -47.90 -4.79 -0.48
C VAL E 238 -47.37 -3.59 0.30
N ILE E 239 -46.06 -3.40 0.25
CA ILE E 239 -45.44 -2.29 0.97
C ILE E 239 -44.93 -1.24 0.02
N ILE E 240 -45.40 -0.01 0.20
CA ILE E 240 -44.97 1.05 -0.69
C ILE E 240 -44.06 1.99 0.05
N ARG E 241 -42.85 2.16 -0.46
CA ARG E 241 -41.87 3.00 0.18
C ARG E 241 -41.12 3.92 -0.77
N SER E 242 -40.73 5.07 -0.26
CA SER E 242 -39.91 5.99 -1.02
C SER E 242 -39.22 6.89 -0.03
N GLU E 243 -38.21 7.60 -0.48
CA GLU E 243 -37.52 8.57 0.38
C GLU E 243 -38.43 9.71 0.87
N ASN E 244 -39.29 10.22 -0.03
CA ASN E 244 -40.26 11.30 0.17
C ASN E 244 -41.40 11.11 -0.86
N ILE E 245 -42.58 10.61 -0.40
CA ILE E 245 -43.72 10.25 -1.28
C ILE E 245 -44.33 11.44 -2.00
N THR E 246 -44.18 12.62 -1.43
CA THR E 246 -44.71 13.82 -2.02
C THR E 246 -43.74 14.47 -3.02
N ASN E 247 -42.54 13.90 -3.17
CA ASN E 247 -41.53 14.44 -4.07
C ASN E 247 -41.59 13.75 -5.44
N ASN E 248 -41.91 14.51 -6.47
CA ASN E 248 -42.11 13.95 -7.81
C ASN E 248 -40.81 13.52 -8.46
N ALA E 249 -39.69 13.89 -7.86
CA ALA E 249 -38.38 13.54 -8.37
C ALA E 249 -37.88 12.21 -7.82
N LYS E 250 -38.63 11.57 -6.93
CA LYS E 250 -38.17 10.33 -6.33
C LYS E 250 -38.85 9.09 -6.88
N ASN E 251 -38.16 7.96 -6.83
CA ASN E 251 -38.75 6.72 -7.27
C ASN E 251 -39.51 6.09 -6.12
N ILE E 252 -40.52 5.34 -6.45
CA ILE E 252 -41.30 4.60 -5.50
C ILE E 252 -41.05 3.14 -5.68
N LEU E 253 -40.66 2.48 -4.60
CA LEU E 253 -40.39 1.07 -4.69
C LEU E 253 -41.54 0.32 -4.05
N VAL E 254 -42.09 -0.60 -4.80
CA VAL E 254 -43.23 -1.35 -4.32
C VAL E 254 -42.90 -2.80 -4.16
N GLN E 255 -43.06 -3.33 -2.95
CA GLN E 255 -42.79 -4.74 -2.72
C GLN E 255 -44.08 -5.54 -2.67
N LEU E 256 -44.17 -6.53 -3.52
CA LEU E 256 -45.39 -7.31 -3.59
C LEU E 256 -45.43 -8.41 -2.57
N ASN E 257 -46.64 -8.80 -2.14
CA ASN E 257 -46.76 -9.91 -1.19
C ASN E 257 -47.06 -11.23 -1.86
N THR E 258 -47.21 -11.19 -3.16
CA THR E 258 -47.44 -12.37 -3.97
C THR E 258 -46.60 -12.17 -5.20
N PRO E 259 -46.01 -13.20 -5.79
CA PRO E 259 -45.26 -13.10 -7.00
C PRO E 259 -46.19 -13.00 -8.17
N VAL E 260 -45.74 -12.40 -9.24
CA VAL E 260 -46.46 -12.50 -10.48
C VAL E 260 -45.57 -13.29 -11.40
N GLN E 261 -46.05 -14.38 -11.92
CA GLN E 261 -45.18 -15.17 -12.75
C GLN E 261 -45.15 -14.69 -14.17
N ILE E 262 -43.94 -14.52 -14.70
CA ILE E 262 -43.73 -14.09 -16.07
C ILE E 262 -42.91 -15.14 -16.88
N ASN E 263 -43.44 -15.57 -18.04
CA ASN E 263 -42.83 -16.56 -18.95
C ASN E 263 -42.23 -15.88 -20.18
N CYS E 264 -40.89 -15.87 -20.32
CA CYS E 264 -40.20 -15.16 -21.40
C CYS E 264 -39.53 -16.12 -22.37
N THR E 265 -39.60 -15.77 -23.64
CA THR E 265 -39.00 -16.59 -24.66
C THR E 265 -38.44 -15.85 -25.86
N ARG E 266 -37.46 -16.48 -26.47
CA ARG E 266 -36.83 -16.05 -27.70
C ARG E 266 -36.96 -17.27 -28.61
N PRO E 267 -38.14 -17.46 -29.22
CA PRO E 267 -38.61 -18.66 -29.87
C PRO E 267 -38.07 -18.87 -31.26
N ASN E 268 -36.77 -18.92 -31.39
CA ASN E 268 -36.15 -19.11 -32.69
C ASN E 268 -35.00 -20.06 -32.46
N ASN E 269 -34.76 -21.00 -33.40
CA ASN E 269 -33.66 -21.96 -33.31
C ASN E 269 -32.41 -21.40 -34.02
N ASN E 270 -31.47 -20.86 -33.22
CA ASN E 270 -30.26 -20.18 -33.67
C ASN E 270 -29.09 -21.11 -33.86
N THR E 271 -28.52 -21.05 -35.05
CA THR E 271 -27.35 -21.85 -35.35
C THR E 271 -26.18 -20.94 -35.20
N VAL E 272 -25.28 -21.28 -34.29
CA VAL E 272 -24.13 -20.45 -33.98
C VAL E 272 -22.85 -20.94 -34.60
N LYS E 273 -22.14 -20.02 -35.23
CA LYS E 273 -20.88 -20.28 -35.90
C LYS E 273 -19.73 -19.60 -35.20
N SER E 274 -18.53 -20.12 -35.40
CA SER E 274 -17.35 -19.53 -34.79
C SER E 274 -16.15 -19.51 -35.68
N ILE E 275 -15.45 -18.38 -35.67
CA ILE E 275 -14.25 -18.22 -36.48
C ILE E 275 -13.05 -17.71 -35.69
N ARG E 276 -11.87 -17.92 -36.24
CA ARG E 276 -10.66 -17.39 -35.64
C ARG E 276 -10.38 -16.07 -36.30
N ILE E 277 -10.07 -15.06 -35.48
CA ILE E 277 -9.81 -13.73 -35.98
C ILE E 277 -8.37 -13.30 -35.74
N GLY E 278 -7.61 -14.24 -35.20
CA GLY E 278 -6.21 -14.08 -34.85
C GLY E 278 -5.85 -15.22 -33.92
N PRO E 279 -4.58 -15.41 -33.56
CA PRO E 279 -4.10 -16.49 -32.72
C PRO E 279 -4.79 -16.53 -31.40
N GLY E 280 -5.37 -17.67 -31.07
CA GLY E 280 -6.00 -17.87 -29.78
C GLY E 280 -7.34 -17.16 -29.64
N GLN E 281 -7.82 -16.52 -30.69
CA GLN E 281 -9.03 -15.74 -30.56
C GLN E 281 -10.19 -16.50 -31.11
N ALA E 282 -11.38 -16.15 -30.69
CA ALA E 282 -12.55 -16.72 -31.30
C ALA E 282 -13.67 -15.74 -31.24
N PHE E 283 -14.41 -15.65 -32.33
CA PHE E 283 -15.56 -14.79 -32.47
C PHE E 283 -16.80 -15.57 -32.76
N TYR E 284 -17.85 -15.28 -32.01
CA TYR E 284 -19.09 -16.03 -32.21
C TYR E 284 -20.16 -15.18 -32.82
N TYR E 285 -20.91 -15.78 -33.72
CA TYR E 285 -21.99 -15.08 -34.37
C TYR E 285 -23.11 -16.00 -34.79
N THR E 286 -24.29 -15.44 -35.02
CA THR E 286 -25.38 -16.26 -35.49
C THR E 286 -25.20 -16.47 -36.95
N GLY E 287 -25.22 -17.72 -37.36
CA GLY E 287 -25.05 -18.11 -38.74
C GLY E 287 -26.38 -18.01 -39.44
N ASP E 288 -27.37 -18.69 -38.87
CA ASP E 288 -28.69 -18.68 -39.44
C ASP E 288 -29.77 -19.00 -38.41
N ILE E 289 -31.02 -18.93 -38.87
CA ILE E 289 -32.17 -19.30 -38.07
C ILE E 289 -32.97 -20.37 -38.78
N ILE E 290 -33.25 -21.42 -38.05
CA ILE E 290 -34.01 -22.55 -38.52
C ILE E 290 -35.48 -22.33 -38.20
N GLY E 291 -36.32 -22.46 -39.21
CA GLY E 291 -37.74 -22.24 -39.05
C GLY E 291 -38.05 -20.78 -39.34
N ASP E 292 -39.25 -20.35 -38.95
CA ASP E 292 -39.67 -19.00 -39.23
C ASP E 292 -39.05 -18.06 -38.24
N ILE E 293 -38.99 -16.77 -38.56
CA ILE E 293 -38.41 -15.85 -37.61
C ILE E 293 -39.47 -15.02 -36.92
N ARG E 294 -39.57 -15.13 -35.62
CA ARG E 294 -40.60 -14.38 -34.91
C ARG E 294 -40.05 -13.66 -33.69
N GLN E 295 -40.79 -12.68 -33.22
CA GLN E 295 -40.38 -11.89 -32.07
C GLN E 295 -40.38 -12.55 -30.70
N ALA E 296 -39.39 -12.15 -29.91
CA ALA E 296 -39.28 -12.53 -28.52
C ALA E 296 -40.40 -11.85 -27.80
N HIS E 297 -40.88 -12.49 -26.76
CA HIS E 297 -41.99 -11.94 -25.98
C HIS E 297 -42.07 -12.54 -24.57
N CYS E 298 -42.83 -11.87 -23.67
CA CYS E 298 -43.12 -12.34 -22.30
C CYS E 298 -44.62 -12.38 -22.01
N ASN E 299 -45.01 -13.40 -21.26
CA ASN E 299 -46.40 -13.58 -20.86
C ASN E 299 -46.64 -13.30 -19.39
N VAL E 300 -47.64 -12.47 -19.15
CA VAL E 300 -48.14 -12.12 -17.81
C VAL E 300 -49.66 -12.41 -17.77
N SER E 301 -50.13 -13.25 -16.85
CA SER E 301 -51.56 -13.57 -16.81
C SER E 301 -52.38 -12.33 -16.48
N LYS E 302 -53.53 -12.13 -17.13
CA LYS E 302 -54.31 -10.93 -16.82
C LYS E 302 -54.90 -10.91 -15.46
N ALA E 303 -55.39 -12.04 -14.98
CA ALA E 303 -56.04 -12.01 -13.68
C ALA E 303 -55.07 -11.70 -12.58
N THR E 304 -53.88 -12.29 -12.66
CA THR E 304 -52.92 -12.09 -11.62
C THR E 304 -52.48 -10.67 -11.65
N TRP E 305 -52.19 -10.18 -12.83
CA TRP E 305 -51.74 -8.82 -12.93
C TRP E 305 -52.75 -7.81 -12.41
N ASN E 306 -54.05 -7.94 -12.78
CA ASN E 306 -55.09 -6.99 -12.36
C ASN E 306 -55.29 -6.98 -10.85
N GLU E 307 -55.23 -8.17 -10.16
CA GLU E 307 -55.35 -8.25 -8.71
C GLU E 307 -54.15 -7.59 -8.05
N THR E 308 -52.98 -7.84 -8.60
CA THR E 308 -51.76 -7.29 -8.07
C THR E 308 -51.78 -5.80 -8.18
N LEU E 309 -52.19 -5.29 -9.33
CA LEU E 309 -52.19 -3.88 -9.53
C LEU E 309 -53.23 -3.25 -8.62
N GLY E 310 -54.38 -3.92 -8.44
CA GLY E 310 -55.42 -3.38 -7.59
C GLY E 310 -54.90 -3.23 -6.16
N LYS E 311 -54.13 -4.21 -5.68
CA LYS E 311 -53.57 -4.11 -4.35
C LYS E 311 -52.65 -2.93 -4.25
N VAL E 312 -51.89 -2.67 -5.31
CA VAL E 312 -51.00 -1.53 -5.29
C VAL E 312 -51.81 -0.27 -5.19
N VAL E 313 -52.89 -0.16 -5.94
CA VAL E 313 -53.68 1.05 -5.90
C VAL E 313 -54.24 1.28 -4.53
N LYS E 314 -54.75 0.23 -3.90
CA LYS E 314 -55.33 0.38 -2.57
C LYS E 314 -54.32 0.93 -1.58
N GLN E 315 -53.11 0.37 -1.59
CA GLN E 315 -52.10 0.79 -0.67
C GLN E 315 -51.58 2.16 -1.03
N LEU E 316 -51.56 2.48 -2.30
CA LEU E 316 -51.05 3.74 -2.78
C LEU E 316 -52.00 4.86 -2.34
N ARG E 317 -53.32 4.61 -2.38
CA ARG E 317 -54.31 5.58 -1.93
C ARG E 317 -54.09 5.94 -0.47
N LYS E 318 -53.54 5.02 0.31
CA LYS E 318 -53.27 5.35 1.70
C LYS E 318 -52.50 6.67 1.83
N HIS E 319 -51.58 6.97 0.89
CA HIS E 319 -50.83 8.21 0.94
C HIS E 319 -51.47 9.32 0.09
N PHE E 320 -52.26 8.94 -0.91
CA PHE E 320 -52.84 9.94 -1.81
C PHE E 320 -54.31 10.35 -1.60
N GLY E 321 -55.02 9.65 -0.73
CA GLY E 321 -56.41 9.99 -0.46
C GLY E 321 -57.36 8.81 -0.54
N ASN E 322 -58.47 8.90 0.18
CA ASN E 322 -59.47 7.85 0.19
C ASN E 322 -60.41 7.99 -1.00
N ASN E 323 -60.41 9.17 -1.62
CA ASN E 323 -61.25 9.43 -2.78
C ASN E 323 -60.47 10.20 -3.82
N THR E 324 -59.48 9.53 -4.41
CA THR E 324 -58.63 10.14 -5.41
C THR E 324 -58.60 9.21 -6.60
N ILE E 325 -58.04 9.64 -7.70
CA ILE E 325 -57.98 8.76 -8.85
C ILE E 325 -56.56 8.40 -9.20
N ILE E 326 -56.32 7.11 -9.37
CA ILE E 326 -54.99 6.66 -9.72
C ILE E 326 -54.93 6.09 -11.10
N ARG E 327 -54.05 6.65 -11.90
CA ARG E 327 -53.88 6.24 -13.26
C ARG E 327 -52.50 5.71 -13.50
N PHE E 328 -52.42 4.68 -14.33
CA PHE E 328 -51.14 4.17 -14.71
C PHE E 328 -50.97 4.39 -16.17
N ALA E 329 -49.75 4.67 -16.54
CA ALA E 329 -49.41 4.92 -17.91
C ALA E 329 -48.05 4.38 -18.25
N GLN E 330 -47.81 4.19 -19.53
CA GLN E 330 -46.51 3.75 -19.98
C GLN E 330 -45.54 4.88 -19.74
N SER E 331 -44.27 4.54 -19.62
CA SER E 331 -43.23 5.49 -19.33
C SER E 331 -42.91 6.45 -20.45
N SER E 332 -42.21 7.51 -20.08
CA SER E 332 -41.77 8.57 -20.97
C SER E 332 -40.63 8.07 -21.83
N GLY E 333 -40.25 8.84 -22.84
CA GLY E 333 -39.18 8.39 -23.74
C GLY E 333 -37.79 8.50 -23.14
N GLY E 334 -36.83 7.97 -23.87
CA GLY E 334 -35.44 7.91 -23.46
C GLY E 334 -34.86 6.62 -24.04
N ASP E 335 -33.69 6.22 -23.58
CA ASP E 335 -33.05 5.01 -24.09
C ASP E 335 -33.82 3.78 -23.66
N LEU E 336 -33.66 2.67 -24.39
CA LEU E 336 -34.37 1.45 -24.03
C LEU E 336 -34.01 1.01 -22.63
N GLU E 337 -32.81 1.33 -22.17
CA GLU E 337 -32.44 0.94 -20.82
C GLU E 337 -33.48 1.41 -19.80
N VAL E 338 -34.12 2.56 -20.01
CA VAL E 338 -35.08 3.02 -19.04
C VAL E 338 -36.53 2.99 -19.53
N THR E 339 -36.74 2.96 -20.85
CA THR E 339 -38.12 2.96 -21.35
C THR E 339 -38.71 1.59 -21.43
N THR E 340 -37.88 0.56 -21.47
CA THR E 340 -38.34 -0.81 -21.49
C THR E 340 -37.80 -1.56 -20.31
N HIS E 341 -38.37 -2.73 -20.08
CA HIS E 341 -37.92 -3.59 -19.02
C HIS E 341 -36.93 -4.57 -19.55
N SER E 342 -35.70 -4.48 -19.09
CA SER E 342 -34.70 -5.35 -19.61
C SER E 342 -34.23 -6.32 -18.59
N PHE E 343 -33.73 -7.44 -19.09
CA PHE E 343 -33.17 -8.51 -18.27
C PHE E 343 -32.31 -9.49 -19.06
N ASN E 344 -31.50 -10.23 -18.33
CA ASN E 344 -30.69 -11.31 -18.88
C ASN E 344 -31.37 -12.67 -18.68
N CYS E 345 -31.83 -13.31 -19.77
CA CYS E 345 -32.56 -14.58 -19.78
C CYS E 345 -31.70 -15.65 -20.44
N GLY E 346 -31.01 -16.43 -19.63
CA GLY E 346 -30.17 -17.48 -20.15
C GLY E 346 -28.92 -16.97 -20.84
N GLY E 347 -28.48 -15.75 -20.55
CA GLY E 347 -27.35 -15.16 -21.21
C GLY E 347 -27.79 -14.20 -22.33
N GLU E 348 -29.05 -14.24 -22.76
CA GLU E 348 -29.47 -13.32 -23.81
C GLU E 348 -30.03 -12.04 -23.21
N PHE E 349 -29.94 -10.93 -23.94
CA PHE E 349 -30.46 -9.65 -23.44
C PHE E 349 -31.73 -9.13 -24.11
N PHE E 350 -32.78 -9.09 -23.28
CA PHE E 350 -34.13 -8.70 -23.65
C PHE E 350 -34.48 -7.30 -23.24
N TYR E 351 -35.23 -6.62 -24.10
CA TYR E 351 -35.79 -5.28 -23.90
C TYR E 351 -37.30 -5.28 -24.18
N CYS E 352 -38.13 -5.53 -23.13
CA CYS E 352 -39.56 -5.78 -23.24
C CYS E 352 -40.40 -4.53 -23.02
N ASN E 353 -41.36 -4.34 -23.89
CA ASN E 353 -42.24 -3.19 -23.81
C ASN E 353 -43.38 -3.51 -22.83
N THR E 354 -43.42 -2.77 -21.72
CA THR E 354 -44.32 -2.92 -20.59
C THR E 354 -45.59 -2.14 -20.72
N SER E 355 -45.83 -1.52 -21.87
CA SER E 355 -47.05 -0.73 -22.11
C SER E 355 -48.31 -1.58 -22.08
N GLY E 356 -48.16 -2.90 -22.15
CA GLY E 356 -49.29 -3.82 -22.07
C GLY E 356 -49.78 -3.85 -20.62
N LEU E 357 -48.93 -3.38 -19.73
CA LEU E 357 -49.13 -3.29 -18.31
C LEU E 357 -49.25 -1.80 -18.05
N PHE E 358 -49.68 -1.40 -16.88
CA PHE E 358 -49.72 0.05 -16.58
C PHE E 358 -50.49 0.92 -17.56
N ASN E 359 -51.71 0.49 -17.96
CA ASN E 359 -52.58 1.21 -18.87
C ASN E 359 -54.02 1.08 -18.35
N SER E 360 -54.33 1.87 -17.29
CA SER E 360 -55.62 1.79 -16.58
C SER E 360 -55.90 3.00 -15.72
N THR E 361 -57.17 3.20 -15.39
CA THR E 361 -57.53 4.21 -14.42
C THR E 361 -58.38 3.56 -13.35
N TRP E 362 -57.98 3.77 -12.10
CA TRP E 362 -58.72 3.19 -10.98
C TRP E 362 -59.49 4.22 -10.17
N ILE E 363 -60.72 3.87 -9.82
CA ILE E 363 -61.61 4.72 -9.02
C ILE E 363 -62.31 3.85 -7.98
N SER E 376 -59.89 -16.52 -17.31
CA SER E 376 -59.90 -17.91 -17.73
C SER E 376 -58.69 -18.17 -18.68
N ASN E 377 -57.47 -18.07 -18.10
CA ASN E 377 -56.14 -18.21 -18.72
C ASN E 377 -55.85 -17.16 -19.80
N ASP E 378 -56.47 -16.01 -19.66
CA ASP E 378 -56.22 -14.89 -20.53
C ASP E 378 -54.87 -14.31 -20.17
N SER E 379 -54.15 -13.78 -21.14
CA SER E 379 -52.84 -13.22 -20.85
C SER E 379 -52.48 -12.01 -21.67
N ILE E 380 -51.49 -11.29 -21.18
CA ILE E 380 -50.93 -10.12 -21.80
C ILE E 380 -49.61 -10.49 -22.42
N THR E 381 -49.45 -10.19 -23.70
CA THR E 381 -48.17 -10.50 -24.32
C THR E 381 -47.40 -9.21 -24.48
N LEU E 382 -46.19 -9.21 -23.96
CA LEU E 382 -45.31 -8.07 -24.04
C LEU E 382 -44.30 -8.38 -25.13
N PRO E 383 -44.19 -7.61 -26.21
CA PRO E 383 -43.24 -7.85 -27.26
C PRO E 383 -41.90 -7.48 -26.68
N CYS E 384 -40.80 -8.14 -27.11
CA CYS E 384 -39.43 -7.86 -26.65
C CYS E 384 -38.45 -7.78 -27.80
N ARG E 385 -37.47 -6.89 -27.67
CA ARG E 385 -36.40 -6.78 -28.63
C ARG E 385 -35.13 -7.37 -28.04
N ILE E 386 -34.20 -7.75 -28.90
CA ILE E 386 -32.93 -8.32 -28.48
C ILE E 386 -31.74 -7.48 -28.92
N LYS E 387 -30.75 -7.33 -28.05
CA LYS E 387 -29.52 -6.62 -28.44
C LYS E 387 -28.31 -7.47 -28.14
N GLN E 388 -27.31 -7.42 -29.00
CA GLN E 388 -26.06 -8.13 -28.73
C GLN E 388 -25.02 -7.20 -28.12
N ILE E 389 -25.08 -5.91 -28.42
CA ILE E 389 -24.07 -5.01 -27.87
C ILE E 389 -24.67 -4.18 -26.78
N ILE E 390 -24.11 -4.27 -25.61
CA ILE E 390 -24.70 -3.52 -24.52
C ILE E 390 -23.67 -2.69 -23.79
N ASN E 391 -24.13 -1.69 -23.05
CA ASN E 391 -23.25 -0.84 -22.26
C ASN E 391 -23.75 -0.78 -20.84
N MET E 392 -23.47 -1.84 -20.11
CA MET E 392 -24.06 -2.01 -18.80
C MET E 392 -23.50 -1.03 -17.78
N TRP E 393 -24.36 -0.70 -16.82
CA TRP E 393 -24.13 0.20 -15.69
C TRP E 393 -24.06 1.65 -16.09
N GLN E 394 -24.82 2.04 -17.11
CA GLN E 394 -24.88 3.44 -17.50
C GLN E 394 -23.50 4.03 -17.75
N ARG E 395 -22.71 3.37 -18.57
CA ARG E 395 -21.36 3.83 -18.83
C ARG E 395 -21.09 4.03 -20.29
N ILE E 396 -20.05 4.81 -20.57
CA ILE E 396 -19.63 5.07 -21.93
C ILE E 396 -18.18 4.66 -22.08
N GLY E 397 -17.89 3.93 -23.14
CA GLY E 397 -16.53 3.50 -23.43
C GLY E 397 -16.28 2.02 -23.16
N GLN E 398 -17.17 1.40 -22.40
CA GLN E 398 -17.03 -0.03 -22.12
C GLN E 398 -18.18 -0.83 -22.69
N ALA E 399 -18.04 -1.36 -23.91
CA ALA E 399 -19.14 -2.09 -24.49
C ALA E 399 -18.86 -3.56 -24.39
N MET E 400 -19.91 -4.35 -24.29
CA MET E 400 -19.75 -5.77 -24.25
C MET E 400 -20.49 -6.43 -25.38
N TYR E 401 -19.91 -7.44 -25.98
CA TYR E 401 -20.61 -8.20 -27.00
C TYR E 401 -21.06 -9.51 -26.41
N ALA E 402 -22.34 -9.70 -26.38
CA ALA E 402 -22.85 -10.93 -25.85
C ALA E 402 -22.91 -11.91 -27.01
N PRO E 403 -22.23 -13.03 -26.95
CA PRO E 403 -22.20 -13.96 -28.04
C PRO E 403 -23.59 -14.54 -28.08
N PRO E 404 -24.05 -15.01 -29.22
CA PRO E 404 -25.31 -15.65 -29.41
C PRO E 404 -25.30 -17.01 -28.79
N ILE E 405 -26.48 -17.47 -28.46
CA ILE E 405 -26.68 -18.75 -27.85
C ILE E 405 -27.37 -19.73 -28.76
N GLN E 406 -26.75 -20.89 -28.89
CA GLN E 406 -27.25 -21.97 -29.72
C GLN E 406 -28.58 -22.49 -29.23
N GLY E 407 -29.53 -22.61 -30.15
CA GLY E 407 -30.84 -23.14 -29.79
C GLY E 407 -31.89 -22.09 -29.51
N VAL E 408 -32.84 -22.48 -28.67
CA VAL E 408 -34.05 -21.70 -28.36
C VAL E 408 -34.03 -21.37 -26.87
N ILE E 409 -34.33 -20.13 -26.52
CA ILE E 409 -34.29 -19.75 -25.10
C ILE E 409 -35.62 -19.51 -24.46
N ARG E 410 -35.82 -20.15 -23.32
CA ARG E 410 -37.01 -19.91 -22.55
C ARG E 410 -36.64 -19.89 -21.07
N CYS E 411 -37.26 -18.98 -20.27
CA CYS E 411 -37.06 -18.87 -18.82
C CYS E 411 -38.34 -18.38 -18.15
N VAL E 412 -38.44 -18.68 -16.86
CA VAL E 412 -39.56 -18.24 -16.07
C VAL E 412 -39.09 -17.51 -14.85
N SER E 413 -39.60 -16.31 -14.65
CA SER E 413 -39.18 -15.48 -13.54
C SER E 413 -40.35 -15.04 -12.67
N ASN E 414 -40.05 -14.59 -11.43
CA ASN E 414 -41.01 -14.01 -10.49
C ASN E 414 -40.86 -12.49 -10.44
N ILE E 415 -41.97 -11.75 -10.59
CA ILE E 415 -41.99 -10.30 -10.41
C ILE E 415 -42.34 -10.12 -8.96
N THR E 416 -41.43 -9.53 -8.21
CA THR E 416 -41.61 -9.39 -6.78
C THR E 416 -41.73 -7.95 -6.36
N GLY E 417 -41.67 -7.06 -7.34
CA GLY E 417 -41.76 -5.64 -7.05
C GLY E 417 -41.74 -4.77 -8.27
N LEU E 418 -41.98 -3.49 -8.05
CA LEU E 418 -42.04 -2.49 -9.11
C LEU E 418 -41.25 -1.22 -8.82
N ILE E 419 -40.75 -0.56 -9.87
CA ILE E 419 -40.21 0.78 -9.70
C ILE E 419 -41.11 1.75 -10.43
N LEU E 420 -41.78 2.62 -9.68
CA LEU E 420 -42.71 3.59 -10.27
C LEU E 420 -42.32 5.01 -9.97
N THR E 421 -42.68 5.92 -10.85
CA THR E 421 -42.47 7.32 -10.59
C THR E 421 -43.80 7.99 -10.77
N ARG E 422 -43.97 9.20 -10.31
CA ARG E 422 -45.24 9.84 -10.55
C ARG E 422 -45.04 11.23 -11.05
N ASP E 423 -46.01 11.69 -11.81
CA ASP E 423 -45.95 13.04 -12.32
C ASP E 423 -46.55 14.02 -11.31
N GLY E 424 -46.55 15.33 -11.64
CA GLY E 424 -47.11 16.41 -10.84
C GLY E 424 -46.31 17.68 -11.00
N SER E 429 -54.68 18.53 -9.15
CA SER E 429 -55.90 18.01 -9.76
C SER E 429 -56.46 16.89 -8.84
N THR E 430 -57.28 15.96 -9.41
CA THR E 430 -57.92 14.84 -8.74
C THR E 430 -57.30 13.51 -9.12
N THR E 431 -56.51 13.51 -10.19
CA THR E 431 -55.92 12.30 -10.70
C THR E 431 -54.40 12.37 -10.70
N GLU E 432 -53.79 11.36 -10.12
CA GLU E 432 -52.34 11.23 -10.11
C GLU E 432 -51.98 10.17 -11.13
N THR E 433 -50.86 10.36 -11.83
CA THR E 433 -50.44 9.35 -12.79
C THR E 433 -49.07 8.80 -12.47
N PHE E 434 -49.01 7.48 -12.45
CA PHE E 434 -47.81 6.72 -12.16
C PHE E 434 -47.30 6.02 -13.40
N ARG E 435 -45.99 6.02 -13.56
CA ARG E 435 -45.34 5.41 -14.70
C ARG E 435 -44.17 4.54 -14.27
N PRO E 436 -43.80 3.51 -15.02
CA PRO E 436 -42.60 2.75 -14.79
C PRO E 436 -41.41 3.66 -14.94
N GLY E 437 -40.38 3.38 -14.19
CA GLY E 437 -39.13 4.14 -14.31
C GLY E 437 -38.01 3.35 -13.69
N GLY E 438 -36.80 3.90 -13.65
CA GLY E 438 -35.70 3.13 -13.11
C GLY E 438 -34.42 3.39 -13.88
N GLY E 439 -33.48 2.46 -13.78
CA GLY E 439 -32.17 2.54 -14.43
C GLY E 439 -31.02 2.80 -13.47
N ASP E 440 -31.32 3.34 -12.29
CA ASP E 440 -30.27 3.53 -11.31
C ASP E 440 -30.23 2.25 -10.54
N MET E 441 -29.23 1.46 -10.79
CA MET E 441 -29.15 0.11 -10.26
C MET E 441 -29.11 0.05 -8.77
N ARG E 442 -28.72 1.12 -8.14
CA ARG E 442 -28.65 1.08 -6.71
C ARG E 442 -30.01 0.88 -6.13
N ASP E 443 -31.06 1.30 -6.82
CA ASP E 443 -32.40 1.14 -6.31
C ASP E 443 -32.85 -0.30 -6.31
N ASN E 444 -32.25 -1.15 -7.13
CA ASN E 444 -32.70 -2.52 -7.06
C ASN E 444 -32.11 -3.11 -5.82
N TRP E 445 -30.84 -2.78 -5.60
CA TRP E 445 -30.11 -3.27 -4.44
C TRP E 445 -30.76 -2.79 -3.15
N ARG E 446 -31.25 -1.56 -3.15
CA ARG E 446 -31.83 -1.02 -1.94
C ARG E 446 -32.99 -1.86 -1.49
N SER E 447 -33.61 -2.65 -2.38
CA SER E 447 -34.74 -3.41 -1.96
C SER E 447 -34.30 -4.54 -1.07
N GLU E 448 -33.38 -5.37 -1.53
CA GLU E 448 -32.97 -6.50 -0.69
C GLU E 448 -32.25 -6.06 0.55
N LEU E 449 -31.54 -4.97 0.46
CA LEU E 449 -30.79 -4.47 1.58
C LEU E 449 -31.56 -3.50 2.46
N TYR E 450 -32.84 -3.28 2.21
CA TYR E 450 -33.58 -2.27 2.96
C TYR E 450 -33.66 -2.55 4.44
N LYS E 451 -33.58 -3.81 4.83
CA LYS E 451 -33.72 -4.14 6.22
C LYS E 451 -32.41 -4.26 6.97
N TYR E 452 -31.26 -4.05 6.31
CA TYR E 452 -30.00 -4.22 7.04
C TYR E 452 -29.27 -2.94 7.37
N LYS E 453 -28.66 -2.93 8.55
CA LYS E 453 -27.85 -1.80 8.99
C LYS E 453 -26.50 -2.26 9.56
N VAL E 454 -25.43 -1.51 9.28
CA VAL E 454 -24.13 -1.89 9.84
C VAL E 454 -23.73 -1.01 11.00
N VAL E 455 -23.42 -1.63 12.13
CA VAL E 455 -23.02 -0.86 13.28
C VAL E 455 -21.69 -1.35 13.82
N LYS E 456 -21.01 -0.47 14.52
CA LYS E 456 -19.74 -0.77 15.17
C LYS E 456 -19.96 -1.12 16.59
N ILE E 457 -19.25 -2.12 17.06
CA ILE E 457 -19.38 -2.50 18.44
C ILE E 457 -18.45 -1.64 19.25
N GLU E 458 -18.98 -1.08 20.32
CA GLU E 458 -18.21 -0.22 21.20
C GLU E 458 -18.19 -0.81 22.60
N PRO E 459 -17.34 -1.81 22.88
CA PRO E 459 -17.35 -2.61 24.06
C PRO E 459 -16.86 -1.94 25.31
N LEU E 460 -16.23 -0.78 25.19
CA LEU E 460 -15.67 -0.19 26.38
C LEU E 460 -16.54 0.93 26.90
N GLY E 461 -17.03 0.78 28.12
CA GLY E 461 -17.89 1.81 28.68
C GLY E 461 -17.65 2.05 30.16
N VAL E 462 -18.26 3.09 30.68
CA VAL E 462 -18.09 3.50 32.06
C VAL E 462 -19.42 3.78 32.74
N ALA E 463 -19.53 3.41 34.01
CA ALA E 463 -20.72 3.70 34.81
C ALA E 463 -20.29 3.80 36.27
N PRO E 464 -20.97 4.55 37.14
CA PRO E 464 -20.69 4.62 38.57
C PRO E 464 -21.12 3.44 39.36
N THR E 465 -20.40 3.17 40.43
CA THR E 465 -20.80 2.20 41.44
C THR E 465 -20.12 2.48 42.76
N ARG E 466 -20.25 1.56 43.70
CA ARG E 466 -19.69 1.74 45.06
C ARG E 466 -18.28 1.19 45.33
N CYS E 467 -17.62 0.64 44.31
CA CYS E 467 -16.31 -0.01 44.34
C CYS E 467 -15.16 1.02 44.30
N LYS E 468 -14.15 0.79 45.15
CA LYS E 468 -12.91 1.56 45.18
C LYS E 468 -11.78 0.54 45.35
N ARG E 469 -10.56 0.76 44.80
CA ARG E 469 -9.42 -0.18 44.91
C ARG E 469 -8.95 -0.28 46.37
N SER F 2 -26.62 -19.34 26.86
CA SER F 2 -27.07 -17.99 27.12
C SER F 2 -27.84 -17.48 25.87
N LEU F 3 -27.90 -16.13 25.68
CA LEU F 3 -28.58 -15.47 24.56
C LEU F 3 -27.69 -15.31 23.34
N GLY F 4 -26.38 -15.24 23.55
CA GLY F 4 -25.45 -15.04 22.45
C GLY F 4 -25.05 -13.58 22.33
N PHE F 5 -24.26 -13.29 21.31
CA PHE F 5 -23.69 -11.97 21.10
C PHE F 5 -24.72 -10.88 21.02
N LEU F 6 -24.55 -9.87 21.89
CA LEU F 6 -25.45 -8.72 22.02
C LEU F 6 -26.84 -9.11 22.43
N GLY F 7 -27.03 -10.33 22.89
CA GLY F 7 -28.34 -10.76 23.29
C GLY F 7 -28.88 -9.93 24.42
N ALA F 8 -28.00 -9.43 25.27
CA ALA F 8 -28.42 -8.64 26.39
C ALA F 8 -28.63 -7.19 26.04
N ALA F 9 -28.36 -6.78 24.82
CA ALA F 9 -28.54 -5.38 24.53
C ALA F 9 -29.98 -5.07 24.77
N GLY F 10 -30.25 -3.96 25.40
CA GLY F 10 -31.63 -3.57 25.63
C GLY F 10 -32.13 -4.05 26.99
N SER F 11 -31.41 -4.96 27.62
CA SER F 11 -31.83 -5.45 28.91
C SER F 11 -31.30 -4.49 29.94
N THR F 12 -31.79 -4.62 31.14
CA THR F 12 -31.33 -3.81 32.23
C THR F 12 -29.83 -3.91 32.37
N MET F 13 -29.17 -2.75 32.49
CA MET F 13 -27.72 -2.64 32.58
C MET F 13 -27.12 -3.62 33.56
N GLY F 14 -27.70 -3.71 34.75
CA GLY F 14 -27.20 -4.59 35.78
C GLY F 14 -27.24 -6.05 35.38
N ALA F 15 -28.18 -6.45 34.53
CA ALA F 15 -28.23 -7.83 34.11
C ALA F 15 -27.28 -8.04 32.95
N ALA F 16 -27.18 -7.05 32.10
CA ALA F 16 -26.35 -7.15 30.92
C ALA F 16 -24.90 -7.34 31.27
N SER F 17 -24.47 -6.70 32.35
CA SER F 17 -23.09 -6.74 32.80
C SER F 17 -22.67 -8.12 33.28
N MET F 18 -23.58 -9.05 33.43
CA MET F 18 -23.14 -10.35 33.88
C MET F 18 -22.56 -11.16 32.77
N THR F 19 -22.86 -10.79 31.54
CA THR F 19 -22.36 -11.57 30.42
C THR F 19 -21.48 -10.76 29.49
N LEU F 20 -20.38 -10.24 30.03
CA LEU F 20 -19.44 -9.44 29.26
C LEU F 20 -18.53 -10.31 28.42
N THR F 21 -18.37 -11.58 28.80
CA THR F 21 -17.48 -12.47 28.10
C THR F 21 -17.99 -12.80 26.73
N VAL F 22 -19.27 -12.63 26.51
CA VAL F 22 -19.79 -12.99 25.22
C VAL F 22 -19.27 -12.05 24.15
N GLN F 23 -19.27 -10.76 24.44
CA GLN F 23 -18.81 -9.81 23.47
C GLN F 23 -17.30 -9.85 23.46
N ALA F 24 -16.67 -10.04 24.63
CA ALA F 24 -15.23 -10.06 24.65
C ALA F 24 -14.69 -11.15 23.73
N ARG F 25 -15.38 -12.31 23.66
CA ARG F 25 -14.97 -13.39 22.77
C ARG F 25 -15.18 -13.09 21.29
N ASN F 26 -16.30 -12.46 20.95
CA ASN F 26 -16.61 -12.18 19.56
C ASN F 26 -15.78 -11.06 18.94
N LEU F 27 -15.26 -10.17 19.75
CA LEU F 27 -14.41 -9.13 19.20
C LEU F 27 -13.19 -9.82 18.65
N LEU F 28 -12.69 -9.34 17.52
CA LEU F 28 -11.49 -9.94 16.92
C LEU F 28 -11.65 -11.46 16.61
N SER F 29 -12.84 -11.88 16.12
CA SER F 29 -13.15 -13.24 15.71
C SER F 29 -12.88 -13.39 14.21
N THR F 52 -8.16 -9.25 -7.24
CA THR F 52 -6.91 -8.57 -6.92
C THR F 52 -7.01 -7.78 -5.62
N HIS F 53 -7.91 -6.80 -5.60
CA HIS F 53 -8.11 -5.98 -4.41
C HIS F 53 -9.05 -6.66 -3.42
N TRP F 54 -9.76 -7.70 -3.88
CA TRP F 54 -10.67 -8.44 -3.03
C TRP F 54 -9.88 -8.99 -1.87
N GLY F 55 -8.63 -9.37 -2.16
CA GLY F 55 -7.74 -9.86 -1.14
C GLY F 55 -7.38 -8.68 -0.28
N ILE F 56 -7.26 -7.52 -0.93
CA ILE F 56 -6.95 -6.31 -0.19
C ILE F 56 -8.11 -5.98 0.72
N LYS F 57 -9.34 -6.10 0.24
CA LYS F 57 -10.44 -5.81 1.15
C LYS F 57 -10.37 -6.71 2.38
N GLN F 58 -10.04 -8.00 2.21
CA GLN F 58 -9.94 -8.84 3.39
C GLN F 58 -8.78 -8.44 4.28
N LEU F 59 -7.64 -8.06 3.72
CA LEU F 59 -6.54 -7.67 4.56
C LEU F 59 -6.87 -6.43 5.33
N GLN F 60 -7.56 -5.51 4.68
CA GLN F 60 -7.96 -4.26 5.33
C GLN F 60 -8.89 -4.55 6.49
N ALA F 61 -9.79 -5.51 6.30
CA ALA F 61 -10.72 -5.88 7.35
C ALA F 61 -10.02 -6.52 8.53
N ARG F 62 -9.03 -7.36 8.25
CA ARG F 62 -8.33 -8.02 9.34
C ARG F 62 -7.53 -7.03 10.13
N VAL F 63 -6.90 -6.10 9.44
CA VAL F 63 -6.10 -5.10 10.11
C VAL F 63 -6.97 -4.20 10.94
N LEU F 64 -8.12 -3.83 10.42
CA LEU F 64 -9.02 -2.96 11.13
C LEU F 64 -9.45 -3.58 12.43
N ALA F 65 -9.80 -4.87 12.41
CA ALA F 65 -10.23 -5.53 13.63
C ALA F 65 -9.12 -5.53 14.66
N VAL F 66 -7.90 -5.75 14.21
CA VAL F 66 -6.77 -5.76 15.12
C VAL F 66 -6.51 -4.42 15.70
N GLU F 67 -6.53 -3.38 14.90
CA GLU F 67 -6.26 -2.07 15.41
C GLU F 67 -7.27 -1.64 16.43
N HIS F 68 -8.53 -1.96 16.22
CA HIS F 68 -9.48 -1.52 17.20
C HIS F 68 -9.31 -2.30 18.47
N TYR F 69 -9.05 -3.59 18.36
CA TYR F 69 -8.85 -4.38 19.55
C TYR F 69 -7.70 -3.84 20.36
N LEU F 70 -6.58 -3.58 19.70
CA LEU F 70 -5.42 -3.12 20.41
C LEU F 70 -5.59 -1.76 20.99
N ARG F 71 -6.28 -0.85 20.31
CA ARG F 71 -6.42 0.45 20.94
C ARG F 71 -7.21 0.34 22.24
N ASP F 72 -8.22 -0.52 22.30
CA ASP F 72 -8.91 -0.63 23.56
C ASP F 72 -8.04 -1.26 24.62
N GLN F 73 -7.24 -2.25 24.25
CA GLN F 73 -6.41 -2.85 25.28
C GLN F 73 -5.32 -1.90 25.74
N GLN F 74 -4.81 -1.08 24.84
CA GLN F 74 -3.79 -0.12 25.18
C GLN F 74 -4.33 0.82 26.21
N LEU F 75 -5.55 1.28 25.98
CA LEU F 75 -6.15 2.23 26.86
C LEU F 75 -6.44 1.62 28.21
N LEU F 76 -6.92 0.39 28.24
CA LEU F 76 -7.17 -0.20 29.54
C LEU F 76 -5.86 -0.33 30.30
N GLY F 77 -4.79 -0.69 29.60
CA GLY F 77 -3.51 -0.83 30.27
C GLY F 77 -3.08 0.49 30.88
N ILE F 78 -3.28 1.58 30.16
CA ILE F 78 -2.92 2.90 30.64
C ILE F 78 -3.67 3.24 31.91
N TRP F 79 -4.91 2.83 31.99
CA TRP F 79 -5.74 3.09 33.16
C TRP F 79 -5.47 2.17 34.34
N GLY F 80 -4.57 1.20 34.17
CA GLY F 80 -4.25 0.27 35.24
C GLY F 80 -4.91 -1.10 35.27
N CYS F 81 -5.63 -1.52 34.21
CA CYS F 81 -6.29 -2.82 34.13
C CYS F 81 -5.94 -3.52 32.84
N SER F 82 -5.60 -4.77 32.95
CA SER F 82 -5.31 -5.54 31.79
C SER F 82 -5.75 -6.92 32.10
N GLY F 83 -6.54 -7.50 31.21
CA GLY F 83 -7.04 -8.83 31.47
C GLY F 83 -8.20 -8.81 32.45
N LYS F 84 -8.92 -7.69 32.52
CA LYS F 84 -10.04 -7.65 33.42
C LYS F 84 -11.24 -7.13 32.68
N LEU F 85 -12.40 -7.72 32.92
CA LEU F 85 -13.61 -7.21 32.29
C LEU F 85 -14.24 -6.16 33.17
N ILE F 86 -14.05 -6.28 34.47
CA ILE F 86 -14.58 -5.29 35.40
C ILE F 86 -13.38 -4.62 36.10
N CYS F 87 -13.10 -3.36 35.74
CA CYS F 87 -11.97 -2.58 36.21
C CYS F 87 -12.45 -1.54 37.20
N CYS F 88 -12.09 -1.75 38.43
CA CYS F 88 -12.52 -0.88 39.49
C CYS F 88 -11.43 0.17 39.71
N THR F 89 -11.79 1.46 39.65
CA THR F 89 -10.76 2.47 39.85
C THR F 89 -11.08 3.49 40.91
N ASN F 90 -10.13 4.38 41.15
CA ASN F 90 -10.25 5.37 42.22
C ASN F 90 -10.70 6.77 41.84
N VAL F 91 -11.09 6.99 40.60
CA VAL F 91 -11.58 8.30 40.24
C VAL F 91 -12.99 8.41 40.78
N PRO F 92 -13.35 9.43 41.58
CA PRO F 92 -14.66 9.62 42.15
C PRO F 92 -15.62 9.99 41.07
N TRP F 93 -16.87 9.66 41.26
CA TRP F 93 -17.89 10.02 40.31
C TRP F 93 -18.39 11.43 40.61
N ASN F 94 -18.46 12.27 39.57
CA ASN F 94 -18.96 13.64 39.62
C ASN F 94 -20.45 13.65 39.33
N SER F 95 -21.24 14.28 40.22
CA SER F 95 -22.70 14.39 40.11
C SER F 95 -23.10 15.23 38.90
N SER F 96 -22.14 15.99 38.35
CA SER F 96 -22.45 16.75 37.16
C SER F 96 -22.40 15.87 35.91
N TRP F 97 -21.70 14.73 35.94
CA TRP F 97 -21.64 13.89 34.75
C TRP F 97 -22.99 13.24 34.63
N SER F 98 -23.49 12.82 35.77
CA SER F 98 -24.83 12.25 35.87
C SER F 98 -25.25 12.37 37.31
N ASN F 99 -26.44 12.90 37.52
CA ASN F 99 -26.96 13.06 38.86
C ASN F 99 -28.01 12.01 39.20
N ARG F 100 -28.04 10.94 38.44
CA ARG F 100 -28.97 9.87 38.74
C ARG F 100 -28.42 9.04 39.89
N ASN F 101 -29.31 8.37 40.64
CA ASN F 101 -28.97 7.44 41.70
C ASN F 101 -28.63 6.07 41.09
N LEU F 102 -27.98 5.18 41.88
CA LEU F 102 -27.58 3.86 41.39
C LEU F 102 -28.74 2.94 41.06
N SER F 103 -29.87 3.06 41.75
CA SER F 103 -30.93 2.13 41.40
C SER F 103 -31.50 2.46 40.03
N GLU F 104 -31.53 3.73 39.65
CA GLU F 104 -32.05 3.99 38.32
C GLU F 104 -31.05 3.53 37.28
N ILE F 105 -29.77 3.78 37.53
CA ILE F 105 -28.78 3.44 36.55
C ILE F 105 -28.66 1.97 36.33
N TRP F 106 -28.61 1.19 37.39
CA TRP F 106 -28.43 -0.23 37.20
C TRP F 106 -29.70 -1.05 37.03
N ASP F 107 -30.83 -0.61 37.58
CA ASP F 107 -32.05 -1.41 37.46
C ASP F 107 -33.00 -1.01 36.33
N ASN F 108 -33.04 0.26 35.91
CA ASN F 108 -33.98 0.60 34.86
C ASN F 108 -33.33 0.92 33.52
N MET F 109 -32.18 1.58 33.54
CA MET F 109 -31.54 1.96 32.29
C MET F 109 -30.80 0.82 31.64
N THR F 110 -30.70 0.87 30.31
CA THR F 110 -29.93 -0.08 29.53
C THR F 110 -28.58 0.53 29.22
N TRP F 111 -27.63 -0.28 28.71
CA TRP F 111 -26.34 0.30 28.37
C TRP F 111 -26.41 1.24 27.18
N LEU F 112 -27.34 0.99 26.26
CA LEU F 112 -27.43 1.87 25.11
C LEU F 112 -27.87 3.25 25.54
N GLN F 113 -28.83 3.30 26.46
CA GLN F 113 -29.34 4.59 26.93
C GLN F 113 -28.29 5.34 27.71
N TRP F 114 -27.56 4.61 28.52
CA TRP F 114 -26.54 5.18 29.34
C TRP F 114 -25.44 5.78 28.51
N ASP F 115 -25.00 5.06 27.50
CA ASP F 115 -23.92 5.60 26.71
C ASP F 115 -24.33 6.93 26.12
N LYS F 116 -25.58 7.05 25.68
CA LYS F 116 -25.97 8.34 25.15
C LYS F 116 -25.98 9.41 26.23
N GLU F 117 -26.55 9.07 27.38
CA GLU F 117 -26.65 9.99 28.51
C GLU F 117 -25.35 10.68 28.93
N ILE F 118 -24.22 9.97 28.89
CA ILE F 118 -22.98 10.58 29.33
C ILE F 118 -21.96 10.70 28.22
N SER F 119 -22.41 10.72 26.98
CA SER F 119 -21.47 10.82 25.87
C SER F 119 -20.50 12.00 25.95
N ASN F 120 -20.98 13.18 26.39
CA ASN F 120 -20.24 14.44 26.48
C ASN F 120 -19.10 14.43 27.53
N TYR F 121 -19.07 13.43 28.44
CA TYR F 121 -18.10 13.34 29.53
C TYR F 121 -17.09 12.26 29.28
N THR F 122 -17.12 11.66 28.09
CA THR F 122 -16.19 10.57 27.82
C THR F 122 -14.75 10.97 27.95
N GLN F 123 -14.39 12.12 27.41
CA GLN F 123 -13.00 12.49 27.45
C GLN F 123 -12.58 13.00 28.80
N ILE F 124 -13.51 13.57 29.55
CA ILE F 124 -13.16 14.04 30.85
C ILE F 124 -12.82 12.86 31.71
N ILE F 125 -13.67 11.85 31.67
CA ILE F 125 -13.43 10.70 32.47
C ILE F 125 -12.16 10.02 32.05
N TYR F 126 -11.95 9.84 30.76
CA TYR F 126 -10.74 9.15 30.36
C TYR F 126 -9.51 9.89 30.83
N GLY F 127 -9.50 11.20 30.74
CA GLY F 127 -8.34 11.93 31.18
C GLY F 127 -8.06 11.70 32.66
N LEU F 128 -9.12 11.69 33.47
CA LEU F 128 -8.93 11.48 34.89
C LEU F 128 -8.41 10.10 35.19
N LEU F 129 -8.86 9.11 34.42
CA LEU F 129 -8.42 7.76 34.64
C LEU F 129 -6.94 7.62 34.36
N GLU F 130 -6.43 8.29 33.32
CA GLU F 130 -5.01 8.20 33.01
C GLU F 130 -4.19 8.86 34.11
N GLU F 131 -4.68 9.98 34.64
CA GLU F 131 -3.93 10.67 35.67
C GLU F 131 -3.88 9.88 36.94
N SER F 132 -4.96 9.19 37.27
CA SER F 132 -4.98 8.41 38.47
C SER F 132 -3.97 7.31 38.39
N GLN F 133 -3.90 6.61 37.26
CA GLN F 133 -2.92 5.54 37.19
C GLN F 133 -1.52 6.08 37.22
N ASN F 134 -1.28 7.20 36.57
CA ASN F 134 0.07 7.71 36.60
C ASN F 134 0.52 7.94 38.03
N GLN F 135 -0.35 8.53 38.83
CA GLN F 135 0.05 8.78 40.19
C GLN F 135 0.25 7.50 40.96
N GLN F 136 -0.60 6.51 40.72
CA GLN F 136 -0.46 5.26 41.44
C GLN F 136 0.83 4.56 41.13
N GLU F 137 1.26 4.58 39.87
CA GLU F 137 2.50 3.90 39.57
C GLU F 137 3.66 4.56 40.25
N LYS F 138 3.65 5.89 40.29
CA LYS F 138 4.75 6.54 40.97
C LYS F 138 4.72 6.22 42.45
N ASN F 139 3.53 6.16 43.05
CA ASN F 139 3.47 5.90 44.47
C ASN F 139 3.97 4.49 44.76
N GLU F 140 3.66 3.53 43.88
CA GLU F 140 4.12 2.17 44.12
C GLU F 140 5.61 2.11 44.09
N GLN F 141 6.22 2.82 43.14
CA GLN F 141 7.66 2.80 43.02
C GLN F 141 8.30 3.36 44.27
N ASP F 142 7.72 4.41 44.83
CA ASP F 142 8.31 4.99 46.01
C ASP F 142 8.20 4.06 47.21
N LEU F 143 7.07 3.39 47.37
CA LEU F 143 6.96 2.51 48.53
C LEU F 143 7.91 1.36 48.46
N LEU F 144 8.08 0.80 47.28
CA LEU F 144 8.97 -0.32 47.14
C LEU F 144 10.39 0.10 47.43
N ALA F 145 10.77 1.28 46.98
CA ALA F 145 12.12 1.74 47.23
C ALA F 145 12.26 2.12 48.69
N LEU F 146 11.18 2.63 49.27
CA LEU F 146 11.20 3.09 50.65
C LEU F 146 11.53 2.02 51.68
N ASP F 147 10.97 0.83 51.50
CA ASP F 147 11.22 -0.26 52.44
C ASP F 147 12.32 -1.19 51.93
N UNK G 1 23.77 27.22 29.17
CA UNK G 1 25.11 27.82 29.17
C UNK G 1 25.07 29.00 30.15
N UNK G 2 26.19 29.77 30.23
CA UNK G 2 26.34 30.95 31.11
C UNK G 2 27.26 31.96 30.44
N UNK G 3 27.13 33.22 30.82
CA UNK G 3 28.00 34.22 30.23
C UNK G 3 28.23 35.33 31.20
N UNK G 4 29.33 36.03 31.06
CA UNK G 4 29.54 37.17 31.94
C UNK G 4 30.31 38.31 31.32
N UNK G 5 29.71 39.49 31.47
CA UNK G 5 30.23 40.78 31.04
C UNK G 5 31.37 41.23 31.94
N UNK G 6 32.34 41.94 31.39
CA UNK G 6 33.50 42.38 32.15
C UNK G 6 34.27 43.57 31.58
N UNK G 7 35.09 44.16 32.48
CA UNK G 7 36.10 45.19 32.24
C UNK G 7 35.67 46.52 31.64
N UNK G 8 34.54 47.07 32.03
CA UNK G 8 34.17 48.37 31.49
C UNK G 8 33.42 49.24 32.47
N UNK G 9 33.94 49.43 33.67
CA UNK G 9 33.19 50.21 34.67
C UNK G 9 32.95 51.68 34.27
N UNK G 10 33.94 52.27 33.62
CA UNK G 10 33.85 53.67 33.30
C UNK G 10 34.72 54.06 32.14
N UNK G 11 34.41 55.21 31.56
CA UNK G 11 35.20 55.71 30.45
C UNK G 11 35.28 57.23 30.45
N UNK G 12 36.30 57.76 29.80
CA UNK G 12 36.36 59.19 29.59
C UNK G 12 35.41 59.50 28.46
N UNK G 13 34.91 60.73 28.39
CA UNK G 13 34.09 61.03 27.23
C UNK G 13 34.95 60.86 26.01
N UNK G 14 34.36 60.31 24.96
CA UNK G 14 34.97 60.05 23.67
C UNK G 14 36.08 58.99 23.69
N UNK G 15 36.22 58.26 24.80
CA UNK G 15 37.14 57.14 24.86
C UNK G 15 36.45 55.96 24.24
N UNK G 16 37.18 55.00 23.69
CA UNK G 16 36.42 53.87 23.17
C UNK G 16 35.68 53.21 24.29
N UNK G 17 34.43 52.90 24.07
CA UNK G 17 33.62 52.27 25.09
C UNK G 17 33.75 50.78 24.99
N UNK G 18 34.92 50.28 25.32
CA UNK G 18 35.21 48.86 25.21
C UNK G 18 34.63 48.06 26.35
N UNK G 19 34.22 46.82 26.05
CA UNK G 19 33.71 45.84 27.01
C UNK G 19 33.91 44.42 26.47
N UNK G 20 33.88 43.42 27.35
CA UNK G 20 34.02 42.02 26.89
C UNK G 20 33.18 41.04 27.69
N UNK G 21 32.93 39.86 27.13
CA UNK G 21 32.22 38.83 27.89
C UNK G 21 32.70 37.43 27.55
N UNK G 22 32.75 36.57 28.56
CA UNK G 22 33.16 35.18 28.36
C UNK G 22 31.99 34.27 28.13
N UNK G 23 32.21 33.25 27.29
CA UNK G 23 31.21 32.22 26.99
C UNK G 23 31.47 30.96 27.78
N UNK G 24 30.73 30.76 28.85
CA UNK G 24 30.94 29.64 29.74
C UNK G 24 30.00 28.52 29.39
N UNK G 25 30.46 27.28 29.55
CA UNK G 25 29.59 26.13 29.30
C UNK G 25 29.01 26.21 27.90
N UNK G 26 29.83 26.62 26.95
CA UNK G 26 29.42 26.77 25.57
C UNK G 26 30.62 26.54 24.69
N UNK G 27 30.38 26.11 23.46
CA UNK G 27 31.47 25.90 22.53
C UNK G 27 32.11 27.17 22.01
N UNK G 28 31.29 28.21 21.81
CA UNK G 28 31.71 29.48 21.19
C UNK G 28 32.15 29.24 19.74
N UNK G 29 31.89 28.04 19.24
CA UNK G 29 32.18 27.60 17.90
C UNK G 29 31.37 26.34 17.57
N UNK G 30 30.11 26.30 18.01
CA UNK G 30 29.24 25.18 17.73
C UNK G 30 28.62 25.40 16.37
N UNK G 31 28.03 24.35 15.81
CA UNK G 31 27.43 24.45 14.48
C UNK G 31 26.41 25.56 14.35
N UNK G 32 25.68 25.91 15.41
CA UNK G 32 24.75 27.02 15.25
C UNK G 32 24.91 28.00 16.39
N UNK G 33 26.12 28.14 16.90
CA UNK G 33 26.30 29.09 17.97
C UNK G 33 26.25 30.52 17.46
N UNK G 34 25.59 31.36 18.23
CA UNK G 34 25.52 32.78 17.94
C UNK G 34 25.32 33.52 19.23
N UNK G 35 25.82 34.74 19.28
CA UNK G 35 25.69 35.55 20.47
C UNK G 35 25.54 37.00 20.09
N UNK G 36 25.02 37.77 21.01
CA UNK G 36 24.75 39.17 20.76
C UNK G 36 24.85 40.01 22.01
N UNK G 37 24.94 41.31 21.81
CA UNK G 37 24.99 42.22 22.93
C UNK G 37 23.89 43.26 22.78
N UNK G 38 23.39 43.69 23.93
CA UNK G 38 22.37 44.73 24.04
C UNK G 38 22.62 45.49 25.32
N UNK G 39 22.11 46.71 25.42
CA UNK G 39 22.32 47.46 26.65
C UNK G 39 21.20 48.38 26.95
N UNK G 40 21.04 48.74 28.21
CA UNK G 40 19.98 49.66 28.49
C UNK G 40 20.26 50.75 29.50
N UNK G 41 19.76 51.91 29.14
CA UNK G 41 19.65 53.06 29.98
C UNK G 41 18.34 52.84 30.67
N UNK G 42 18.05 53.53 31.73
CA UNK G 42 16.78 53.27 32.36
C UNK G 42 15.65 53.43 31.34
N UNK G 43 14.74 52.45 31.37
CA UNK G 43 13.55 52.34 30.52
C UNK G 43 13.86 52.27 29.02
N UNK G 44 15.08 51.90 28.66
CA UNK G 44 15.45 51.78 27.25
C UNK G 44 15.07 50.45 26.62
N UNK G 45 14.63 49.50 27.44
CA UNK G 45 14.25 48.17 27.01
C UNK G 45 15.32 47.40 26.22
N UNK G 46 16.57 47.50 26.68
CA UNK G 46 17.71 46.75 26.11
C UNK G 46 17.88 46.85 24.61
N UNK G 47 18.01 48.04 24.06
CA UNK G 47 18.15 48.12 22.62
C UNK G 47 19.36 47.31 22.16
N UNK G 48 19.17 46.55 21.07
CA UNK G 48 20.23 45.71 20.52
C UNK G 48 21.36 46.54 20.02
N UNK G 49 22.59 46.03 20.17
CA UNK G 49 23.74 46.73 19.66
C UNK G 49 24.41 45.99 18.51
N UNK G 50 24.69 44.71 18.72
CA UNK G 50 25.45 43.94 17.71
C UNK G 50 25.29 42.45 17.89
N UNK G 51 25.67 41.69 16.87
CA UNK G 51 25.64 40.23 16.95
C UNK G 51 26.68 39.56 16.07
N UNK G 52 27.01 38.32 16.40
CA UNK G 52 27.89 37.55 15.54
C UNK G 52 27.57 36.07 15.62
N UNK G 53 27.61 35.43 14.46
CA UNK G 53 27.40 33.99 14.34
C UNK G 53 28.69 33.27 14.40
N UNK G 54 28.95 32.59 15.51
CA UNK G 54 30.23 31.92 15.71
C UNK G 54 30.35 30.83 14.69
N UNK G 55 29.20 30.26 14.40
CA UNK G 55 29.05 29.20 13.45
C UNK G 55 29.53 29.58 12.06
N UNK G 56 29.44 30.87 11.71
CA UNK G 56 29.79 31.32 10.39
C UNK G 56 30.85 32.41 10.37
N UNK G 57 31.26 32.92 11.53
CA UNK G 57 32.16 34.06 11.61
C UNK G 57 31.54 35.22 10.83
N UNK G 58 30.23 35.37 11.01
CA UNK G 58 29.47 36.41 10.31
C UNK G 58 28.93 37.46 11.25
N UNK G 59 29.42 38.68 11.10
CA UNK G 59 29.05 39.81 11.96
C UNK G 59 27.77 40.50 11.50
N UNK G 60 27.11 41.16 12.45
CA UNK G 60 25.93 41.97 12.21
C UNK G 60 25.92 43.12 13.22
N UNK G 61 25.23 44.23 12.89
CA UNK G 61 25.17 45.37 13.83
C UNK G 61 23.93 46.21 13.62
N UNK G 62 23.54 46.95 14.67
CA UNK G 62 22.42 47.89 14.55
C UNK G 62 22.79 48.95 13.56
N UNK G 63 21.84 49.38 12.73
CA UNK G 63 22.16 50.42 11.75
C UNK G 63 22.62 51.70 12.43
N UNK G 64 22.02 52.00 13.56
CA UNK G 64 22.28 53.20 14.33
C UNK G 64 23.73 53.35 14.73
N UNK G 65 24.41 52.25 14.95
CA UNK G 65 25.79 52.31 15.36
C UNK G 65 26.63 51.50 14.40
N UNK G 66 26.18 51.35 13.17
CA UNK G 66 26.94 50.53 12.25
C UNK G 66 28.34 51.07 12.05
N UNK G 67 28.47 52.40 12.05
CA UNK G 67 29.79 52.99 11.88
C UNK G 67 30.54 53.12 13.19
N UNK G 68 29.79 53.34 14.26
CA UNK G 68 30.39 53.57 15.57
C UNK G 68 30.83 52.32 16.30
N UNK G 69 30.16 51.20 16.08
CA UNK G 69 30.47 50.00 16.85
C UNK G 69 31.14 48.93 16.03
N UNK G 70 31.99 48.18 16.71
CA UNK G 70 32.63 47.02 16.09
C UNK G 70 32.74 45.89 17.10
N UNK G 71 32.81 44.65 16.60
CA UNK G 71 32.92 43.49 17.48
C UNK G 71 33.77 42.40 16.84
N UNK G 72 34.35 41.57 17.70
CA UNK G 72 35.20 40.47 17.28
C UNK G 72 35.19 39.38 18.32
N UNK G 73 35.59 38.18 17.95
CA UNK G 73 35.61 37.09 18.91
C UNK G 73 36.66 36.05 18.58
N UNK G 74 37.04 35.27 19.59
CA UNK G 74 37.99 34.19 19.37
C UNK G 74 37.59 32.95 20.14
N UNK G 75 37.49 31.84 19.41
CA UNK G 75 37.15 30.56 20.04
C UNK G 75 38.22 30.20 21.04
N UNK G 76 39.46 30.58 20.74
CA UNK G 76 40.58 30.31 21.61
C UNK G 76 40.38 30.93 22.99
N UNK G 77 39.75 32.09 23.05
CA UNK G 77 39.50 32.76 24.30
C UNK G 77 38.17 32.31 24.86
N UNK G 78 37.34 31.75 23.97
CA UNK G 78 35.97 31.39 24.26
C UNK G 78 35.32 32.62 24.81
N UNK G 79 35.57 33.72 24.11
CA UNK G 79 35.09 35.01 24.51
C UNK G 79 34.92 35.92 23.32
N UNK G 80 34.10 36.94 23.52
CA UNK G 80 33.83 37.96 22.51
C UNK G 80 33.97 39.34 23.12
N UNK G 81 34.22 40.34 22.29
CA UNK G 81 34.36 41.70 22.78
C UNK G 81 33.90 42.71 21.76
N UNK G 82 33.57 43.90 22.24
CA UNK G 82 33.11 44.96 21.36
C UNK G 82 33.40 46.32 21.92
N UNK G 83 33.42 47.33 21.04
CA UNK G 83 33.58 48.69 21.54
C UNK G 83 32.95 49.73 20.66
N UNK G 84 32.46 50.79 21.27
CA UNK G 84 32.05 51.94 20.48
C UNK G 84 33.30 52.76 20.24
N UNK G 85 33.43 53.36 19.08
CA UNK G 85 34.60 54.16 18.77
C UNK G 85 34.84 55.28 19.75
N UNK G 86 33.78 55.89 20.25
CA UNK G 86 33.92 56.97 21.19
C UNK G 86 32.70 57.02 22.07
N UNK G 87 32.90 57.09 23.38
CA UNK G 87 31.77 57.19 24.28
C UNK G 87 31.05 58.50 24.07
N UNK G 88 29.73 58.44 23.93
CA UNK G 88 28.92 59.64 23.75
C UNK G 88 28.88 60.47 25.00
N UNK G 89 29.05 59.76 26.11
CA UNK G 89 28.95 60.28 27.47
C UNK G 89 27.56 60.81 27.75
N UNK G 90 26.63 60.35 26.95
CA UNK G 90 25.22 60.65 27.02
C UNK G 90 24.51 59.36 26.75
N UNK G 91 25.16 58.27 27.12
CA UNK G 91 24.64 56.94 26.89
C UNK G 91 25.05 55.98 27.99
N UNK G 92 24.77 56.32 29.25
CA UNK G 92 25.10 55.39 30.34
C UNK G 92 24.15 54.22 30.21
N UNK G 93 24.64 53.02 30.43
CA UNK G 93 23.80 51.85 30.28
C UNK G 93 24.40 50.63 30.93
N UNK G 94 23.58 49.62 31.21
CA UNK G 94 24.14 48.36 31.64
C UNK G 94 24.08 47.38 30.49
N UNK G 95 25.24 46.87 30.11
CA UNK G 95 25.33 46.00 28.96
C UNK G 95 25.48 44.54 29.30
N UNK G 96 24.90 43.67 28.48
CA UNK G 96 25.04 42.24 28.72
C UNK G 96 25.11 41.42 27.46
N UNK G 97 25.81 40.31 27.59
CA UNK G 97 25.92 39.30 26.56
C UNK G 97 24.69 38.42 26.58
N UNK G 98 24.28 37.94 25.42
CA UNK G 98 23.18 37.00 25.36
C UNK G 98 23.36 35.96 24.28
N UNK G 99 22.86 34.78 24.55
CA UNK G 99 22.86 33.69 23.60
C UNK G 99 21.64 33.85 22.77
N UNK G 100 21.77 33.66 21.48
CA UNK G 100 20.61 33.76 20.63
C UNK G 100 20.03 32.40 20.36
N UNK G 101 18.72 32.30 20.29
CA UNK G 101 18.14 31.04 19.85
C UNK G 101 18.50 30.86 18.38
N UNK G 102 18.76 29.63 17.97
CA UNK G 102 19.14 29.32 16.58
C UNK G 102 17.98 29.46 15.61
N UNK G 103 16.79 29.44 16.13
CA UNK G 103 15.58 29.55 15.34
C UNK G 103 14.59 30.21 16.20
N UNK G 104 13.64 30.92 15.62
CA UNK G 104 12.71 31.64 16.49
C UNK G 104 13.60 32.45 17.42
N UNK G 105 14.53 33.19 16.81
CA UNK G 105 15.54 33.88 17.55
C UNK G 105 14.95 34.71 18.64
N UNK G 106 15.55 34.57 19.79
CA UNK G 106 15.19 35.23 21.02
C UNK G 106 16.40 35.31 21.88
N UNK G 107 16.41 36.21 22.85
CA UNK G 107 17.54 36.26 23.76
C UNK G 107 17.37 35.16 24.80
N UNK G 108 17.67 33.94 24.34
CA UNK G 108 17.48 32.67 25.03
C UNK G 108 18.19 32.59 26.37
N UNK G 109 19.34 33.20 26.48
CA UNK G 109 20.04 33.18 27.76
C UNK G 109 20.83 34.45 27.91
N UNK G 110 21.05 34.93 29.11
CA UNK G 110 21.82 36.15 29.22
C UNK G 110 22.60 36.30 30.50
N UNK G 111 23.66 37.09 30.38
CA UNK G 111 24.55 37.50 31.44
C UNK G 111 23.90 38.56 32.30
N UNK G 112 24.35 38.69 33.54
CA UNK G 112 23.92 39.83 34.31
C UNK G 112 24.55 41.01 33.61
N UNK G 113 23.87 42.14 33.54
CA UNK G 113 24.48 43.28 32.88
C UNK G 113 25.50 43.99 33.73
N UNK G 114 26.52 44.54 33.06
CA UNK G 114 27.55 45.34 33.69
C UNK G 114 27.29 46.81 33.46
N UNK G 115 26.93 47.53 34.52
CA UNK G 115 26.65 48.96 34.41
C UNK G 115 27.90 49.71 34.08
N UNK G 116 27.79 50.70 33.20
CA UNK G 116 28.94 51.53 32.86
C UNK G 116 28.53 52.96 32.51
N UNK G 117 29.43 53.90 32.77
CA UNK G 117 29.18 55.28 32.38
C UNK G 117 30.48 56.02 32.07
N UNK G 118 30.42 57.07 31.21
CA UNK G 118 31.60 57.88 30.85
C UNK G 118 32.01 58.78 32.02
N UNK H 1 8.26 53.18 16.42
CA UNK H 1 6.82 52.95 16.36
C UNK H 1 6.44 51.51 15.88
N UNK H 2 7.42 50.55 15.91
CA UNK H 2 7.29 49.13 15.52
C UNK H 2 6.26 48.37 16.36
N UNK H 3 6.19 48.72 17.63
CA UNK H 3 5.27 48.14 18.58
C UNK H 3 5.15 49.11 19.74
N UNK H 4 4.07 49.06 20.50
CA UNK H 4 4.02 49.94 21.65
C UNK H 4 3.27 49.39 22.83
N UNK H 5 4.00 49.25 23.92
CA UNK H 5 3.45 48.74 25.17
C UNK H 5 2.70 49.83 25.87
N UNK H 6 1.66 49.46 26.60
CA UNK H 6 1.05 50.46 27.44
C UNK H 6 2.12 50.90 28.40
N UNK H 7 2.27 52.17 28.69
CA UNK H 7 3.36 52.52 29.60
C UNK H 7 3.23 51.88 30.98
N UNK H 8 2.01 51.79 31.48
CA UNK H 8 1.83 51.27 32.80
C UNK H 8 0.41 50.80 33.03
N UNK H 9 0.27 50.00 34.07
CA UNK H 9 -1.03 49.55 34.54
C UNK H 9 -0.96 49.33 36.02
N UNK H 10 -2.10 49.46 36.71
CA UNK H 10 -2.13 49.13 38.12
C UNK H 10 -2.23 47.64 38.24
N UNK H 11 -1.58 47.06 39.25
CA UNK H 11 -1.75 45.65 39.43
C UNK H 11 -2.93 45.38 40.32
N UNK H 12 -3.64 44.30 40.06
CA UNK H 12 -4.67 43.88 40.98
C UNK H 12 -3.91 43.27 42.14
N UNK H 13 -4.45 43.33 43.35
CA UNK H 13 -3.75 42.76 44.49
C UNK H 13 -3.94 41.27 44.57
N UNK H 14 -3.32 40.57 43.62
CA UNK H 14 -3.42 39.14 43.42
C UNK H 14 -4.89 38.78 43.35
N UNK H 15 -5.67 39.63 42.68
CA UNK H 15 -7.10 39.44 42.61
C UNK H 15 -7.71 39.26 41.23
N UNK H 16 -6.97 39.51 40.16
CA UNK H 16 -7.59 39.45 38.85
C UNK H 16 -6.59 39.28 37.72
N UNK H 17 -7.01 38.71 36.61
CA UNK H 17 -6.15 38.64 35.44
C UNK H 17 -6.16 39.94 34.67
N UNK H 18 -5.07 40.23 33.97
CA UNK H 18 -5.04 41.41 33.13
C UNK H 18 -4.34 41.19 31.81
N UNK H 19 -4.95 41.76 30.80
CA UNK H 19 -4.42 41.72 29.45
C UNK H 19 -3.41 42.81 29.22
N UNK H 20 -2.27 42.71 29.89
CA UNK H 20 -1.24 43.71 29.65
C UNK H 20 -0.96 43.60 28.18
N UNK H 21 -0.78 44.70 27.48
CA UNK H 21 -0.66 44.55 26.04
C UNK H 21 0.19 45.59 25.36
N UNK H 22 0.55 45.24 24.13
CA UNK H 22 1.29 46.13 23.24
C UNK H 22 0.68 46.09 21.85
N UNK H 23 0.63 47.27 21.24
CA UNK H 23 0.12 47.51 19.91
C UNK H 23 1.11 47.12 18.85
N UNK H 24 0.62 46.79 17.68
CA UNK H 24 1.47 46.56 16.53
C UNK H 24 1.60 47.86 15.73
N UNK H 25 2.70 48.05 15.01
CA UNK H 25 2.80 49.19 14.10
C UNK H 25 1.75 49.08 13.03
N UNK H 26 1.37 50.19 12.43
CA UNK H 26 0.35 50.16 11.38
C UNK H 26 0.71 49.25 10.20
N UNK H 27 2.00 49.14 9.89
CA UNK H 27 2.44 48.31 8.77
C UNK H 27 2.62 46.84 9.17
N UNK H 28 2.40 46.54 10.44
CA UNK H 28 2.58 45.23 11.02
C UNK H 28 1.26 44.52 11.18
N UNK H 29 1.32 43.22 11.40
CA UNK H 29 0.12 42.46 11.60
C UNK H 29 0.40 41.29 12.53
N UNK H 30 -0.66 40.76 13.12
CA UNK H 30 -0.60 39.60 14.01
C UNK H 30 -0.05 38.38 13.27
N UNK H 31 -0.14 38.44 11.95
CA UNK H 31 0.29 37.44 10.99
C UNK H 31 1.78 37.19 11.10
N UNK H 32 2.51 38.11 11.74
CA UNK H 32 3.94 37.99 11.97
C UNK H 32 4.24 36.71 12.72
N UNK H 33 3.28 36.23 13.53
CA UNK H 33 3.43 35.00 14.28
C UNK H 33 4.70 34.97 15.10
N UNK H 34 4.96 36.05 15.80
CA UNK H 34 6.13 36.14 16.62
C UNK H 34 5.82 36.91 17.87
N UNK H 35 4.79 36.49 18.61
CA UNK H 35 4.39 37.24 19.78
C UNK H 35 5.22 36.85 21.00
N UNK H 36 6.49 37.22 20.94
CA UNK H 36 7.41 36.89 22.01
C UNK H 36 7.20 37.86 23.15
N UNK H 37 7.47 37.40 24.35
CA UNK H 37 7.37 38.26 25.53
C UNK H 37 8.37 37.83 26.58
N UNK H 38 8.82 38.81 27.38
CA UNK H 38 9.75 38.59 28.50
C UNK H 38 9.54 39.65 29.56
N UNK H 39 10.04 39.40 30.77
CA UNK H 39 9.92 40.39 31.85
C UNK H 39 11.12 40.40 32.77
N UNK H 40 11.30 41.54 33.46
CA UNK H 40 12.42 41.68 34.39
C UNK H 40 12.09 42.38 35.69
N UNK H 41 12.68 41.82 36.72
CA UNK H 41 12.64 42.35 38.06
C UNK H 41 13.57 43.52 38.08
N UNK H 42 13.41 44.39 39.07
CA UNK H 42 14.36 45.48 39.13
C UNK H 42 15.74 44.91 39.33
N UNK H 43 16.73 45.54 38.69
CA UNK H 43 18.13 45.11 38.81
C UNK H 43 18.32 43.66 38.42
N UNK H 44 17.72 43.25 37.31
CA UNK H 44 17.82 41.89 36.84
C UNK H 44 17.74 41.82 35.32
N UNK H 45 18.36 40.79 34.76
CA UNK H 45 18.24 40.55 33.34
C UNK H 45 16.83 40.06 33.05
N UNK H 46 16.27 40.43 31.91
CA UNK H 46 14.96 39.92 31.54
C UNK H 46 15.06 38.46 31.21
N UNK H 47 14.00 37.74 31.57
CA UNK H 47 13.83 36.31 31.31
C UNK H 47 12.54 36.19 30.51
N UNK H 48 12.38 35.10 29.78
CA UNK H 48 11.16 34.95 28.95
C UNK H 48 9.81 34.62 29.59
N UNK H 49 8.74 34.84 28.82
CA UNK H 49 7.39 34.56 29.24
C UNK H 49 6.55 33.81 28.19
N UNK H 50 6.70 34.16 26.92
CA UNK H 50 5.80 33.59 25.93
C UNK H 50 6.34 33.67 24.52
N UNK H 51 5.75 32.87 23.63
CA UNK H 51 6.01 32.91 22.20
C UNK H 51 4.73 32.60 21.45
N UNK H 52 3.70 33.42 21.60
CA UNK H 52 2.38 33.03 21.08
C UNK H 52 2.20 33.29 19.59
N UNK H 53 2.94 32.55 18.79
CA UNK H 53 2.94 32.67 17.35
C UNK H 53 1.62 32.30 16.70
N UNK H 54 0.98 31.25 17.21
CA UNK H 54 -0.28 30.81 16.63
C UNK H 54 -0.99 29.82 17.53
N UNK H 55 -2.23 29.50 17.20
CA UNK H 55 -2.85 28.41 17.91
C UNK H 55 -2.00 27.19 17.63
N UNK H 56 -1.79 26.37 18.64
CA UNK H 56 -0.97 25.16 18.57
C UNK H 56 0.49 25.48 18.21
N UNK H 57 1.01 26.55 18.83
CA UNK H 57 2.46 26.93 18.71
C UNK H 57 3.09 27.90 19.76
N UNK H 58 3.66 27.39 20.87
CA UNK H 58 4.35 28.22 21.91
C UNK H 58 5.34 27.40 22.81
N UNK H 59 6.34 28.01 23.43
CA UNK H 59 7.32 27.19 24.15
C UNK H 59 8.02 27.79 25.35
N UNK H 60 7.43 27.71 26.55
CA UNK H 60 8.02 28.34 27.78
C UNK H 60 8.42 27.43 28.97
N UNK H 61 9.56 27.69 29.62
CA UNK H 61 10.05 26.87 30.76
C UNK H 61 9.84 27.49 32.17
N UNK H 62 9.71 26.62 33.18
CA UNK H 62 9.50 26.94 34.61
C UNK H 62 8.69 28.20 34.82
N UNK H 63 7.60 28.30 34.09
CA UNK H 63 6.79 29.52 34.09
C UNK H 63 5.41 29.03 34.46
N UNK H 64 4.68 29.86 35.16
CA UNK H 64 3.32 29.51 35.55
C UNK H 64 2.39 29.41 34.36
N UNK H 65 1.44 28.48 34.45
CA UNK H 65 0.39 28.31 33.42
C UNK H 65 -0.59 29.46 33.48
N UNK H 66 -0.52 30.17 34.59
CA UNK H 66 -1.28 31.34 34.94
C UNK H 66 -1.05 32.47 33.94
N UNK H 67 0.13 32.47 33.30
CA UNK H 67 0.47 33.52 32.36
C UNK H 67 0.64 32.97 30.95
N UNK H 68 -0.31 33.22 30.07
CA UNK H 68 -0.22 32.67 28.72
C UNK H 68 -0.77 33.66 27.72
N UNK H 69 0.12 34.16 26.88
CA UNK H 69 -0.20 35.21 25.91
C UNK H 69 -0.98 34.74 24.70
N UNK H 70 -1.68 35.69 24.08
CA UNK H 70 -2.44 35.47 22.86
C UNK H 70 -2.45 36.72 22.00
N UNK H 71 -2.69 36.53 20.71
CA UNK H 71 -2.78 37.61 19.73
C UNK H 71 -4.07 38.40 19.88
N UNK H 72 -4.04 39.61 19.35
CA UNK H 72 -5.18 40.53 19.34
C UNK H 72 -5.13 41.33 18.03
N UNK H 73 -6.25 41.94 17.63
CA UNK H 73 -6.18 42.66 16.37
C UNK H 73 -5.20 43.80 16.46
N UNK H 74 -4.19 43.75 15.59
CA UNK H 74 -3.09 44.70 15.53
C UNK H 74 -2.46 44.90 16.90
N UNK H 75 -2.37 43.82 17.68
CA UNK H 75 -1.86 43.87 19.04
C UNK H 75 -1.68 42.46 19.59
N UNK H 76 -1.10 42.37 20.78
CA UNK H 76 -1.05 41.08 21.49
C UNK H 76 -1.07 41.36 22.98
N UNK H 77 -1.49 40.36 23.78
CA UNK H 77 -1.57 40.56 25.23
C UNK H 77 -1.17 39.35 26.06
N UNK H 78 -0.69 39.67 27.28
CA UNK H 78 -0.26 38.73 28.31
C UNK H 78 -1.33 37.81 28.84
N UNK H 79 -2.55 38.32 28.97
CA UNK H 79 -3.67 37.53 29.48
C UNK H 79 -3.26 36.76 30.74
N UNK H 80 -2.67 37.44 31.73
CA UNK H 80 -2.16 36.69 32.85
C UNK H 80 -2.86 36.93 34.15
N UNK H 81 -3.03 35.86 34.92
CA UNK H 81 -3.62 35.94 36.26
C UNK H 81 -2.67 36.64 37.21
N UNK H 82 -3.22 37.43 38.13
CA UNK H 82 -2.44 38.13 39.14
C UNK H 82 -2.01 37.22 40.26
N UNK H 83 -0.90 37.59 40.85
CA UNK H 83 -0.29 36.94 41.98
C UNK H 83 0.54 37.95 42.70
N UNK H 84 0.85 37.71 43.96
CA UNK H 84 1.66 38.67 44.73
C UNK H 84 3.03 38.94 44.12
N UNK H 85 3.62 37.94 43.48
CA UNK H 85 4.93 38.06 42.87
C UNK H 85 4.89 38.60 41.45
N UNK H 86 3.70 38.84 40.92
CA UNK H 86 3.58 39.24 39.53
C UNK H 86 3.78 40.73 39.35
N UNK H 87 5.02 41.18 39.53
CA UNK H 87 5.34 42.61 39.49
C UNK H 87 6.70 42.86 38.86
N UNK H 88 6.72 42.97 37.54
CA UNK H 88 7.97 43.12 36.79
C UNK H 88 7.70 43.92 35.54
N UNK H 89 8.73 44.58 35.01
CA UNK H 89 8.53 45.30 33.77
C UNK H 89 8.39 44.24 32.71
N UNK H 90 7.55 44.48 31.72
CA UNK H 90 7.45 43.45 30.70
C UNK H 90 7.33 44.04 29.34
N UNK H 91 7.80 43.32 28.35
CA UNK H 91 7.70 43.85 27.01
C UNK H 91 7.53 42.81 25.96
N UNK H 92 6.84 43.23 24.91
CA UNK H 92 6.69 42.43 23.72
C UNK H 92 7.95 42.59 22.93
N UNK H 93 8.29 41.59 22.14
CA UNK H 93 9.44 41.72 21.25
C UNK H 93 9.24 40.93 19.98
N UNK H 94 9.86 41.39 18.92
CA UNK H 94 9.81 40.67 17.65
C UNK H 94 10.92 41.14 16.77
N UNK H 95 11.25 40.36 15.75
CA UNK H 95 12.23 40.84 14.79
C UNK H 95 11.57 41.00 13.44
N UNK H 96 12.02 42.00 12.70
CA UNK H 96 11.54 42.24 11.35
C UNK H 96 12.64 42.90 10.58
N UNK H 97 12.67 42.72 9.27
CA UNK H 97 13.69 43.37 8.45
C UNK H 97 15.07 43.03 9.01
N UNK H 98 15.22 41.78 9.41
CA UNK H 98 16.44 41.22 9.98
C UNK H 98 16.95 41.95 11.23
N UNK H 99 16.07 42.53 12.05
CA UNK H 99 16.53 43.16 13.27
C UNK H 99 15.52 43.07 14.40
N UNK H 100 16.02 42.88 15.61
CA UNK H 100 15.16 42.79 16.78
C UNK H 100 14.78 44.15 17.31
N UNK H 101 13.54 44.28 17.83
CA UNK H 101 13.01 45.55 18.33
C UNK H 101 12.02 45.37 19.47
N UNK H 102 12.15 46.15 20.56
CA UNK H 102 11.31 46.01 21.75
C UNK H 102 10.62 47.31 22.22
N UNK H 103 9.55 47.24 23.02
CA UNK H 103 9.16 48.34 23.94
C UNK H 103 8.52 47.88 25.27
N UNK H 104 8.65 48.61 26.38
CA UNK H 104 8.18 48.12 27.70
C UNK H 104 7.20 48.89 28.63
N UNK H 105 6.45 48.13 29.47
CA UNK H 105 5.44 48.63 30.44
C UNK H 105 5.75 48.29 31.93
N UNK H 106 5.02 48.87 32.89
CA UNK H 106 5.24 48.59 34.30
C UNK H 106 3.93 48.35 35.04
N UNK H 107 3.77 47.17 35.62
CA UNK H 107 2.56 46.89 36.40
C UNK H 107 2.84 47.21 37.87
N UNK H 108 2.07 48.15 38.46
CA UNK H 108 2.24 48.65 39.83
C UNK H 108 1.58 47.69 40.82
C1 NAG I . 18.62 -18.27 -47.23
C2 NAG I . 20.17 -18.57 -47.17
C3 NAG I . 20.95 -17.25 -47.50
C4 NAG I . 20.54 -16.68 -48.89
C5 NAG I . 18.98 -16.46 -48.90
C6 NAG I . 18.42 -16.01 -50.26
C7 NAG I . 21.27 -20.10 -45.56
C8 NAG I . 21.55 -20.52 -44.14
N2 NAG I . 20.50 -19.03 -45.80
O3 NAG I . 22.35 -17.54 -47.51
O4 NAG I . 21.20 -15.38 -48.99
O5 NAG I . 18.28 -17.74 -48.56
O6 NAG I . 18.61 -14.63 -50.53
O7 NAG I . 21.75 -20.76 -46.48
C1 NAG I . 21.87 -15.06 -50.30
C2 NAG I . 22.42 -13.58 -50.18
C3 NAG I . 23.10 -13.21 -51.55
C4 NAG I . 24.23 -14.24 -51.90
C5 NAG I . 23.59 -15.68 -51.95
C6 NAG I . 24.60 -16.79 -52.23
C7 NAG I . 21.07 -12.05 -48.72
C8 NAG I . 19.88 -11.16 -48.54
N2 NAG I . 21.28 -12.67 -49.91
O3 NAG I . 23.67 -11.89 -51.46
O4 NAG I . 24.81 -13.92 -53.16
O5 NAG I . 22.94 -15.99 -50.64
O6 NAG I . 23.96 -18.00 -52.61
O7 NAG I . 21.86 -12.19 -47.77
C1 NAG J . -3.45 -25.82 -34.91
C2 NAG J . -4.59 -26.66 -34.38
C3 NAG J . -4.06 -27.99 -33.89
C4 NAG J . -3.31 -28.69 -35.02
C5 NAG J . -2.20 -27.76 -35.53
C6 NAG J . -1.49 -28.36 -36.74
C7 NAG J . -6.37 -26.45 -32.72
C8 NAG J . -7.26 -25.44 -32.06
N2 NAG J . -5.29 -25.95 -33.33
O3 NAG J . -5.13 -28.83 -33.46
O4 NAG J . -2.74 -29.90 -34.50
O5 NAG J . -2.77 -26.53 -35.95
O6 NAG J . -2.40 -28.45 -37.84
O7 NAG J . -6.63 -27.63 -32.71
C1 NAG J . -3.12 -31.02 -35.31
C2 NAG J . -1.97 -32.00 -35.40
C3 NAG J . -2.34 -33.15 -36.32
C4 NAG J . -3.60 -33.81 -35.75
C5 NAG J . -4.70 -32.76 -35.65
C6 NAG J . -5.98 -33.41 -35.09
C7 NAG J . 0.28 -31.27 -35.00
C8 NAG J . 0.48 -29.90 -34.41
N2 NAG J . -0.74 -31.38 -35.83
O3 NAG J . -1.27 -34.09 -36.38
O4 NAG J . -4.01 -34.86 -36.62
O5 NAG J . -4.29 -31.69 -34.81
O6 NAG J . -7.13 -32.91 -35.76
O7 NAG J . 1.01 -32.20 -34.72
C1 NAG K . 23.94 -27.91 -13.28
C2 NAG K . 23.28 -27.00 -14.42
C3 NAG K . 24.42 -26.55 -15.40
C4 NAG K . 25.51 -25.76 -14.60
C5 NAG K . 26.09 -26.68 -13.48
C6 NAG K . 27.14 -26.00 -12.61
C7 NAG K . 20.97 -27.60 -15.14
C8 NAG K . 20.04 -28.48 -15.91
N2 NAG K . 22.29 -27.83 -15.16
O3 NAG K . 23.86 -25.68 -16.41
O4 NAG K . 26.61 -25.40 -15.50
O5 NAG K . 24.99 -27.14 -12.60
O6 NAG K . 26.70 -24.75 -12.06
O7 NAG K . 20.49 -26.65 -14.49
C1 NAG K . 26.81 -23.91 -15.72
C2 NAG K . 28.28 -23.62 -16.20
C3 NAG K . 28.43 -22.06 -16.33
C4 NAG K . 27.37 -21.50 -17.35
C5 NAG K . 25.93 -21.92 -16.86
C6 NAG K . 24.87 -21.57 -17.90
C7 NAG K . 30.18 -25.05 -15.50
C8 NAG K . 31.10 -25.55 -14.41
N2 NAG K . 29.24 -24.15 -15.20
O3 NAG K . 29.76 -21.75 -16.80
O4 NAG K . 27.40 -20.04 -17.25
O5 NAG K . 25.85 -23.38 -16.68
O6 NAG K . 25.06 -22.22 -19.16
O7 NAG K . 30.32 -25.51 -16.64
C1 BMA K . 27.89 -19.29 -18.45
C2 BMA K . 27.47 -17.79 -18.31
C3 BMA K . 27.94 -17.02 -19.57
C4 BMA K . 29.48 -17.16 -19.70
C5 BMA K . 29.84 -18.68 -19.81
C6 BMA K . 31.34 -18.90 -19.87
O2 BMA K . 28.04 -17.23 -17.12
O3 BMA K . 27.59 -15.61 -19.45
O4 BMA K . 29.91 -16.48 -20.88
O5 BMA K . 29.33 -19.40 -18.62
O6 BMA K . 32.01 -18.30 -18.76
C1 MAN K . 26.19 -15.20 -19.94
C2 MAN K . 26.16 -14.96 -21.50
C3 MAN K . 27.02 -13.68 -21.82
C4 MAN K . 26.46 -12.45 -21.04
C5 MAN K . 26.49 -12.77 -19.49
C6 MAN K . 25.87 -11.68 -18.62
O2 MAN K . 24.82 -14.84 -21.97
O3 MAN K . 26.99 -13.43 -23.24
O4 MAN K . 27.26 -11.30 -21.34
O5 MAN K . 25.71 -14.02 -19.22
O6 MAN K . 26.66 -10.49 -18.59
C1 MAN K . 33.49 -18.46 -18.77
C2 MAN K . 33.99 -18.60 -17.29
C3 MAN K . 33.73 -17.24 -16.56
C4 MAN K . 34.46 -16.07 -17.31
C5 MAN K . 33.93 -16.02 -18.80
C6 MAN K . 34.68 -15.01 -19.68
O2 MAN K . 35.37 -18.98 -17.26
O3 MAN K . 34.18 -17.34 -15.20
O4 MAN K . 34.16 -14.85 -16.64
O5 MAN K . 34.16 -17.35 -19.45
O6 MAN K . 34.39 -13.66 -19.31
C1 NAG L . -2.47 -49.79 -4.53
C2 NAG L . -3.47 -49.94 -3.30
C3 NAG L . -4.17 -51.33 -3.43
C4 NAG L . -4.92 -51.47 -4.80
C5 NAG L . -3.88 -51.23 -5.96
C6 NAG L . -4.47 -51.18 -7.37
C7 NAG L . -2.93 -49.04 -1.04
C8 NAG L . -2.04 -49.05 0.16
N2 NAG L . -2.67 -49.87 -2.06
O3 NAG L . -5.11 -51.47 -2.35
O4 NAG L . -5.35 -52.86 -4.86
O5 NAG L . -3.21 -49.92 -5.78
O6 NAG L . -5.57 -50.27 -7.48
O7 NAG L . -3.89 -48.26 -1.08
C1 NAG L . -6.72 -53.15 -5.44
C2 NAG L . -6.66 -54.63 -6.01
C3 NAG L . -8.06 -54.96 -6.63
C4 NAG L . -9.18 -54.80 -5.52
C5 NAG L . -9.15 -53.33 -4.98
C6 NAG L . -10.13 -53.08 -3.84
C7 NAG L . -4.36 -55.13 -6.86
C8 NAG L . -3.37 -55.15 -8.00
N2 NAG L . -5.61 -54.70 -7.09
O3 NAG L . -8.06 -56.33 -7.10
O4 NAG L . -10.45 -55.08 -6.09
O5 NAG L . -7.78 -53.03 -4.44
O6 NAG L . -10.22 -51.70 -3.50
O7 NAG L . -3.98 -55.51 -5.75
C1 NAG M . 31.33 -18.34 -34.32
C2 NAG M . 32.80 -18.68 -34.84
C3 NAG M . 33.75 -17.51 -34.43
C4 NAG M . 33.22 -16.15 -35.02
C5 NAG M . 31.77 -15.90 -34.49
C6 NAG M . 31.12 -14.61 -35.02
C7 NAG M . 33.36 -21.12 -34.81
C8 NAG M . 33.79 -22.33 -34.05
N2 NAG M . 33.23 -19.94 -34.17
O3 NAG M . 35.06 -17.78 -34.98
O4 NAG M . 34.07 -15.07 -34.54
O5 NAG M . 30.89 -17.04 -34.87
O6 NAG M . 31.36 -14.35 -36.40
O7 NAG M . 33.13 -21.23 -36.02
C1 NAG M . 34.84 -14.34 -35.61
C2 NAG M . 35.62 -13.14 -34.95
C3 NAG M . 36.40 -12.40 -36.11
C4 NAG M . 37.35 -13.40 -36.86
C5 NAG M . 36.49 -14.58 -37.45
C6 NAG M . 37.31 -15.67 -38.14
C7 NAG M . 34.67 -11.91 -33.00
C8 NAG M . 33.64 -10.97 -32.45
N2 NAG M . 34.65 -12.22 -34.31
O3 NAG M . 37.17 -11.32 -35.55
O4 NAG M . 38.04 -12.72 -37.92
O5 NAG M . 35.75 -15.23 -36.33
O6 NAG M . 36.49 -16.53 -38.94
O7 NAG M . 35.54 -12.37 -32.24
C1 NAG N . 30.57 -37.43 -27.21
C2 NAG N . 31.34 -36.05 -27.18
C3 NAG N . 31.96 -35.78 -28.58
C4 NAG N . 32.91 -36.97 -28.99
C5 NAG N . 32.06 -38.30 -28.99
C6 NAG N . 32.89 -39.54 -29.34
C7 NAG N . 30.22 -34.41 -25.66
C8 NAG N . 29.16 -33.38 -25.43
N2 NAG N . 30.33 -34.99 -26.86
O3 NAG N . 32.72 -34.56 -28.53
O4 NAG N . 33.44 -36.77 -30.32
O5 NAG N . 31.48 -38.51 -27.64
O6 NAG N . 32.05 -40.68 -29.53
O7 NAG N . 30.96 -34.72 -24.71
C1 NAG N . 34.92 -36.50 -30.40
C2 NAG N . 35.38 -36.53 -31.91
C3 NAG N . 36.93 -36.25 -31.95
C4 NAG N . 37.24 -34.88 -31.26
C5 NAG N . 36.73 -34.92 -29.77
C6 NAG N . 36.90 -33.59 -29.02
C7 NAG N . 34.17 -38.12 -33.40
C8 NAG N . 33.97 -39.52 -33.89
N2 NAG N . 35.10 -37.89 -32.47
O3 NAG N . 37.37 -36.22 -33.31
O4 NAG N . 38.65 -34.64 -31.27
O5 NAG N . 35.27 -35.23 -29.77
O6 NAG N . 36.75 -33.75 -27.61
O7 NAG N . 33.48 -37.21 -33.87
C1 NAG O . 14.39 -42.99 -29.83
C2 NAG O . 13.06 -42.69 -30.66
C3 NAG O . 12.39 -44.08 -30.99
C4 NAG O . 13.38 -45.01 -31.77
C5 NAG O . 14.68 -45.20 -30.91
C6 NAG O . 15.77 -46.03 -31.57
C7 NAG O . 12.08 -40.57 -29.79
C8 NAG O . 11.15 -39.88 -28.85
N2 NAG O . 12.15 -41.91 -29.80
O3 NAG O . 11.22 -43.86 -31.81
O4 NAG O . 12.77 -46.33 -31.92
O5 NAG O . 15.28 -43.89 -30.58
O6 NAG O . 15.99 -45.70 -32.95
O7 NAG O . 12.80 -39.89 -30.54
C1 NAG O . 12.39 -46.76 -33.31
C2 NAG O . 12.50 -48.33 -33.38
C3 NAG O . 12.06 -48.80 -34.81
C4 NAG O . 10.61 -48.29 -35.11
C5 NAG O . 10.58 -46.74 -35.01
C6 NAG O . 9.18 -46.15 -35.19
C7 NAG O . 14.30 -49.52 -32.11
C8 NAG O . 15.75 -49.89 -31.94
N2 NAG O . 13.91 -48.75 -33.15
O3 NAG O . 12.09 -50.24 -34.88
O4 NAG O . 10.23 -48.70 -36.43
O5 NAG O . 11.05 -46.31 -33.65
O6 NAG O . 8.25 -46.63 -34.22
O7 NAG O . 13.48 -49.96 -31.30
C1 NAG P . 28.44 -33.41 -9.11
C2 NAG P . 28.46 -31.89 -8.66
C3 NAG P . 29.87 -31.53 -8.10
C4 NAG P . 30.20 -32.48 -6.89
C5 NAG P . 30.15 -33.96 -7.39
C6 NAG P . 30.37 -35.02 -6.30
C7 NAG P . 26.94 -30.42 -9.94
C8 NAG P . 26.61 -29.63 -11.18
N2 NAG P . 28.10 -31.06 -9.84
O3 NAG P . 29.86 -30.16 -7.67
O4 NAG P . 31.56 -32.18 -6.43
O5 NAG P . 28.80 -34.25 -7.96
O6 NAG P . 29.45 -34.90 -5.22
O7 NAG P . 26.10 -30.47 -9.03
C1 NAG P . 31.70 -32.03 -4.93
C2 NAG P . 33.24 -31.98 -4.59
C3 NAG P . 33.37 -31.87 -3.02
C4 NAG P . 32.61 -30.60 -2.50
C5 NAG P . 31.10 -30.72 -2.92
C6 NAG P . 30.27 -29.50 -2.55
C7 NAG P . 34.71 -33.27 -6.14
C8 NAG P . 35.33 -34.58 -6.56
N2 NAG P . 33.91 -33.22 -5.07
O3 NAG P . 34.77 -31.77 -2.66
O4 NAG P . 32.71 -30.53 -1.07
O5 NAG P . 31.01 -30.86 -4.40
O6 NAG P . 28.88 -29.71 -2.76
O7 NAG P . 34.96 -32.24 -6.81
C1 NAG Q . 13.51 25.05 -43.36
C2 NAG Q . 14.06 25.70 -44.69
C3 NAG Q . 15.55 25.28 -44.90
C4 NAG Q . 16.39 25.71 -43.66
C5 NAG Q . 15.80 25.00 -42.38
C6 NAG Q . 16.54 25.34 -41.08
C7 NAG Q . 12.38 25.98 -46.51
C8 NAG Q . 11.56 25.36 -47.62
N2 NAG Q . 13.22 25.21 -45.82
O3 NAG Q . 16.06 25.91 -46.08
O4 NAG Q . 17.80 25.36 -43.83
O5 NAG Q . 14.37 25.42 -42.24
O6 NAG Q . 16.11 24.53 -39.98
O7 NAG Q . 12.25 27.19 -46.28
C1 NAG Q . 18.77 26.51 -43.64
C2 NAG Q . 20.24 25.93 -43.53
C3 NAG Q . 21.22 27.15 -43.31
C4 NAG Q . 21.07 28.19 -44.47
C5 NAG Q . 19.57 28.68 -44.52
C6 NAG Q . 19.31 29.65 -45.68
C7 NAG Q . 20.73 23.77 -42.39
C8 NAG Q . 20.76 22.96 -41.12
N2 NAG Q . 20.31 25.04 -42.34
O3 NAG Q . 22.58 26.66 -43.28
O4 NAG Q . 21.95 29.30 -44.23
O5 NAG Q . 18.67 27.51 -44.71
O6 NAG Q . 18.07 30.33 -45.52
O7 NAG Q . 21.07 23.24 -43.45
C1 NAG R . -0.39 23.96 -43.52
C2 NAG R . -0.87 25.47 -43.40
C3 NAG R . -2.42 25.51 -43.63
C4 NAG R . -2.76 24.92 -45.06
C5 NAG R . -2.19 23.44 -45.12
C6 NAG R . -2.32 22.74 -46.48
C7 NAG R . 0.51 26.80 -41.81
C8 NAG R . 0.80 27.28 -40.41
N2 NAG R . -0.53 25.98 -42.05
O3 NAG R . -2.87 26.87 -43.49
O4 NAG R . -4.22 24.88 -45.18
O5 NAG R . -0.73 23.45 -44.84
O6 NAG R . -1.89 23.54 -47.57
O7 NAG R . 1.25 27.19 -42.73
C1 NAG R . -4.81 25.22 -46.53
C2 NAG R . -6.19 24.46 -46.70
C3 NAG R . -6.75 24.79 -48.13
C4 NAG R . -6.92 26.33 -48.30
C5 NAG R . -5.52 27.03 -48.08
C6 NAG R . -5.58 28.55 -48.15
C7 NAG R . -6.26 22.26 -45.50
C8 NAG R . -5.97 20.79 -45.48
N2 NAG R . -5.95 22.99 -46.58
O3 NAG R . -8.03 24.15 -48.30
O4 NAG R . -7.40 26.61 -49.61
O5 NAG R . -5.00 26.66 -46.73
O6 NAG R . -4.28 29.12 -48.21
O7 NAG R . -6.80 22.78 -44.51
C1 NAG S . 17.09 7.20 -32.65
C2 NAG S . 18.57 6.76 -32.28
C3 NAG S . 19.43 8.05 -32.01
C4 NAG S . 19.43 8.95 -33.31
C5 NAG S . 17.93 9.31 -33.66
C6 NAG S . 17.78 10.08 -34.98
C7 NAG S . 18.69 4.61 -31.07
C8 NAG S . 18.57 3.83 -29.79
N2 NAG S . 18.49 5.93 -31.05
O3 NAG S . 20.77 7.65 -31.69
O4 NAG S . 20.15 10.19 -33.01
O5 NAG S . 17.14 8.07 -33.83
O6 NAG S . 18.36 9.40 -36.10
O7 NAG S . 18.97 3.99 -32.13
C1 NAG S . 21.30 10.52 -33.93
C2 NAG S . 21.54 12.09 -33.92
C3 NAG S . 22.72 12.41 -34.89
C4 NAG S . 24.01 11.63 -34.45
C5 NAG S . 23.69 10.09 -34.45
C6 NAG S . 24.85 9.24 -33.95
C7 NAG S . 19.43 13.41 -33.58
C8 NAG S . 18.20 14.07 -34.15
N2 NAG S . 20.30 12.78 -34.39
O3 NAG S . 22.99 13.83 -34.86
O4 NAG S . 25.08 11.90 -35.37
O5 NAG S . 22.53 9.82 -33.55
O6 NAG S . 25.24 9.57 -32.61
O7 NAG S . 19.63 13.49 -32.36
C1 NAG T . 28.04 22.82 6.70
C2 NAG T . 29.49 22.94 6.05
C3 NAG T . 30.36 21.78 6.65
C4 NAG T . 30.41 21.89 8.21
C5 NAG T . 28.95 21.85 8.77
C6 NAG T . 28.86 22.03 10.29
C7 NAG T . 29.24 23.86 3.74
C8 NAG T . 29.17 23.69 2.26
N2 NAG T . 29.41 22.80 4.57
O3 NAG T . 31.69 21.88 6.10
O4 NAG T . 31.10 20.71 8.73
O5 NAG T . 28.14 22.91 8.16
O6 NAG T . 29.55 23.18 10.77
O7 NAG T . 29.15 25.00 4.20
C1 NAG T . 32.46 20.92 9.32
C2 NAG T . 32.78 19.73 10.30
C3 NAG T . 34.19 19.98 10.93
C4 NAG T . 35.26 20.08 9.79
C5 NAG T . 34.87 21.25 8.81
C6 NAG T . 35.79 21.34 7.59
C7 NAG T . 30.81 18.70 11.43
C8 NAG T . 29.78 18.71 12.52
N2 NAG T . 31.73 19.68 11.35
O3 NAG T . 34.53 18.89 11.81
O4 NAG T . 36.55 20.34 10.36
O5 NAG T . 33.49 21.02 8.29
O6 NAG T . 35.81 20.14 6.81
O7 NAG T . 30.80 17.77 10.61
C1 NAG U . 4.18 28.96 -9.49
C2 NAG U . 3.81 28.09 -10.78
C3 NAG U . 2.84 28.94 -11.67
C4 NAG U . 1.55 29.31 -10.86
C5 NAG U . 1.99 30.12 -9.59
C6 NAG U . 0.83 30.47 -8.67
C7 NAG U . 5.46 26.56 -11.81
C8 NAG U . 6.74 26.33 -12.56
N2 NAG U . 5.06 27.79 -11.51
O3 NAG U . 2.49 28.16 -12.84
O4 NAG U . 0.65 30.12 -11.67
O5 NAG U . 2.94 29.32 -8.80
O6 NAG U . 1.22 31.18 -7.50
O7 NAG U . 4.81 25.57 -11.49
C1 NAG U . -0.74 29.54 -11.90
C2 NAG U . -1.77 30.71 -12.19
C3 NAG U . -3.19 30.04 -12.37
C4 NAG U . -3.16 29.01 -13.55
C5 NAG U . -2.07 27.92 -13.21
C6 NAG U . -1.87 26.90 -14.32
C7 NAG U . -1.53 32.96 -11.15
C8 NAG U . -1.60 33.83 -9.93
N2 NAG U . -1.82 31.65 -11.04
O3 NAG U . -4.15 31.09 -12.64
O4 NAG U . -4.45 28.34 -13.66
O5 NAG U . -0.75 28.57 -12.99
O6 NAG U . -1.41 27.48 -15.55
O7 NAG U . -1.20 33.46 -12.23
C1 BMA U . -5.24 28.68 -14.92
C2 BMA U . -6.44 27.70 -15.10
C3 BMA U . -7.14 28.06 -16.46
C4 BMA U . -7.62 29.54 -16.39
C5 BMA U . -6.37 30.46 -16.15
C6 BMA U . -6.73 31.93 -16.02
O2 BMA U . -7.35 27.81 -14.00
O3 BMA U . -8.26 27.16 -16.69
O4 BMA U . -8.23 29.89 -17.62
O5 BMA U . -5.70 30.05 -14.91
O6 BMA U . -7.89 32.15 -15.21
C1 MAN U . -8.22 26.39 -18.01
C2 MAN U . -9.63 25.78 -18.36
C3 MAN U . -9.94 24.62 -17.34
C4 MAN U . -8.80 23.54 -17.39
C5 MAN U . -7.44 24.24 -17.04
C6 MAN U . -6.25 23.27 -17.13
O2 MAN U . -9.65 25.32 -19.71
O3 MAN U . -11.20 24.03 -17.66
O4 MAN U . -9.08 22.51 -16.44
O5 MAN U . -7.19 25.35 -18.00
O6 MAN U . -5.06 23.85 -16.58
C1 MAN U . -8.01 33.53 -14.64
C2 MAN U . -7.60 33.49 -13.13
C3 MAN U . -8.69 32.65 -12.37
C4 MAN U . -10.11 33.28 -12.57
C5 MAN U . -10.41 33.30 -14.12
C6 MAN U . -11.74 33.98 -14.45
O2 MAN U . -7.48 34.82 -12.61
O3 MAN U . -8.36 32.62 -10.96
O4 MAN U . -11.08 32.50 -11.88
O5 MAN U . -9.35 34.08 -14.82
O6 MAN U . -12.05 33.88 -15.84
C1 NAG V . 36.01 16.28 -0.35
C2 NAG V . 36.61 14.87 0.08
C3 NAG V . 38.18 14.98 0.05
C4 NAG V . 38.66 15.38 -1.40
C5 NAG V . 38.00 16.75 -1.77
C6 NAG V . 38.29 17.22 -3.19
C7 NAG V . 35.75 13.34 1.85
C8 NAG V . 35.28 13.15 3.26
N2 NAG V . 36.13 14.57 1.46
O3 NAG V . 38.75 13.71 0.42
O4 NAG V . 40.12 15.57 -1.44
O5 NAG V . 36.53 16.63 -1.67
O6 NAG V . 37.87 16.29 -4.19
O7 NAG V . 35.79 12.37 1.08
C1 NAG V . 40.97 14.34 -1.75
C2 NAG V . 42.12 14.76 -2.76
C3 NAG V . 42.97 13.47 -3.06
C4 NAG V . 43.57 12.90 -1.72
C5 NAG V . 42.38 12.55 -0.75
C6 NAG V . 42.86 12.09 0.62
C7 NAG V . 41.78 16.49 -4.52
C8 NAG V . 41.14 16.93 -5.81
N2 NAG V . 41.52 15.27 -4.02
O3 NAG V . 44.05 13.80 -3.96
O4 NAG V . 44.32 11.71 -2.01
O5 NAG V . 41.55 13.78 -0.53
O6 NAG V . 41.79 11.56 1.42
O7 NAG V . 42.56 17.27 -3.95
C1 NAG W . 4.85 39.99 -14.50
C2 NAG W . 5.74 41.30 -14.40
C3 NAG W . 5.17 42.19 -13.25
C4 NAG W . 3.66 42.53 -13.54
C5 NAG W . 2.86 41.19 -13.65
C6 NAG W . 1.38 41.41 -13.98
C7 NAG W . 8.15 40.84 -14.93
C8 NAG W . 9.50 40.41 -14.47
N2 NAG W . 7.14 40.91 -14.05
O3 NAG W . 5.95 43.41 -13.20
O4 NAG W . 3.11 43.30 -12.42
O5 NAG W . 3.44 40.36 -14.72
O6 NAG W . 0.65 40.18 -13.96
O7 NAG W . 7.97 41.13 -16.12
C1 NAG W . 2.78 44.73 -12.71
C2 NAG W . 2.25 45.42 -11.40
C3 NAG W . 1.91 46.92 -11.74
C4 NAG W . 3.19 47.65 -12.32
C5 NAG W . 3.67 46.88 -13.61
C6 NAG W . 4.95 47.43 -14.22
C7 NAG W . 0.86 44.20 -9.74
C8 NAG W . -0.43 43.50 -9.39
N2 NAG W . 1.01 44.72 -10.96
O3 NAG W . 1.51 47.60 -10.54
O4 NAG W . 2.87 49.00 -12.65
O5 NAG W . 3.92 45.46 -13.25
O6 NAG W . 5.19 46.89 -15.52
O7 NAG W . 1.75 44.26 -8.88
C1 NAG X . 9.30 41.26 -21.89
C2 NAG X . 7.74 41.12 -22.14
C3 NAG X . 7.44 41.59 -23.60
C4 NAG X . 7.95 43.07 -23.82
C5 NAG X . 9.48 43.13 -23.49
C6 NAG X . 10.06 44.54 -23.58
C7 NAG X . 6.67 39.21 -20.92
C8 NAG X . 6.44 37.73 -20.77
N2 NAG X . 7.41 39.68 -21.95
O3 NAG X . 6.01 41.55 -23.81
O4 NAG X . 7.81 43.42 -25.22
O5 NAG X . 9.71 42.66 -22.10
O6 NAG X . 11.49 44.52 -23.53
O7 NAG X . 6.17 39.98 -20.08
C1 NAG X . 6.76 44.45 -25.57
C2 NAG X . 6.99 44.89 -27.08
C3 NAG X . 5.88 45.94 -27.44
C4 NAG X . 4.45 45.34 -27.22
C5 NAG X . 4.33 44.91 -25.70
C6 NAG X . 2.99 44.23 -25.37
C7 NAG X . 9.38 44.89 -27.79
C8 NAG X . 10.70 45.58 -27.87
N2 NAG X . 8.34 45.51 -27.21
O3 NAG X . 6.03 46.32 -28.83
O4 NAG X . 3.46 46.30 -27.54
O5 NAG X . 5.41 43.94 -25.38
O6 NAG X . 2.71 44.26 -23.97
O7 NAG X . 9.28 43.74 -28.25
C1 NAG Y . 22.26 30.13 -25.77
C2 NAG Y . 22.96 28.76 -26.21
C3 NAG Y . 24.49 29.07 -26.45
C4 NAG Y . 24.67 30.18 -27.55
C5 NAG Y . 23.88 31.45 -27.09
C6 NAG Y . 23.91 32.58 -28.13
C7 NAG Y . 21.87 26.87 -25.04
C8 NAG Y . 21.80 25.95 -23.84
N2 NAG Y . 22.81 27.81 -25.09
O3 NAG Y . 25.14 27.87 -26.89
O4 NAG Y . 26.07 30.59 -27.61
O5 NAG Y . 22.45 31.13 -26.84
O6 NAG Y . 23.14 33.71 -27.73
O7 NAG Y . 21.02 26.73 -25.94
C1 NAG Y . 27.02 29.84 -28.52
C2 NAG Y . 27.95 30.91 -29.21
C3 NAG Y . 28.97 30.17 -30.14
C4 NAG Y . 29.80 29.13 -29.31
C5 NAG Y . 28.81 28.12 -28.63
C6 NAG Y . 29.50 27.11 -27.72
C7 NAG Y . 27.21 33.16 -30.00
C8 NAG Y . 26.32 34.00 -30.87
N2 NAG Y . 27.11 31.82 -30.04
O3 NAG Y . 29.87 31.11 -30.74
O4 NAG Y . 30.71 28.44 -30.18
O5 NAG Y . 27.83 28.86 -27.78
O6 NAG Y . 30.25 26.14 -28.44
O7 NAG Y . 28.03 33.73 -29.26
C1 NAG Z . 27.87 38.53 -22.07
C2 NAG Z . 27.79 38.15 -23.54
C3 NAG Z . 28.85 38.91 -24.31
C4 NAG Z . 28.62 40.41 -24.12
C5 NAG Z . 28.65 40.70 -22.63
C6 NAG Z . 28.38 42.17 -22.37
C7 NAG Z . 26.99 36.07 -24.46
C8 NAG Z . 27.43 34.79 -25.09
N2 NAG Z . 27.92 36.73 -23.77
O3 NAG Z . 28.70 38.49 -25.68
O4 NAG Z . 29.71 41.17 -24.70
O5 NAG Z . 27.67 39.94 -21.93
O6 NAG Z . 28.06 42.37 -20.99
O7 NAG Z . 25.85 36.51 -24.56
C1 NAG Z . 29.54 41.57 -26.08
C2 NAG Z . 29.80 43.07 -26.19
C3 NAG Z . 29.74 43.48 -27.64
C4 NAG Z . 30.75 42.69 -28.45
C5 NAG Z . 30.46 41.21 -28.28
C6 NAG Z . 31.45 40.36 -29.07
C7 NAG Z . 27.82 44.44 -26.11
C8 NAG Z . 26.60 43.67 -26.51
N2 NAG Z . 28.76 43.76 -25.47
O3 NAG Z . 30.02 44.88 -27.74
O4 NAG Z . 30.70 43.06 -29.84
O5 NAG Z . 30.49 40.88 -26.89
O6 NAG Z . 31.53 40.84 -30.41
O7 NAG Z . 27.96 45.63 -26.38
C1 NAG AA . 16.43 22.94 29.22
C2 NAG AA . 15.21 22.46 30.11
C3 NAG AA . 14.87 23.62 31.12
C4 NAG AA . 16.13 23.90 32.01
C5 NAG AA . 17.32 24.33 31.09
C6 NAG AA . 18.63 24.53 31.87
C7 NAG AA . 13.42 20.93 29.28
C8 NAG AA . 12.26 20.63 28.38
N2 NAG AA . 14.04 22.14 29.25
O3 NAG AA . 13.76 23.24 31.95
O4 NAG AA . 15.86 25.00 32.93
O5 NAG AA . 17.57 23.25 30.10
O6 NAG AA . 19.65 25.10 31.06
O7 NAG AA . 13.80 20.04 30.05
C1 NAG AA . 15.83 24.64 34.40
C2 NAG AA . 15.95 25.98 35.25
C3 NAG AA . 15.92 25.58 36.77
C4 NAG AA . 14.62 24.79 37.11
C5 NAG AA . 14.57 23.50 36.20
C6 NAG AA . 13.28 22.69 36.39
C7 NAG AA . 17.35 27.76 34.23
C8 NAG AA . 18.70 28.34 33.95
N2 NAG AA . 17.24 26.63 34.93
O3 NAG AA . 15.96 26.78 37.56
O4 NAG AA . 14.62 24.41 38.48
O5 NAG AA . 14.63 23.91 34.76
O6 NAG AA . 12.10 23.45 36.14
O7 NAG AA . 16.35 28.37 33.80
C1 NAG BA . -27.41 -14.28 -45.75
C2 NAG BA . -28.45 -15.46 -45.94
C3 NAG BA . -27.67 -16.72 -46.40
C4 NAG BA . -26.89 -16.43 -47.74
C5 NAG BA . -25.92 -15.23 -47.48
C6 NAG BA . -25.15 -14.76 -48.71
C7 NAG BA . -30.36 -15.27 -44.33
C8 NAG BA . -30.95 -15.56 -42.98
N2 NAG BA . -29.12 -15.70 -44.64
O3 NAG BA . -28.61 -17.79 -46.64
O4 NAG BA . -26.09 -17.61 -48.06
O5 NAG BA . -26.69 -14.05 -47.01
O6 NAG BA . -25.99 -14.51 -49.84
O7 NAG BA . -31.04 -14.63 -45.15
C1 NAG BA . -26.21 -18.15 -49.46
C2 NAG BA . -24.91 -19.00 -49.77
C3 NAG BA . -25.03 -19.56 -51.23
C4 NAG BA . -26.33 -20.42 -51.37
C5 NAG BA . -27.57 -19.51 -51.02
C6 NAG BA . -28.89 -20.27 -51.06
C7 NAG BA . -22.82 -18.20 -48.65
C8 NAG BA . -21.66 -17.25 -48.62
N2 NAG BA . -23.72 -18.12 -49.65
O3 NAG BA . -23.87 -20.38 -51.51
O4 NAG BA . -26.44 -20.90 -52.71
O5 NAG BA . -27.41 -18.97 -49.65
O6 NAG BA . -30.01 -19.39 -50.98
O7 NAG BA . -22.94 -19.04 -47.74
C1 NAG CA . -22.06 8.16 -32.67
C2 NAG CA . -22.37 9.61 -32.11
C3 NAG CA . -23.88 9.71 -31.76
C4 NAG CA . -24.76 9.43 -33.04
C5 NAG CA . -24.38 8.00 -33.58
C6 NAG CA . -25.10 7.62 -34.87
C7 NAG CA . -20.56 10.75 -30.83
C8 NAG CA . -19.75 10.85 -29.57
N2 NAG CA . -21.52 9.81 -30.91
O3 NAG CA . -24.15 11.03 -31.26
O4 NAG CA . -26.16 9.42 -32.62
O5 NAG CA . -22.92 7.92 -33.85
O6 NAG CA . -25.04 8.63 -35.88
O7 NAG CA . -20.34 11.52 -31.77
C1 NAG CA . -27.09 10.38 -33.32
C2 NAG CA . -28.57 9.81 -33.23
C3 NAG CA . -29.53 10.79 -33.97
C4 NAG CA . -29.44 12.23 -33.34
C5 NAG CA . -27.94 12.71 -33.43
C6 NAG CA . -27.72 14.06 -32.75
C7 NAG CA . -28.99 7.34 -33.26
C8 NAG CA . -29.01 6.04 -34.02
N2 NAG CA . -28.63 8.47 -33.89
O3 NAG CA . -30.89 10.32 -33.87
O4 NAG CA . -30.28 13.13 -34.06
O5 NAG CA . -27.05 11.73 -32.75
O6 NAG CA . -28.08 14.06 -31.36
O7 NAG CA . -29.32 7.34 -32.07
C1 NAG DA . -42.37 5.27 6.97
C2 NAG DA . -43.20 6.47 6.34
C3 NAG DA . -42.66 7.78 7.02
C4 NAG DA . -42.83 7.73 8.58
C5 NAG DA . -42.09 6.45 9.11
C6 NAG DA . -42.23 6.21 10.60
C7 NAG DA . -43.71 5.84 3.98
C8 NAG DA . -43.42 5.96 2.50
N2 NAG DA . -42.98 6.53 4.87
O3 NAG DA . -43.41 8.87 6.47
O4 NAG DA . -42.09 8.84 9.17
O5 NAG DA . -42.59 5.21 8.42
O6 NAG DA . -43.58 6.28 11.06
O7 NAG DA . -44.62 5.07 4.34
C1 NAG DA . -42.85 10.09 9.54
C2 NAG DA . -41.98 10.87 10.61
C3 NAG DA . -42.72 12.20 10.99
C4 NAG DA . -42.97 13.06 9.69
C5 NAG DA . -43.82 12.21 8.68
C6 NAG DA . -44.06 12.91 7.35
C7 NAG DA . -40.70 9.44 12.23
C8 NAG DA . -40.67 8.63 13.49
N2 NAG DA . -41.85 10.03 11.85
O3 NAG DA . -41.91 12.95 11.91
O4 NAG DA . -43.65 14.26 10.03
O5 NAG DA . -43.12 10.94 8.39
O6 NAG DA . -45.07 12.27 6.59
O7 NAG DA . -39.67 9.56 11.56
C1 NAG EA . -35.30 -16.20 -11.89
C2 NAG EA . -34.27 -16.02 -13.10
C3 NAG EA . -34.49 -17.23 -14.09
C4 NAG EA . -34.26 -18.58 -13.33
C5 NAG EA . -35.27 -18.66 -12.15
C6 NAG EA . -35.08 -19.91 -11.29
C7 NAG EA . -33.67 -13.85 -14.14
C8 NAG EA . -34.08 -12.60 -14.86
N2 NAG EA . -34.58 -14.77 -13.80
O3 NAG EA . -33.55 -17.12 -15.16
O4 NAG EA . -34.49 -19.70 -14.23
O5 NAG EA . -35.08 -17.50 -11.25
O6 NAG EA . -36.01 -19.99 -10.22
O7 NAG EA . -32.48 -14.00 -13.86
C1 NAG EA . -33.31 -20.60 -14.46
C2 NAG EA . -33.81 -22.03 -14.94
C3 NAG EA . -32.55 -22.94 -15.13
C4 NAG EA . -31.58 -22.28 -16.19
C5 NAG EA . -31.16 -20.88 -15.65
C6 NAG EA . -30.27 -20.09 -16.62
C7 NAG EA . -35.99 -22.92 -14.13
C8 NAG EA . -36.82 -23.48 -13.02
N2 NAG EA . -34.71 -22.59 -13.90
O3 NAG EA . -32.99 -24.24 -15.57
O4 NAG EA . -30.38 -23.08 -16.38
O5 NAG EA . -32.37 -20.04 -15.42
O6 NAG EA . -30.92 -19.85 -17.86
O7 NAG EA . -36.51 -22.77 -15.25
C1 BMA EA . -30.30 -23.84 -17.69
C2 BMA EA . -28.81 -24.26 -17.96
C3 BMA EA . -28.76 -25.00 -19.32
C4 BMA EA . -29.68 -26.24 -19.26
C5 BMA EA . -31.15 -25.76 -18.94
C6 BMA EA . -32.13 -26.90 -18.73
O2 BMA EA . -28.31 -25.09 -16.91
O3 BMA EA . -27.39 -25.41 -19.61
O4 BMA EA . -29.63 -26.89 -20.53
O5 BMA EA . -31.15 -25.01 -17.69
O6 BMA EA . -31.91 -28.03 -19.59
C1 MAN EA . -26.60 -24.51 -20.56
C2 MAN EA . -25.54 -25.38 -21.35
C3 MAN EA . -24.45 -25.87 -20.35
C4 MAN EA . -23.78 -24.64 -19.63
C5 MAN EA . -24.91 -23.83 -18.88
C6 MAN EA . -24.39 -22.55 -18.20
O2 MAN EA . -24.99 -24.62 -22.44
O3 MAN EA . -23.46 -26.64 -21.07
O4 MAN EA . -22.80 -25.12 -18.71
O5 MAN EA . -25.95 -23.40 -19.85
O6 MAN EA . -23.59 -22.84 -17.05
C1 MAN EA . -32.40 -29.33 -19.06
C2 MAN EA . -31.36 -29.96 -18.04
C3 MAN EA . -30.07 -30.32 -18.85
C4 MAN EA . -30.42 -31.32 -20.02
C5 MAN EA . -31.49 -30.65 -20.96
C6 MAN EA . -31.96 -31.55 -22.10
O2 MAN EA . -31.92 -31.09 -17.39
O3 MAN EA . -29.10 -30.90 -17.95
O4 MAN EA . -29.22 -31.62 -20.74
O5 MAN EA . -32.69 -30.27 -20.15
O6 MAN EA . -32.55 -30.81 -23.16
C1 NAG FA . -40.69 16.40 0.38
C2 NAG FA . -39.89 17.29 1.43
C3 NAG FA . -40.62 18.67 1.58
C4 NAG FA . -40.68 19.38 0.19
C5 NAG FA . -41.48 18.44 -0.80
C6 NAG FA . -41.59 18.99 -2.22
C7 NAG FA . -38.84 16.52 3.56
C8 NAG FA . -38.94 15.74 4.84
N2 NAG FA . -39.89 16.57 2.73
O3 NAG FA . -39.90 19.51 2.52
O4 NAG FA . -41.40 20.65 0.28
O5 NAG FA . -40.78 17.13 -0.89
O6 NAG FA . -42.69 18.43 -2.93
O7 NAG FA . -37.77 17.10 3.29
C1 NAG FA . -40.56 21.89 0.07
C2 NAG FA . -41.51 23.12 -0.18
C3 NAG FA . -40.62 24.39 -0.40
C4 NAG FA . -39.70 24.62 0.85
C5 NAG FA . -38.80 23.34 1.05
C6 NAG FA . -37.93 23.42 2.32
C7 NAG FA . -43.65 22.76 -1.43
C8 NAG FA . -44.35 22.47 -2.73
N2 NAG FA . -42.31 22.85 -1.41
O3 NAG FA . -41.48 25.54 -0.58
O4 NAG FA . -38.89 25.77 0.64
O5 NAG FA . -39.68 22.15 1.20
O6 NAG FA . -36.82 22.51 2.26
O7 NAG FA . -44.32 22.93 -0.40
C1 NAG GA . -45.45 -20.73 -17.72
C2 NAG GA . -47.01 -20.47 -17.66
C3 NAG GA . -47.63 -21.46 -16.61
C4 NAG GA . -47.30 -22.95 -17.00
C5 NAG GA . -45.73 -23.11 -17.10
C6 NAG GA . -45.27 -24.49 -17.55
C7 NAG GA . -47.83 -18.13 -18.01
C8 NAG GA . -47.97 -16.73 -17.50
N2 NAG GA . -47.23 -19.07 -17.25
O3 NAG GA . -49.04 -21.27 -16.60
O4 NAG GA . -47.75 -23.80 -15.89
O5 NAG GA . -45.18 -22.13 -18.09
O6 NAG GA . -43.96 -24.79 -17.05
O7 NAG GA . -48.27 -18.42 -19.13
C1 NAG GA . -48.84 -24.82 -16.17
C2 NAG GA . -48.74 -25.98 -15.10
C3 NAG GA . -49.86 -27.04 -15.42
C4 NAG GA . -51.27 -26.35 -15.40
C5 NAG GA . -51.29 -25.18 -16.45
C6 NAG GA . -52.60 -24.38 -16.43
C7 NAG GA . -46.40 -26.36 -14.33
C8 NAG GA . -45.09 -27.08 -14.48
N2 NAG GA . -47.42 -26.64 -15.17
O3 NAG GA . -49.83 -28.10 -14.45
O4 NAG GA . -52.27 -27.31 -15.73
O5 NAG GA . -50.19 -24.22 -16.15
O6 NAG GA . -52.89 -23.83 -15.15
O7 NAG GA . -46.53 -25.52 -13.43
C1 NAG HA . -47.08 -17.00 -24.31
C2 NAG HA . -46.65 -18.41 -24.69
C3 NAG HA . -46.98 -18.70 -26.15
C4 NAG HA . -48.46 -18.54 -26.42
C5 NAG HA . -48.81 -17.14 -25.99
C6 NAG HA . -50.31 -16.95 -26.20
C7 NAG HA . -44.67 -18.93 -23.35
C8 NAG HA . -43.70 -20.07 -23.40
N2 NAG HA . -45.21 -18.57 -24.50
O3 NAG HA . -46.60 -20.04 -26.46
O4 NAG HA . -48.74 -18.56 -27.84
O5 NAG HA . -48.48 -16.91 -24.63
O6 NAG HA . -50.50 -15.84 -27.07
O7 NAG HA . -44.95 -18.37 -22.31
C1 NAG HA . -49.35 -19.78 -28.33
C2 NAG HA . -49.69 -19.63 -29.80
C3 NAG HA . -50.22 -20.93 -30.36
C4 NAG HA . -49.17 -22.00 -30.16
C5 NAG HA . -48.84 -22.11 -28.68
C6 NAG HA . -47.75 -23.15 -28.43
C7 NAG HA . -50.48 -17.58 -30.74
C8 NAG HA . -51.39 -16.40 -30.53
N2 NAG HA . -50.73 -18.63 -29.99
O3 NAG HA . -50.43 -20.76 -31.75
O4 NAG HA . -49.65 -23.24 -30.67
O5 NAG HA . -48.39 -20.83 -28.21
O6 NAG HA . -47.10 -22.89 -27.18
O7 NAG HA . -49.58 -17.57 -31.55
C1 NAG IA . -44.38 0.54 -26.48
C2 NAG IA . -43.55 1.71 -27.14
C3 NAG IA . -44.49 2.98 -27.19
C4 NAG IA . -45.79 2.68 -28.01
C5 NAG IA . -46.50 1.45 -27.36
C6 NAG IA . -47.74 0.97 -28.13
C7 NAG IA . -41.10 1.90 -26.68
C8 NAG IA . -39.98 2.16 -25.71
N2 NAG IA . -42.37 1.97 -26.27
O3 NAG IA . -43.80 4.08 -27.81
O4 NAG IA . -46.72 3.81 -27.86
O5 NAG IA . -45.59 0.29 -27.29
O6 NAG IA . -47.51 0.82 -29.53
O7 NAG IA . -40.81 1.59 -27.85
C1 NAG IA . -46.77 4.87 -28.94
C2 NAG IA . -48.30 5.21 -29.21
C3 NAG IA . -48.36 6.34 -30.30
C4 NAG IA . -47.57 7.60 -29.81
C5 NAG IA . -46.08 7.18 -29.53
C6 NAG IA . -45.24 8.32 -28.95
C7 NAG IA . -50.18 3.58 -29.25
C8 NAG IA . -50.83 2.34 -29.83
N2 NAG IA . -49.00 4.00 -29.72
O3 NAG IA . -49.74 6.72 -30.52
O4 NAG IA . -47.61 8.62 -30.82
O5 NAG IA . -46.05 6.07 -28.53
O6 NAG IA . -45.68 8.73 -27.66
O7 NAG IA . -50.77 4.18 -28.34
C1 NAG JA . -41.87 -17.71 -7.13
C2 NAG JA . -40.70 -18.78 -7.33
C3 NAG JA . -41.20 -20.16 -6.81
C4 NAG JA . -41.58 -20.03 -5.29
C5 NAG JA . -42.71 -18.94 -5.14
C6 NAG JA . -43.10 -18.66 -3.69
C7 NAG JA . -39.18 -18.50 -9.29
C8 NAG JA . -38.95 -18.53 -10.78
N2 NAG JA . -40.39 -18.83 -8.79
O3 NAG JA . -40.16 -21.13 -6.97
O4 NAG JA . -42.09 -21.31 -4.81
O5 NAG JA . -42.22 -17.66 -5.70
O6 NAG JA . -44.13 -17.67 -3.58
O7 NAG JA . -38.25 -18.17 -8.53
C1 NAG JA . -41.49 -21.81 -3.52
C2 NAG JA . -42.45 -22.90 -2.89
C3 NAG JA . -41.80 -23.40 -1.56
C4 NAG JA . -40.36 -23.96 -1.83
C5 NAG JA . -39.49 -22.82 -2.48
C6 NAG JA . -38.08 -23.29 -2.87
C7 NAG JA . -44.84 -22.35 -3.39
C8 NAG JA . -46.11 -21.66 -2.99
N2 NAG JA . -43.76 -22.26 -2.59
O3 NAG JA . -42.62 -24.44 -1.01
O4 NAG JA . -39.78 -24.39 -0.59
O5 NAG JA . -40.15 -22.35 -3.73
O6 NAG JA . -37.27 -22.19 -3.27
O7 NAG JA . -44.81 -23.00 -4.45
C1 NAG KA . 13.58 -31.36 -46.87
C2 NAG KA . 13.32 -31.61 -48.42
C3 NAG KA . 12.10 -32.60 -48.57
C4 NAG KA . 12.42 -33.94 -47.82
C5 NAG KA . 12.71 -33.63 -46.31
C6 NAG KA . 13.14 -34.85 -45.51
C7 NAG KA . 13.80 -29.66 -49.91
C8 NAG KA . 13.38 -28.33 -50.48
N2 NAG KA . 12.98 -30.31 -49.06
O3 NAG KA . 11.86 -32.87 -49.97
O4 NAG KA . 11.30 -34.82 -47.94
O5 NAG KA . 13.84 -32.65 -46.21
O6 NAG KA . 12.07 -35.76 -45.29
O7 NAG KA . 14.90 -30.13 -50.24
C1 NAG LA . 5.98 -9.72 -49.80
C2 NAG LA . 6.00 -11.26 -50.18
C3 NAG LA . 6.08 -11.39 -51.74
C4 NAG LA . 4.89 -10.66 -52.42
C5 NAG LA . 4.93 -9.15 -52.00
C6 NAG LA . 3.76 -8.33 -52.56
C7 NAG LA . 7.29 -12.87 -48.77
C8 NAG LA . 8.63 -13.38 -48.32
N2 NAG LA . 7.25 -11.86 -49.64
O3 NAG LA . 6.04 -12.79 -52.09
O4 NAG LA . 5.00 -10.79 -53.84
O5 NAG LA . 4.86 -9.06 -50.50
O6 NAG LA . 3.89 -8.11 -53.95
O7 NAG LA . 6.26 -13.39 -48.33
C1 NAG MA . 7.72 -46.89 3.73
C2 NAG MA . 6.80 -47.73 2.78
C3 NAG MA . 5.48 -48.09 3.55
C4 NAG MA . 5.83 -48.89 4.85
C5 NAG MA . 6.79 -48.01 5.74
C6 NAG MA . 7.23 -48.70 7.03
C7 NAG MA . 6.94 -47.11 0.36
C8 NAG MA . 6.59 -46.17 -0.75
N2 NAG MA . 6.49 -46.88 1.60
O3 NAG MA . 4.63 -48.87 2.69
O4 NAG MA . 4.62 -49.17 5.55
O5 NAG MA . 8.02 -47.66 4.96
O6 NAG MA . 6.19 -48.72 8.01
O7 NAG MA . 7.66 -48.11 0.12
C1 NAG NA . 32.70 -33.85 -19.76
C2 NAG NA . 33.19 -35.36 -19.95
C3 NAG NA . 34.45 -35.58 -19.06
C4 NAG NA . 35.57 -34.57 -19.44
C5 NAG NA . 35.02 -33.11 -19.24
C6 NAG NA . 36.01 -32.01 -19.65
C7 NAG NA . 31.38 -37.05 -20.25
C8 NAG NA . 30.28 -37.90 -19.66
N2 NAG NA . 32.10 -36.24 -19.46
O3 NAG NA . 34.92 -36.92 -19.28
O4 NAG NA . 36.72 -34.78 -18.61
O5 NAG NA . 33.80 -32.93 -20.08
O6 NAG NA . 37.06 -31.85 -18.71
O7 NAG NA . 31.59 -37.13 -21.47
C1 NAG OA . 25.78 -54.33 -17.09
C2 NAG OA . 26.70 -55.05 -18.17
C3 NAG OA . 26.60 -56.61 -17.94
C4 NAG OA . 27.07 -56.95 -16.48
C5 NAG OA . 26.17 -56.17 -15.44
C6 NAG OA . 26.65 -56.36 -14.00
C7 NAG OA . 27.04 -54.47 -20.56
C8 NAG OA . 26.47 -54.09 -21.89
N2 NAG OA . 26.21 -54.68 -19.52
O3 NAG OA . 27.43 -57.31 -18.88
O4 NAG OA . 26.93 -58.36 -16.26
O5 NAG OA . 26.25 -54.70 -15.73
O6 NAG OA . 25.80 -55.74 -13.05
O7 NAG OA . 28.28 -54.59 -20.44
C1 NAG PA . 18.97 -51.57 -28.36
C2 NAG PA . 20.11 -52.67 -28.35
C3 NAG PA . 20.17 -53.36 -29.75
C4 NAG PA . 18.78 -54.00 -30.08
C5 NAG PA . 17.68 -52.87 -30.05
C6 NAG PA . 16.26 -53.38 -30.27
C7 NAG PA . 22.37 -52.56 -27.31
C8 NAG PA . 23.63 -51.79 -27.03
N2 NAG PA . 21.40 -51.99 -28.03
O3 NAG PA . 21.17 -54.40 -29.75
O4 NAG PA . 18.83 -54.61 -31.37
O5 NAG PA . 17.68 -52.20 -28.72
O6 NAG PA . 16.04 -53.81 -31.61
O7 NAG PA . 22.26 -53.71 -26.86
C1 NAG QA . 15.78 -39.23 26.03
C2 NAG QA . 15.88 -37.88 26.85
C3 NAG QA . 17.18 -37.92 27.71
C4 NAG QA . 17.12 -39.14 28.70
C5 NAG QA . 16.97 -40.47 27.85
C6 NAG QA . 16.77 -41.71 28.73
C7 NAG QA . 15.15 -35.63 26.10
C8 NAG QA . 15.14 -34.52 25.11
N2 NAG QA . 15.86 -36.74 25.89
O3 NAG QA . 17.29 -36.70 28.48
O4 NAG QA . 18.32 -39.19 29.47
O5 NAG QA . 15.75 -40.37 26.98
O6 NAG QA . 17.95 -42.10 29.42
O7 NAG QA . 14.49 -35.49 27.14
C1 NAG RA . 30.84 -25.80 -46.78
C2 NAG RA . 30.89 -24.21 -46.76
C3 NAG RA . 32.20 -23.73 -47.48
C4 NAG RA . 33.46 -24.38 -46.82
C5 NAG RA . 33.33 -25.93 -46.91
C6 NAG RA . 34.48 -26.69 -46.24
C7 NAG RA . 28.58 -23.26 -46.96
C8 NAG RA . 27.48 -22.74 -47.85
N2 NAG RA . 29.73 -23.68 -47.51
O3 NAG RA . 32.30 -22.30 -47.38
O4 NAG RA . 34.65 -23.94 -47.50
O5 NAG RA . 32.08 -26.35 -46.22
O6 NAG RA . 34.38 -28.09 -46.48
O7 NAG RA . 28.40 -23.30 -45.74
C1 NAG SA . -17.08 -35.22 35.39
C2 NAG SA . -18.32 -34.33 35.85
C3 NAG SA . -19.63 -35.20 35.81
C4 NAG SA . -19.84 -35.75 34.36
C5 NAG SA . -18.58 -36.59 33.93
C6 NAG SA . -18.66 -37.08 32.48
C7 NAG SA . -18.33 -32.62 37.65
C8 NAG SA . -18.02 -32.24 39.07
N2 NAG SA . -18.05 -33.86 37.24
O3 NAG SA . -20.76 -34.39 36.18
O4 NAG SA . -21.00 -36.58 34.34
O5 NAG SA . -17.36 -35.74 34.04
O6 NAG SA . -18.79 -36.02 31.53
O7 NAG SA . -18.85 -31.78 36.91
C1 NAG TA . -0.71 -45.32 37.68
C2 NAG TA . 0.50 -45.85 38.57
C3 NAG TA . 0.51 -47.41 38.53
C4 NAG TA . -0.87 -47.95 39.06
C5 NAG TA . -2.04 -47.36 38.18
C6 NAG TA . -3.42 -47.77 38.68
C7 NAG TA . 2.52 -44.39 38.65
C8 NAG TA . 3.74 -43.82 37.98
N2 NAG TA . 1.74 -45.27 37.99
O3 NAG TA . 1.58 -47.90 39.35
O4 NAG TA . -0.87 -49.37 38.97
O5 NAG TA . -1.99 -45.86 38.20
O6 NAG TA . -4.45 -47.36 37.78
O7 NAG TA . 2.26 -44.03 39.81
C1 NAG UA . -12.11 -38.37 21.01
C2 NAG UA . -11.77 -39.83 21.31
C3 NAG UA . -11.58 -40.59 20.00
C4 NAG UA . -12.84 -40.44 19.17
C5 NAG UA . -13.16 -38.97 18.95
C6 NAG UA . -14.44 -38.80 18.14
C7 NAG UA . -9.88 -41.00 22.32
C8 NAG UA . -10.52 -42.01 23.22
N2 NAG UA . -10.57 -39.87 22.13
O3 NAG UA . -11.34 -41.97 20.27
O4 NAG UA . -12.66 -41.10 17.91
O5 NAG UA . -13.29 -38.31 20.20
O6 NAG UA . -14.62 -37.41 17.83
O7 NAG UA . -8.80 -41.19 21.79
C1 NAG VA . -1.24 8.54 -48.51
C2 NAG VA . 0.11 9.36 -48.70
C3 NAG VA . 0.33 9.63 -50.23
C4 NAG VA . 0.36 8.28 -51.02
C5 NAG VA . -0.99 7.53 -50.78
C6 NAG VA . -1.06 6.16 -51.45
C7 NAG VA . 0.59 11.10 -46.97
C8 NAG VA . 0.33 12.48 -46.46
N2 NAG VA . -0.04 10.70 -48.07
O3 NAG VA . 1.58 10.30 -50.42
O4 NAG VA . 0.54 8.55 -52.41
O5 NAG VA . -1.18 7.31 -49.33
O6 NAG VA . -1.16 6.25 -52.88
O7 NAG VA . 1.38 10.36 -46.35
C1 NAG WA . -7.71 33.91 -31.07
C2 NAG WA . -8.09 34.77 -29.79
C3 NAG WA . -9.65 34.74 -29.60
C4 NAG WA . -10.34 35.31 -30.88
C5 NAG WA . -9.90 34.46 -32.13
C6 NAG WA . -10.42 35.02 -33.46
C7 NAG WA . -6.57 34.81 -27.80
C8 NAG WA . -5.98 34.11 -26.63
N2 NAG WA . -7.44 34.15 -28.59
O3 NAG WA . -10.01 35.54 -28.46
O4 NAG WA . -11.75 35.25 -30.71
O5 NAG WA . -8.42 34.46 -32.23
O6 NAG WA . -11.84 34.86 -33.61
O7 NAG WA . -6.25 35.99 -28.02
C1 NAG XA . 26.02 44.60 -10.88
C2 NAG XA . 26.02 45.82 -11.91
C3 NAG XA . 27.51 46.24 -12.18
C4 NAG XA . 28.18 46.64 -10.83
C5 NAG XA . 28.12 45.43 -9.82
C6 NAG XA . 28.70 45.78 -8.44
C7 NAG XA . 24.12 45.75 -13.52
C8 NAG XA . 23.52 45.25 -14.80
N2 NAG XA . 25.37 45.38 -13.17
O3 NAG XA . 27.53 47.36 -13.08
O4 NAG XA . 29.55 47.00 -11.06
O5 NAG XA . 26.69 45.03 -9.63
O6 NAG XA . 28.71 44.67 -7.56
O7 NAG XA . 23.44 46.49 -12.79
C1 NAG YA . 6.16 35.53 -5.42
C2 NAG YA . 5.16 34.60 -4.60
C3 NAG YA . 3.89 35.44 -4.23
C4 NAG YA . 4.31 36.70 -3.40
C5 NAG YA . 5.31 37.56 -4.25
C6 NAG YA . 5.85 38.78 -3.50
C7 NAG YA . 5.13 32.20 -5.21
C8 NAG YA . 4.68 31.11 -6.13
N2 NAG YA . 4.75 33.46 -5.45
O3 NAG YA . 3.01 34.62 -3.44
O4 NAG YA . 3.14 37.47 -3.10
O5 NAG YA . 6.49 36.72 -4.62
O6 NAG YA . 4.88 39.81 -3.35
O7 NAG YA . 5.82 31.91 -4.22
C1 NAG ZA . -0.36 37.10 -42.42
C2 NAG ZA . -0.28 38.64 -41.99
C3 NAG ZA . -1.31 39.45 -42.85
C4 NAG ZA . -0.97 39.26 -44.38
C5 NAG ZA . -1.03 37.73 -44.73
C6 NAG ZA . -0.65 37.43 -46.17
C7 NAG ZA . 0.02 39.58 -39.70
C8 NAG ZA . -0.37 39.60 -38.25
N2 NAG ZA . -0.60 38.73 -40.54
O3 NAG ZA . -1.24 40.85 -42.52
O4 NAG ZA . -1.93 39.97 -45.16
O5 NAG ZA . -0.07 36.98 -43.86
O6 NAG ZA . -0.88 36.05 -46.51
O7 NAG ZA . 0.91 40.35 -40.10
C1 NAG AB . 29.15 -7.85 36.38
C2 NAG AB . 28.88 -9.22 37.13
C3 NAG AB . 30.20 -10.06 37.14
C4 NAG AB . 30.67 -10.31 35.66
C5 NAG AB . 30.88 -8.93 34.94
C6 NAG AB . 31.25 -9.08 33.47
C7 NAG AB . 27.16 -8.88 38.90
C8 NAG AB . 26.80 -8.51 40.31
N2 NAG AB . 28.45 -8.89 38.52
O3 NAG AB . 29.95 -11.33 37.79
O4 NAG AB . 31.90 -11.05 35.68
O5 NAG AB . 29.63 -8.14 35.01
O6 NAG AB . 31.63 -7.83 32.88
O7 NAG AB . 26.25 -9.16 38.10
C1 NAG BB . 28.94 12.20 41.90
C2 NAG BB . 29.66 11.98 43.23
C3 NAG BB . 30.84 12.93 43.32
C4 NAG BB . 31.75 12.72 42.12
C5 NAG BB . 30.95 12.92 40.83
C6 NAG BB . 31.83 12.69 39.62
C7 NAG BB . 28.14 11.17 44.95
C8 NAG BB . 26.65 11.16 44.86
N2 NAG BB . 28.75 12.18 44.33
O3 NAG BB . 31.57 12.68 44.54
O4 NAG BB . 32.82 13.66 42.17
O5 NAG BB . 29.84 12.02 40.80
O6 NAG BB . 31.09 13.00 38.43
O7 NAG BB . 28.76 10.32 45.55
C1 NAG CB . 30.57 -0.82 22.68
C2 NAG CB . 31.10 0.51 23.38
C3 NAG CB . 31.92 1.33 22.33
C4 NAG CB . 33.10 0.47 21.78
C5 NAG CB . 32.52 -0.85 21.14
C6 NAG CB . 33.60 -1.83 20.65
C7 NAG CB . 29.65 1.62 25.08
C8 NAG CB . 28.40 2.39 25.40
N2 NAG CB . 29.91 1.30 23.81
O3 NAG CB . 32.45 2.51 22.97
O4 NAG CB . 33.81 1.22 20.78
O5 NAG CB . 31.71 -1.59 22.16
O6 NAG CB . 34.24 -1.36 19.45
O7 NAG CB . 30.40 1.28 26.00
C1 NAG DB . -35.72 -3.31 -45.64
C2 NAG DB . -34.77 -2.48 -46.61
C3 NAG DB . -35.07 -0.95 -46.44
C4 NAG DB . -36.58 -0.69 -46.77
C5 NAG DB . -37.48 -1.56 -45.82
C6 NAG DB . -38.97 -1.47 -46.16
C7 NAG DB . -32.48 -2.51 -45.50
C8 NAG DB . -31.08 -3.07 -45.46
N2 NAG DB . -33.35 -2.92 -46.44
O3 NAG DB . -34.24 -0.18 -47.33
O4 NAG DB . -36.86 0.70 -46.58
O5 NAG DB . -37.11 -3.00 -45.97
O6 NAG DB . -39.53 -0.20 -45.82
O7 NAG DB . -32.82 -1.66 -44.66
C1 NAG EB . -13.56 -7.29 -49.27
C2 NAG EB . -14.69 -6.17 -49.45
C3 NAG EB . -15.01 -6.02 -50.97
C4 NAG EB . -13.72 -5.66 -51.76
C5 NAG EB . -12.66 -6.79 -51.54
C6 NAG EB . -11.32 -6.51 -52.21
C7 NAG EB . -16.38 -6.20 -47.60
C8 NAG EB . -17.69 -6.73 -47.07
N2 NAG EB . -15.95 -6.61 -48.80
O3 NAG EB . -15.98 -4.97 -51.15
O4 NAG EB . -14.03 -5.53 -53.15
O5 NAG EB . -12.39 -6.93 -50.09
O6 NAG EB . -11.38 -6.61 -53.63
O7 NAG EB . -15.72 -5.42 -46.92
C1 NAG FB . -32.31 -26.84 -34.00
C2 NAG FB . -33.37 -27.94 -33.54
C3 NAG FB . -32.60 -29.24 -33.15
C4 NAG FB . -31.76 -29.76 -34.35
C5 NAG FB . -30.76 -28.63 -34.79
C6 NAG FB . -29.94 -28.98 -36.04
C7 NAG FB . -35.31 -26.87 -32.39
C8 NAG FB . -35.95 -26.36 -31.14
N2 NAG FB . -34.09 -27.41 -32.34
O3 NAG FB . -33.57 -30.25 -32.78
O4 NAG FB . -31.05 -30.93 -33.96
O5 NAG FB . -31.53 -27.39 -35.13
O6 NAG FB . -28.97 -30.00 -35.79
O7 NAG FB . -35.93 -26.77 -33.46
C1 NAG GB . -59.55 -5.03 -13.48
C2 NAG GB . -60.59 -5.79 -14.40
C3 NAG GB . -61.58 -4.74 -15.00
C4 NAG GB . -62.30 -3.97 -13.83
C5 NAG GB . -61.22 -3.28 -12.92
C6 NAG GB . -61.81 -2.56 -11.71
C7 NAG GB . -59.55 -7.84 -15.42
C8 NAG GB . -58.76 -8.50 -16.51
N2 NAG GB . -59.83 -6.52 -15.47
O3 NAG GB . -62.56 -5.40 -15.83
O4 NAG GB . -63.19 -2.98 -14.38
O5 NAG GB . -60.28 -4.31 -12.40
O6 NAG GB . -62.36 -1.29 -12.03
O7 NAG GB . -59.95 -8.54 -14.47
C1 NAG HB . -54.49 1.42 -23.49
C2 NAG HB . -54.97 0.20 -24.38
C3 NAG HB . -55.51 0.74 -25.76
C4 NAG HB . -56.69 1.74 -25.49
C5 NAG HB . -56.17 2.91 -24.58
C6 NAG HB . -57.25 3.91 -24.19
C7 NAG HB . -53.63 -1.86 -23.94
C8 NAG HB . -52.40 -2.67 -24.19
N2 NAG HB . -53.80 -0.70 -24.60
O3 NAG HB . -55.99 -0.36 -26.55
O4 NAG HB . -57.16 2.25 -26.74
O5 NAG HB . -55.63 2.35 -23.30
O6 NAG HB . -57.61 4.77 -25.27
O7 NAG HB . -54.47 -2.28 -23.13
C1 NAG IB . -38.18 -6.70 28.66
C2 NAG IB . -37.10 -7.58 29.42
C3 NAG IB . -37.85 -8.62 30.33
C4 NAG IB . -38.74 -7.84 31.37
C5 NAG IB . -39.75 -6.94 30.59
C6 NAG IB . -40.58 -6.06 31.54
C7 NAG IB . -34.89 -8.33 28.55
C8 NAG IB . -34.05 -9.02 27.53
N2 NAG IB . -36.23 -8.26 28.41
O3 NAG IB . -36.89 -9.43 31.04
O4 NAG IB . -39.43 -8.78 32.18
O5 NAG IB . -39.01 -6.02 29.68
O6 NAG IB . -41.61 -5.35 30.86
O7 NAG IB . -34.31 -7.85 29.52
C1 NAG JB . -39.22 -20.54 -44.47
C2 NAG JB . -40.51 -21.46 -44.24
C3 NAG JB . -40.42 -22.68 -45.24
C4 NAG JB . -40.35 -22.14 -46.72
C5 NAG JB . -39.11 -21.20 -46.87
C6 NAG JB . -39.01 -20.56 -48.26
C7 NAG JB . -41.62 -21.95 -42.07
C8 NAG JB . -41.57 -22.47 -40.67
N2 NAG JB . -40.51 -21.95 -42.84
O3 NAG JB . -41.59 -23.51 -45.09
O4 NAG JB . -40.22 -23.25 -47.61
O5 NAG JB . -39.18 -20.09 -45.88
O6 NAG JB . -40.18 -19.84 -48.63
O7 NAG JB . -42.71 -21.52 -42.50
C1 NAG KB . -16.63 18.09 39.28
C2 NAG KB . -17.57 19.07 38.43
C3 NAG KB . -17.07 20.54 38.65
C4 NAG KB . -17.13 20.90 40.17
C5 NAG KB . -16.24 19.86 40.98
C6 NAG KB . -16.32 20.04 42.49
C7 NAG KB . -16.64 18.67 36.11
C8 NAG KB . -16.88 18.23 34.69
N2 NAG KB . -17.65 18.66 36.99
O3 NAG KB . -17.92 21.44 37.90
O4 NAG KB . -16.66 22.23 40.37
O5 NAG KB . -16.70 18.47 40.70
O6 NAG KB . -15.67 21.24 42.93
O7 NAG KB . -15.49 19.02 36.44
C1 NAG LB . -33.97 7.42 42.21
C2 NAG LB . -34.88 7.41 43.51
C3 NAG LB . -36.35 7.06 43.08
C4 NAG LB . -36.86 8.10 42.03
C5 NAG LB . -35.89 8.09 40.79
C6 NAG LB . -36.24 9.14 39.72
C7 NAG LB . -33.59 6.63 45.50
C8 NAG LB . -33.12 5.52 46.38
N2 NAG LB . -34.38 6.38 44.45
O3 NAG LB . -37.19 7.07 44.24
O4 NAG LB . -38.19 7.75 41.64
O5 NAG LB . -34.51 8.40 41.25
O6 NAG LB . -37.40 8.79 38.97
O7 NAG LB . -33.22 7.80 45.76
C1 NAG MB . -23.68 17.65 24.63
C2 NAG MB . -25.15 17.35 25.17
C3 NAG MB . -26.19 17.85 24.10
C4 NAG MB . -25.99 19.38 23.86
C5 NAG MB . -24.51 19.63 23.36
C6 NAG MB . -24.18 21.11 23.17
C7 NAG MB . -25.33 15.27 26.54
C8 NAG MB . -25.42 13.76 26.64
N2 NAG MB . -25.28 15.87 25.34
O3 NAG MB . -27.52 17.62 24.60
O4 NAG MB . -26.92 19.83 22.86
O5 NAG MB . -23.55 19.10 24.37
O6 NAG MB . -22.91 21.29 22.55
O7 NAG MB . -25.32 15.93 27.59
#